data_5KIU
# 
_entry.id   5KIU 
# 
_audit_conform.dict_name       mmcif_pdbx.dic 
_audit_conform.dict_version    5.379 
_audit_conform.dict_location   http://mmcif.pdb.org/dictionaries/ascii/mmcif_pdbx.dic 
# 
loop_
_database_2.database_id 
_database_2.database_code 
_database_2.pdbx_database_accession 
_database_2.pdbx_DOI 
PDB   5KIU         pdb_00005kiu 10.2210/pdb5kiu/pdb 
WWPDB D_1000222314 ?            ?                   
# 
_pdbx_database_status.status_code                     REL 
_pdbx_database_status.status_code_sf                  REL 
_pdbx_database_status.status_code_mr                  ? 
_pdbx_database_status.entry_id                        5KIU 
_pdbx_database_status.recvd_initial_deposition_date   2016-06-17 
_pdbx_database_status.SG_entry                        N 
_pdbx_database_status.deposit_site                    RCSB 
_pdbx_database_status.process_site                    RCSB 
_pdbx_database_status.status_code_cs                  ? 
_pdbx_database_status.methods_development_category    ? 
_pdbx_database_status.pdb_format_compatible           Y 
_pdbx_database_status.status_code_nmr_data            ? 
# 
loop_
_audit_author.name 
_audit_author.pdbx_ordinal 
'Tang, W.K.' 1 
'Xia, D.'    2 
# 
_citation.abstract                  ? 
_citation.abstract_id_CAS           ? 
_citation.book_id_ISBN              ? 
_citation.book_publisher            ? 
_citation.book_publisher_city       ? 
_citation.book_title                ? 
_citation.coordinate_linkage        ? 
_citation.country                   UK 
_citation.database_id_Medline       ? 
_citation.details                   ? 
_citation.id                        primary 
_citation.journal_abbrev            'Cell Discov' 
_citation.journal_id_ASTM           ? 
_citation.journal_id_CSD            ? 
_citation.journal_id_ISSN           2056-5968 
_citation.journal_full              ? 
_citation.journal_issue             ? 
_citation.journal_volume            3 
_citation.language                  ? 
_citation.page_first                17045 
_citation.page_last                 17045 
_citation.title                     'Structural basis for nucleotide-modulated p97 association with the ER membrane.' 
_citation.year                      2017 
_citation.database_id_CSD           ? 
_citation.pdbx_database_id_DOI      10.1038/celldisc.2017.45 
_citation.pdbx_database_id_PubMed   29238611 
_citation.unpublished_flag          ? 
# 
loop_
_citation_author.citation_id 
_citation_author.name 
_citation_author.ordinal 
_citation_author.identifier_ORCID 
primary 'Tang, W.K.' 1 ? 
primary 'Zhang, T.'  2 ? 
primary 'Ye, Y.'     3 ? 
primary 'Xia, D.'    4 ? 
# 
_cell.entry_id           5KIU 
_cell.length_a           121.729 
_cell.length_b           17.973 
_cell.length_c           33.993 
_cell.angle_alpha        90.00 
_cell.angle_beta         95.58 
_cell.angle_gamma        90.00 
_cell.Z_PDB              4 
_cell.pdbx_unique_axis   ? 
# 
_symmetry.entry_id                         5KIU 
_symmetry.space_group_name_H-M             'C 1 2 1' 
_symmetry.pdbx_full_space_group_name_H-M   ? 
_symmetry.cell_setting                     ? 
_symmetry.Int_Tables_number                5 
# 
loop_
_entity.id 
_entity.type 
_entity.src_method 
_entity.pdbx_description 
_entity.formula_weight 
_entity.pdbx_number_of_molecules 
_entity.pdbx_ec 
_entity.pdbx_mutation 
_entity.pdbx_fragment 
_entity.details 
1 polymer man 'Selenoprotein S' 9729.287 1  ? ? ? ? 
2 water   nat water             18.015   17 ? ? ? ? 
# 
_entity_name_com.entity_id   1 
_entity_name_com.name        'SelS,VCP-interacting membrane protein' 
# 
_entity_poly.entity_id                      1 
_entity_poly.type                           'polypeptide(L)' 
_entity_poly.nstd_linkage                   no 
_entity_poly.nstd_monomer                   no 
_entity_poly.pdbx_seq_one_letter_code       
;MHHHHHHQKLSARLRALRQRQLDRAAAAVEPDVVVKRQEALAAARLKMQEELNAQVEKHKEKLKQLEEEKRRQKIEMWDS
M
;
_entity_poly.pdbx_seq_one_letter_code_can   
;MHHHHHHQKLSARLRALRQRQLDRAAAAVEPDVVVKRQEALAAARLKMQEELNAQVEKHKEKLKQLEEEKRRQKIEMWDS
M
;
_entity_poly.pdbx_strand_id                 A 
_entity_poly.pdbx_target_identifier         ? 
# 
loop_
_entity_poly_seq.entity_id 
_entity_poly_seq.num 
_entity_poly_seq.mon_id 
_entity_poly_seq.hetero 
1 1  MET n 
1 2  HIS n 
1 3  HIS n 
1 4  HIS n 
1 5  HIS n 
1 6  HIS n 
1 7  HIS n 
1 8  GLN n 
1 9  LYS n 
1 10 LEU n 
1 11 SER n 
1 12 ALA n 
1 13 ARG n 
1 14 LEU n 
1 15 ARG n 
1 16 ALA n 
1 17 LEU n 
1 18 ARG n 
1 19 GLN n 
1 20 ARG n 
1 21 GLN n 
1 22 LEU n 
1 23 ASP n 
1 24 ARG n 
1 25 ALA n 
1 26 ALA n 
1 27 ALA n 
1 28 ALA n 
1 29 VAL n 
1 30 GLU n 
1 31 PRO n 
1 32 ASP n 
1 33 VAL n 
1 34 VAL n 
1 35 VAL n 
1 36 LYS n 
1 37 ARG n 
1 38 GLN n 
1 39 GLU n 
1 40 ALA n 
1 41 LEU n 
1 42 ALA n 
1 43 ALA n 
1 44 ALA n 
1 45 ARG n 
1 46 LEU n 
1 47 LYS n 
1 48 MET n 
1 49 GLN n 
1 50 GLU n 
1 51 GLU n 
1 52 LEU n 
1 53 ASN n 
1 54 ALA n 
1 55 GLN n 
1 56 VAL n 
1 57 GLU n 
1 58 LYS n 
1 59 HIS n 
1 60 LYS n 
1 61 GLU n 
1 62 LYS n 
1 63 LEU n 
1 64 LYS n 
1 65 GLN n 
1 66 LEU n 
1 67 GLU n 
1 68 GLU n 
1 69 GLU n 
1 70 LYS n 
1 71 ARG n 
1 72 ARG n 
1 73 GLN n 
1 74 LYS n 
1 75 ILE n 
1 76 GLU n 
1 77 MET n 
1 78 TRP n 
1 79 ASP n 
1 80 SER n 
1 81 MET n 
# 
_entity_src_gen.entity_id                          1 
_entity_src_gen.pdbx_src_id                        1 
_entity_src_gen.pdbx_alt_source_flag               sample 
_entity_src_gen.pdbx_seq_type                      'Biological sequence' 
_entity_src_gen.pdbx_beg_seq_num                   1 
_entity_src_gen.pdbx_end_seq_num                   81 
_entity_src_gen.gene_src_common_name               Human 
_entity_src_gen.gene_src_genus                     ? 
_entity_src_gen.pdbx_gene_src_gene                 'VIMP, SELS, AD-015, SBBI8' 
_entity_src_gen.gene_src_species                   ? 
_entity_src_gen.gene_src_strain                    ? 
_entity_src_gen.gene_src_tissue                    ? 
_entity_src_gen.gene_src_tissue_fraction           ? 
_entity_src_gen.gene_src_details                   ? 
_entity_src_gen.pdbx_gene_src_fragment             ? 
_entity_src_gen.pdbx_gene_src_scientific_name      'Homo sapiens' 
_entity_src_gen.pdbx_gene_src_ncbi_taxonomy_id     9606 
_entity_src_gen.pdbx_gene_src_variant              ? 
_entity_src_gen.pdbx_gene_src_cell_line            ? 
_entity_src_gen.pdbx_gene_src_atcc                 ? 
_entity_src_gen.pdbx_gene_src_organ                ? 
_entity_src_gen.pdbx_gene_src_organelle            ? 
_entity_src_gen.pdbx_gene_src_cell                 ? 
_entity_src_gen.pdbx_gene_src_cellular_location    ? 
_entity_src_gen.host_org_common_name               ? 
_entity_src_gen.pdbx_host_org_scientific_name      Bacteria 
_entity_src_gen.pdbx_host_org_ncbi_taxonomy_id     2 
_entity_src_gen.host_org_genus                     ? 
_entity_src_gen.pdbx_host_org_gene                 ? 
_entity_src_gen.pdbx_host_org_organ                ? 
_entity_src_gen.host_org_species                   ? 
_entity_src_gen.pdbx_host_org_tissue               ? 
_entity_src_gen.pdbx_host_org_tissue_fraction      ? 
_entity_src_gen.pdbx_host_org_strain               ? 
_entity_src_gen.pdbx_host_org_variant              ? 
_entity_src_gen.pdbx_host_org_cell_line            ? 
_entity_src_gen.pdbx_host_org_atcc                 ? 
_entity_src_gen.pdbx_host_org_culture_collection   ? 
_entity_src_gen.pdbx_host_org_cell                 ? 
_entity_src_gen.pdbx_host_org_organelle            ? 
_entity_src_gen.pdbx_host_org_cellular_location    ? 
_entity_src_gen.pdbx_host_org_vector_type          ? 
_entity_src_gen.pdbx_host_org_vector               ? 
_entity_src_gen.host_org_details                   ? 
_entity_src_gen.expression_system_id               ? 
_entity_src_gen.plasmid_name                       ? 
_entity_src_gen.plasmid_details                    ? 
_entity_src_gen.pdbx_description                   ? 
# 
_struct_ref.id                         1 
_struct_ref.db_name                    UNP 
_struct_ref.db_code                    SELS_HUMAN 
_struct_ref.pdbx_db_accession          Q9BQE4 
_struct_ref.pdbx_db_isoform            ? 
_struct_ref.entity_id                  1 
_struct_ref.pdbx_seq_one_letter_code   QKLSARLRALRQRQLDRAAAAVEPDVVVKRQEALAAARLKMQEELNAQVEKHKEKLKQLEEEKRRQKIEMWDSM 
_struct_ref.pdbx_align_begin           49 
# 
_struct_ref_seq.align_id                      1 
_struct_ref_seq.ref_id                        1 
_struct_ref_seq.pdbx_PDB_id_code              5KIU 
_struct_ref_seq.pdbx_strand_id                A 
_struct_ref_seq.seq_align_beg                 8 
_struct_ref_seq.pdbx_seq_align_beg_ins_code   ? 
_struct_ref_seq.seq_align_end                 81 
_struct_ref_seq.pdbx_seq_align_end_ins_code   ? 
_struct_ref_seq.pdbx_db_accession             Q9BQE4 
_struct_ref_seq.db_align_beg                  49 
_struct_ref_seq.pdbx_db_align_beg_ins_code    ? 
_struct_ref_seq.db_align_end                  122 
_struct_ref_seq.pdbx_db_align_end_ins_code    ? 
_struct_ref_seq.pdbx_auth_seq_align_beg       49 
_struct_ref_seq.pdbx_auth_seq_align_end       122 
# 
loop_
_struct_ref_seq_dif.align_id 
_struct_ref_seq_dif.pdbx_pdb_id_code 
_struct_ref_seq_dif.mon_id 
_struct_ref_seq_dif.pdbx_pdb_strand_id 
_struct_ref_seq_dif.seq_num 
_struct_ref_seq_dif.pdbx_pdb_ins_code 
_struct_ref_seq_dif.pdbx_seq_db_name 
_struct_ref_seq_dif.pdbx_seq_db_accession_code 
_struct_ref_seq_dif.db_mon_id 
_struct_ref_seq_dif.pdbx_seq_db_seq_num 
_struct_ref_seq_dif.details 
_struct_ref_seq_dif.pdbx_auth_seq_num 
_struct_ref_seq_dif.pdbx_ordinal 
1 5KIU MET A 1 ? UNP Q9BQE4 ? ? 'expression tag' 42 1 
1 5KIU HIS A 2 ? UNP Q9BQE4 ? ? 'expression tag' 43 2 
1 5KIU HIS A 3 ? UNP Q9BQE4 ? ? 'expression tag' 44 3 
1 5KIU HIS A 4 ? UNP Q9BQE4 ? ? 'expression tag' 45 4 
1 5KIU HIS A 5 ? UNP Q9BQE4 ? ? 'expression tag' 46 5 
1 5KIU HIS A 6 ? UNP Q9BQE4 ? ? 'expression tag' 47 6 
1 5KIU HIS A 7 ? UNP Q9BQE4 ? ? 'expression tag' 48 7 
# 
loop_
_chem_comp.id 
_chem_comp.type 
_chem_comp.mon_nstd_flag 
_chem_comp.name 
_chem_comp.pdbx_synonyms 
_chem_comp.formula 
_chem_comp.formula_weight 
ALA 'L-peptide linking' y ALANINE         ? 'C3 H7 N O2'     89.093  
ARG 'L-peptide linking' y ARGININE        ? 'C6 H15 N4 O2 1' 175.209 
ASN 'L-peptide linking' y ASPARAGINE      ? 'C4 H8 N2 O3'    132.118 
ASP 'L-peptide linking' y 'ASPARTIC ACID' ? 'C4 H7 N O4'     133.103 
GLN 'L-peptide linking' y GLUTAMINE       ? 'C5 H10 N2 O3'   146.144 
GLU 'L-peptide linking' y 'GLUTAMIC ACID' ? 'C5 H9 N O4'     147.129 
HIS 'L-peptide linking' y HISTIDINE       ? 'C6 H10 N3 O2 1' 156.162 
HOH non-polymer         . WATER           ? 'H2 O'           18.015  
ILE 'L-peptide linking' y ISOLEUCINE      ? 'C6 H13 N O2'    131.173 
LEU 'L-peptide linking' y LEUCINE         ? 'C6 H13 N O2'    131.173 
LYS 'L-peptide linking' y LYSINE          ? 'C6 H15 N2 O2 1' 147.195 
MET 'L-peptide linking' y METHIONINE      ? 'C5 H11 N O2 S'  149.211 
PRO 'L-peptide linking' y PROLINE         ? 'C5 H9 N O2'     115.130 
SER 'L-peptide linking' y SERINE          ? 'C3 H7 N O3'     105.093 
TRP 'L-peptide linking' y TRYPTOPHAN      ? 'C11 H12 N2 O2'  204.225 
VAL 'L-peptide linking' y VALINE          ? 'C5 H11 N O2'    117.146 
# 
_exptl.absorpt_coefficient_mu     ? 
_exptl.absorpt_correction_T_max   ? 
_exptl.absorpt_correction_T_min   ? 
_exptl.absorpt_correction_type    ? 
_exptl.absorpt_process_details    ? 
_exptl.entry_id                   5KIU 
_exptl.crystals_number            1 
_exptl.details                    ? 
_exptl.method                     'X-RAY DIFFRACTION' 
_exptl.method_details             ? 
# 
_exptl_crystal.colour                      ? 
_exptl_crystal.density_diffrn              ? 
_exptl_crystal.density_Matthews            1.90 
_exptl_crystal.density_method              ? 
_exptl_crystal.density_percent_sol         35.33 
_exptl_crystal.description                 ? 
_exptl_crystal.F_000                       ? 
_exptl_crystal.id                          1 
_exptl_crystal.preparation                 ? 
_exptl_crystal.size_max                    ? 
_exptl_crystal.size_mid                    ? 
_exptl_crystal.size_min                    ? 
_exptl_crystal.size_rad                    ? 
_exptl_crystal.colour_lustre               ? 
_exptl_crystal.colour_modifier             ? 
_exptl_crystal.colour_primary              ? 
_exptl_crystal.density_meas                ? 
_exptl_crystal.density_meas_esd            ? 
_exptl_crystal.density_meas_gt             ? 
_exptl_crystal.density_meas_lt             ? 
_exptl_crystal.density_meas_temp           ? 
_exptl_crystal.density_meas_temp_esd       ? 
_exptl_crystal.density_meas_temp_gt        ? 
_exptl_crystal.density_meas_temp_lt        ? 
_exptl_crystal.pdbx_crystal_image_url      ? 
_exptl_crystal.pdbx_crystal_image_format   ? 
_exptl_crystal.pdbx_mosaicity              ? 
_exptl_crystal.pdbx_mosaicity_esd          ? 
# 
_exptl_crystal_grow.apparatus       ? 
_exptl_crystal_grow.atmosphere      ? 
_exptl_crystal_grow.crystal_id      1 
_exptl_crystal_grow.details         ? 
_exptl_crystal_grow.method          'VAPOR DIFFUSION, SITTING DROP' 
_exptl_crystal_grow.method_ref      ? 
_exptl_crystal_grow.pH              ? 
_exptl_crystal_grow.pressure        ? 
_exptl_crystal_grow.pressure_esd    ? 
_exptl_crystal_grow.seeding         ? 
_exptl_crystal_grow.seeding_ref     ? 
_exptl_crystal_grow.temp            288 
_exptl_crystal_grow.temp_details    ? 
_exptl_crystal_grow.temp_esd        ? 
_exptl_crystal_grow.time            ? 
_exptl_crystal_grow.pdbx_details    '0.1 M MES, pH 6.0, 20 % 2-propanol, 20 % PEG MME 2000' 
_exptl_crystal_grow.pdbx_pH_range   ? 
# 
_diffrn.ambient_environment    ? 
_diffrn.ambient_temp           100 
_diffrn.ambient_temp_details   ? 
_diffrn.ambient_temp_esd       ? 
_diffrn.crystal_id             1 
_diffrn.crystal_support        ? 
_diffrn.crystal_treatment      ? 
_diffrn.details                ? 
_diffrn.id                     1 
_diffrn.ambient_pressure       ? 
_diffrn.ambient_pressure_esd   ? 
_diffrn.ambient_pressure_gt    ? 
_diffrn.ambient_pressure_lt    ? 
_diffrn.ambient_temp_gt        ? 
_diffrn.ambient_temp_lt        ? 
# 
_diffrn_detector.details                      ? 
_diffrn_detector.detector                     CCD 
_diffrn_detector.diffrn_id                    1 
_diffrn_detector.type                         'RAYONIX MX300-HS' 
_diffrn_detector.area_resol_mean              ? 
_diffrn_detector.dtime                        ? 
_diffrn_detector.pdbx_frames_total            ? 
_diffrn_detector.pdbx_collection_time_total   ? 
_diffrn_detector.pdbx_collection_date         2011-08-01 
# 
_diffrn_radiation.collimation                      ? 
_diffrn_radiation.diffrn_id                        1 
_diffrn_radiation.filter_edge                      ? 
_diffrn_radiation.inhomogeneity                    ? 
_diffrn_radiation.monochromator                    ? 
_diffrn_radiation.polarisn_norm                    ? 
_diffrn_radiation.polarisn_ratio                   ? 
_diffrn_radiation.probe                            ? 
_diffrn_radiation.type                             ? 
_diffrn_radiation.xray_symbol                      ? 
_diffrn_radiation.wavelength_id                    1 
_diffrn_radiation.pdbx_monochromatic_or_laue_m_l   M 
_diffrn_radiation.pdbx_wavelength_list             ? 
_diffrn_radiation.pdbx_wavelength                  ? 
_diffrn_radiation.pdbx_diffrn_protocol             'SINGLE WAVELENGTH' 
_diffrn_radiation.pdbx_analyzer                    ? 
_diffrn_radiation.pdbx_scattering_type             x-ray 
# 
_diffrn_radiation_wavelength.id           1 
_diffrn_radiation_wavelength.wavelength   1 
_diffrn_radiation_wavelength.wt           1.0 
# 
_diffrn_source.current                     ? 
_diffrn_source.details                     ? 
_diffrn_source.diffrn_id                   1 
_diffrn_source.power                       ? 
_diffrn_source.size                        ? 
_diffrn_source.source                      SYNCHROTRON 
_diffrn_source.target                      ? 
_diffrn_source.type                        'APS BEAMLINE 21-ID-D' 
_diffrn_source.voltage                     ? 
_diffrn_source.take-off_angle              ? 
_diffrn_source.pdbx_wavelength_list        1 
_diffrn_source.pdbx_wavelength             ? 
_diffrn_source.pdbx_synchrotron_beamline   21-ID-D 
_diffrn_source.pdbx_synchrotron_site       APS 
# 
_reflns.B_iso_Wilson_estimate            ? 
_reflns.entry_id                         5KIU 
_reflns.data_reduction_details           ? 
_reflns.data_reduction_method            ? 
_reflns.d_resolution_high                2.2 
_reflns.d_resolution_low                 60.58 
_reflns.details                          ? 
_reflns.limit_h_max                      ? 
_reflns.limit_h_min                      ? 
_reflns.limit_k_max                      ? 
_reflns.limit_k_min                      ? 
_reflns.limit_l_max                      ? 
_reflns.limit_l_min                      ? 
_reflns.number_all                       ? 
_reflns.number_obs                       3854 
_reflns.observed_criterion               ? 
_reflns.observed_criterion_F_max         ? 
_reflns.observed_criterion_F_min         ? 
_reflns.observed_criterion_I_max         ? 
_reflns.observed_criterion_I_min         ? 
_reflns.observed_criterion_sigma_F       ? 
_reflns.observed_criterion_sigma_I       ? 
_reflns.percent_possible_obs             92 
_reflns.R_free_details                   ? 
_reflns.Rmerge_F_all                     ? 
_reflns.Rmerge_F_obs                     ? 
_reflns.Friedel_coverage                 ? 
_reflns.number_gt                        ? 
_reflns.threshold_expression             ? 
_reflns.pdbx_redundancy                  3 
_reflns.pdbx_Rmerge_I_obs                ? 
_reflns.pdbx_Rmerge_I_all                ? 
_reflns.pdbx_Rsym_value                  ? 
_reflns.pdbx_netI_over_av_sigmaI         ? 
_reflns.pdbx_netI_over_sigmaI            11 
_reflns.pdbx_res_netI_over_av_sigmaI_2   ? 
_reflns.pdbx_res_netI_over_sigmaI_2      ? 
_reflns.pdbx_chi_squared                 ? 
_reflns.pdbx_scaling_rejects             ? 
_reflns.pdbx_d_res_high_opt              ? 
_reflns.pdbx_d_res_low_opt               ? 
_reflns.pdbx_d_res_opt_method            ? 
_reflns.phase_calculation_details        ? 
_reflns.pdbx_Rrim_I_all                  ? 
_reflns.pdbx_Rpim_I_all                  ? 
_reflns.pdbx_d_opt                       ? 
_reflns.pdbx_number_measured_all         ? 
_reflns.pdbx_diffrn_id                   1 
_reflns.pdbx_ordinal                     1 
_reflns.pdbx_CC_half                     ? 
_reflns.pdbx_R_split                     ? 
# 
_reflns_shell.d_res_high                  2.2 
_reflns_shell.d_res_low                   2.28 
_reflns_shell.meanI_over_sigI_all         ? 
_reflns_shell.meanI_over_sigI_obs         ? 
_reflns_shell.number_measured_all         ? 
_reflns_shell.number_measured_obs         ? 
_reflns_shell.number_possible             ? 
_reflns_shell.number_unique_all           ? 
_reflns_shell.number_unique_obs           ? 
_reflns_shell.percent_possible_all        ? 
_reflns_shell.percent_possible_obs        ? 
_reflns_shell.Rmerge_F_all                ? 
_reflns_shell.Rmerge_F_obs                ? 
_reflns_shell.Rmerge_I_all                ? 
_reflns_shell.Rmerge_I_obs                0.286 
_reflns_shell.meanI_over_sigI_gt          ? 
_reflns_shell.meanI_over_uI_all           ? 
_reflns_shell.meanI_over_uI_gt            ? 
_reflns_shell.number_measured_gt          ? 
_reflns_shell.number_unique_gt            ? 
_reflns_shell.percent_possible_gt         ? 
_reflns_shell.Rmerge_F_gt                 ? 
_reflns_shell.Rmerge_I_gt                 ? 
_reflns_shell.pdbx_redundancy             ? 
_reflns_shell.pdbx_Rsym_value             ? 
_reflns_shell.pdbx_chi_squared            ? 
_reflns_shell.pdbx_netI_over_sigmaI_all   ? 
_reflns_shell.pdbx_netI_over_sigmaI_obs   ? 
_reflns_shell.pdbx_Rrim_I_all             ? 
_reflns_shell.pdbx_Rpim_I_all             ? 
_reflns_shell.pdbx_rejects                ? 
_reflns_shell.pdbx_ordinal                1 
_reflns_shell.pdbx_diffrn_id              1 
_reflns_shell.pdbx_CC_half                ? 
_reflns_shell.pdbx_R_split                ? 
# 
_refine.pdbx_refine_id                           'X-RAY DIFFRACTION' 
_refine.entry_id                                 5KIU 
_refine.pdbx_diffrn_id                           1 
_refine.pdbx_TLS_residual_ADP_flag               ? 
_refine.ls_number_reflns_obs                     3681 
_refine.ls_number_reflns_all                     ? 
_refine.pdbx_ls_sigma_I                          ? 
_refine.pdbx_ls_sigma_F                          ? 
_refine.pdbx_data_cutoff_high_absF               ? 
_refine.pdbx_data_cutoff_low_absF                ? 
_refine.pdbx_data_cutoff_high_rms_absF           ? 
_refine.ls_d_res_low                             60.58 
_refine.ls_d_res_high                            2.20 
_refine.ls_percent_reflns_obs                    97.15 
_refine.ls_R_factor_obs                          0.18850 
_refine.ls_R_factor_all                          ? 
_refine.ls_R_factor_R_work                       0.18576 
_refine.ls_R_factor_R_free                       0.24434 
_refine.ls_R_factor_R_free_error                 ? 
_refine.ls_R_factor_R_free_error_details         ? 
_refine.ls_percent_reflns_R_free                 4.5 
_refine.ls_number_reflns_R_free                  173 
_refine.ls_number_parameters                     ? 
_refine.ls_number_restraints                     ? 
_refine.occupancy_min                            ? 
_refine.occupancy_max                            ? 
_refine.correlation_coeff_Fo_to_Fc               0.962 
_refine.correlation_coeff_Fo_to_Fc_free          0.944 
_refine.B_iso_mean                               48.188 
_refine.aniso_B[1][1]                            0.04 
_refine.aniso_B[2][2]                            -1.55 
_refine.aniso_B[3][3]                            0.90 
_refine.aniso_B[1][2]                            0.00 
_refine.aniso_B[1][3]                            3.07 
_refine.aniso_B[2][3]                            0.00 
_refine.solvent_model_details                    MASK 
_refine.solvent_model_param_ksol                 ? 
_refine.solvent_model_param_bsol                 ? 
_refine.pdbx_solvent_vdw_probe_radii             1.20 
_refine.pdbx_solvent_ion_probe_radii             0.80 
_refine.pdbx_solvent_shrinkage_radii             0.80 
_refine.pdbx_ls_cross_valid_method               THROUGHOUT 
_refine.details                                  'HYDROGENS HAVE BEEN ADDED IN THE RIDING POSITIONS' 
_refine.pdbx_starting_model                      2Q2F 
_refine.pdbx_method_to_determine_struct          'MOLECULAR REPLACEMENT' 
_refine.pdbx_isotropic_thermal_model             ? 
_refine.pdbx_stereochemistry_target_values       'MAXIMUM LIKELIHOOD' 
_refine.pdbx_stereochem_target_val_spec_case     ? 
_refine.pdbx_R_Free_selection_details            RANDOM 
_refine.pdbx_overall_ESU_R                       0.323 
_refine.pdbx_overall_ESU_R_Free                  0.231 
_refine.overall_SU_ML                            0.207 
_refine.pdbx_overall_phase_error                 ? 
_refine.overall_SU_B                             17.438 
_refine.overall_SU_R_Cruickshank_DPI             ? 
_refine.pdbx_overall_SU_R_free_Cruickshank_DPI   ? 
_refine.pdbx_overall_SU_R_Blow_DPI               ? 
_refine.pdbx_overall_SU_R_free_Blow_DPI          ? 
# 
_refine_hist.pdbx_refine_id                   'X-RAY DIFFRACTION' 
_refine_hist.cycle_id                         LAST 
_refine_hist.pdbx_number_atoms_protein        631 
_refine_hist.pdbx_number_atoms_nucleic_acid   0 
_refine_hist.pdbx_number_atoms_ligand         0 
_refine_hist.number_atoms_solvent             17 
_refine_hist.number_atoms_total               648 
_refine_hist.d_res_high                       2.20 
_refine_hist.d_res_low                        60.58 
# 
loop_
_refine_ls_restr.type 
_refine_ls_restr.dev_ideal 
_refine_ls_restr.dev_ideal_target 
_refine_ls_restr.weight 
_refine_ls_restr.number 
_refine_ls_restr.pdbx_refine_id 
_refine_ls_restr.pdbx_restraint_function 
r_bond_refined_d             0.019  0.019  ? 636  'X-RAY DIFFRACTION' ? 
r_bond_other_d               0.002  0.020  ? 664  'X-RAY DIFFRACTION' ? 
r_angle_refined_deg          1.943  1.964  ? 845  'X-RAY DIFFRACTION' ? 
r_angle_other_deg            1.059  3.000  ? 1520 'X-RAY DIFFRACTION' ? 
r_dihedral_angle_1_deg       5.535  5.000  ? 75   'X-RAY DIFFRACTION' ? 
r_dihedral_angle_2_deg       38.193 23.714 ? 35   'X-RAY DIFFRACTION' ? 
r_dihedral_angle_3_deg       18.532 15.000 ? 143  'X-RAY DIFFRACTION' ? 
r_dihedral_angle_4_deg       19.862 15.000 ? 9    'X-RAY DIFFRACTION' ? 
r_chiral_restr               0.127  0.200  ? 91   'X-RAY DIFFRACTION' ? 
r_gen_planes_refined         0.009  0.020  ? 705  'X-RAY DIFFRACTION' ? 
r_gen_planes_other           0.002  0.020  ? 146  'X-RAY DIFFRACTION' ? 
r_nbd_refined                ?      ?      ? ?    'X-RAY DIFFRACTION' ? 
r_nbd_other                  ?      ?      ? ?    'X-RAY DIFFRACTION' ? 
r_nbtor_refined              ?      ?      ? ?    'X-RAY DIFFRACTION' ? 
r_nbtor_other                ?      ?      ? ?    'X-RAY DIFFRACTION' ? 
r_xyhbond_nbd_refined        ?      ?      ? ?    'X-RAY DIFFRACTION' ? 
r_xyhbond_nbd_other          ?      ?      ? ?    'X-RAY DIFFRACTION' ? 
r_metal_ion_refined          ?      ?      ? ?    'X-RAY DIFFRACTION' ? 
r_metal_ion_other            ?      ?      ? ?    'X-RAY DIFFRACTION' ? 
r_symmetry_vdw_refined       ?      ?      ? ?    'X-RAY DIFFRACTION' ? 
r_symmetry_vdw_other         ?      ?      ? ?    'X-RAY DIFFRACTION' ? 
r_symmetry_hbond_refined     ?      ?      ? ?    'X-RAY DIFFRACTION' ? 
r_symmetry_hbond_other       ?      ?      ? ?    'X-RAY DIFFRACTION' ? 
r_symmetry_metal_ion_refined ?      ?      ? ?    'X-RAY DIFFRACTION' ? 
r_symmetry_metal_ion_other   ?      ?      ? ?    'X-RAY DIFFRACTION' ? 
r_mcbond_it                  2.114  3.388  ? 303  'X-RAY DIFFRACTION' ? 
r_mcbond_other               2.036  3.367  ? 302  'X-RAY DIFFRACTION' ? 
r_mcangle_it                 3.221  5.041  ? 377  'X-RAY DIFFRACTION' ? 
r_mcangle_other              3.221  5.064  ? 378  'X-RAY DIFFRACTION' ? 
r_scbond_it                  3.776  4.301  ? 333  'X-RAY DIFFRACTION' ? 
r_scbond_other               3.771  4.317  ? 334  'X-RAY DIFFRACTION' ? 
r_scangle_it                 ?      ?      ? ?    'X-RAY DIFFRACTION' ? 
r_scangle_other              6.245  6.178  ? 469  'X-RAY DIFFRACTION' ? 
r_long_range_B_refined       7.991  26.768 ? 720  'X-RAY DIFFRACTION' ? 
r_long_range_B_other         8.092  26.745 ? 716  'X-RAY DIFFRACTION' ? 
r_rigid_bond_restr           ?      ?      ? ?    'X-RAY DIFFRACTION' ? 
r_sphericity_free            ?      ?      ? ?    'X-RAY DIFFRACTION' ? 
r_sphericity_bonded          ?      ?      ? ?    'X-RAY DIFFRACTION' ? 
# 
_refine_ls_shell.pdbx_refine_id                   'X-RAY DIFFRACTION' 
_refine_ls_shell.pdbx_total_number_of_bins_used   20 
_refine_ls_shell.d_res_high                       2.202 
_refine_ls_shell.d_res_low                        2.259 
_refine_ls_shell.number_reflns_R_work             251 
_refine_ls_shell.R_factor_R_work                  0.262 
_refine_ls_shell.percent_reflns_obs               87.50 
_refine_ls_shell.R_factor_R_free                  0.306 
_refine_ls_shell.R_factor_R_free_error            ? 
_refine_ls_shell.percent_reflns_R_free            ? 
_refine_ls_shell.number_reflns_R_free             15 
_refine_ls_shell.number_reflns_all                ? 
_refine_ls_shell.R_factor_all                     ? 
_refine_ls_shell.R_factor_obs                     ? 
_refine_ls_shell.number_reflns_obs                ? 
# 
_struct.entry_id                     5KIU 
_struct.title                        'VCP-interacting membrane protein (VIMP)' 
_struct.pdbx_model_details           ? 
_struct.pdbx_formula_weight          ? 
_struct.pdbx_formula_weight_method   ? 
_struct.pdbx_model_type_details      ? 
_struct.pdbx_CASP_flag               N 
# 
_struct_keywords.entry_id        5KIU 
_struct_keywords.text            'p97 adaptor protein, VCP-interacting membrane protein, VIMP, MEMBRANE PROTEIN' 
_struct_keywords.pdbx_keywords   'MEMBRANE PROTEIN' 
# 
loop_
_struct_asym.id 
_struct_asym.pdbx_blank_PDB_chainid_flag 
_struct_asym.pdbx_modified 
_struct_asym.entity_id 
_struct_asym.details 
A N N 1 ? 
B N N 2 ? 
# 
loop_
_struct_conf.conf_type_id 
_struct_conf.id 
_struct_conf.pdbx_PDB_helix_id 
_struct_conf.beg_label_comp_id 
_struct_conf.beg_label_asym_id 
_struct_conf.beg_label_seq_id 
_struct_conf.pdbx_beg_PDB_ins_code 
_struct_conf.end_label_comp_id 
_struct_conf.end_label_asym_id 
_struct_conf.end_label_seq_id 
_struct_conf.pdbx_end_PDB_ins_code 
_struct_conf.beg_auth_comp_id 
_struct_conf.beg_auth_asym_id 
_struct_conf.beg_auth_seq_id 
_struct_conf.end_auth_comp_id 
_struct_conf.end_auth_asym_id 
_struct_conf.end_auth_seq_id 
_struct_conf.pdbx_PDB_helix_class 
_struct_conf.details 
_struct_conf.pdbx_PDB_helix_length 
HELX_P HELX_P1 AA1 HIS A 6  ? ALA A 28 ? HIS A 47 ALA A 69  1 ? 23 
HELX_P HELX_P2 AA2 GLU A 30 ? ASP A 79 ? GLU A 71 ASP A 120 1 ? 50 
# 
_struct_conf_type.id          HELX_P 
_struct_conf_type.criteria    ? 
_struct_conf_type.reference   ? 
# 
_atom_sites.entry_id                    5KIU 
_atom_sites.fract_transf_matrix[1][1]   0.00341168 
_atom_sites.fract_transf_matrix[1][2]   0.00003218 
_atom_sites.fract_transf_matrix[1][3]   -0.00751601 
_atom_sites.fract_transf_matrix[2][1]   0.03021928 
_atom_sites.fract_transf_matrix[2][2]   0.04459885 
_atom_sites.fract_transf_matrix[2][3]   0.01390813 
_atom_sites.fract_transf_matrix[3][1]   0.02268906 
_atom_sites.fract_transf_matrix[3][2]   -0.01757713 
_atom_sites.fract_transf_matrix[3][3]   0.00706584 
_atom_sites.fract_transf_vector[1]      0.137291 
_atom_sites.fract_transf_vector[2]      -0.248137 
_atom_sites.fract_transf_vector[3]      2.178854 
# 
loop_
_atom_type.symbol 
C 
N 
O 
S 
# 
loop_
_atom_site.group_PDB 
_atom_site.id 
_atom_site.type_symbol 
_atom_site.label_atom_id 
_atom_site.label_alt_id 
_atom_site.label_comp_id 
_atom_site.label_asym_id 
_atom_site.label_entity_id 
_atom_site.label_seq_id 
_atom_site.pdbx_PDB_ins_code 
_atom_site.Cartn_x 
_atom_site.Cartn_y 
_atom_site.Cartn_z 
_atom_site.occupancy 
_atom_site.B_iso_or_equiv 
_atom_site.pdbx_formal_charge 
_atom_site.auth_seq_id 
_atom_site.auth_comp_id 
_atom_site.auth_asym_id 
_atom_site.auth_atom_id 
_atom_site.pdbx_PDB_model_num 
ATOM   1   N N   . HIS A 1 6  ? 1.862  43.946  -25.337 1.00 62.73  ? 47  HIS A N   1 
ATOM   2   C CA  . HIS A 1 6  ? 1.019  43.404  -26.448 1.00 60.36  ? 47  HIS A CA  1 
ATOM   3   C C   . HIS A 1 6  ? 0.079  42.257  -26.026 1.00 57.12  ? 47  HIS A C   1 
ATOM   4   O O   . HIS A 1 6  ? 0.489  41.220  -25.481 1.00 52.34  ? 47  HIS A O   1 
ATOM   5   C CB  . HIS A 1 6  ? 1.871  42.963  -27.593 1.00 62.79  ? 47  HIS A CB  1 
ATOM   6   C CG  . HIS A 1 6  ? 1.165  42.998  -28.887 1.00 67.45  ? 47  HIS A CG  1 
ATOM   7   N ND1 . HIS A 1 6  ? 0.561  41.885  -29.415 1.00 71.13  ? 47  HIS A ND1 1 
ATOM   8   C CD2 . HIS A 1 6  ? 0.934  44.013  -29.752 1.00 71.82  ? 47  HIS A CD2 1 
ATOM   9   C CE1 . HIS A 1 6  ? 0.020  42.205  -30.578 1.00 72.91  ? 47  HIS A CE1 1 
ATOM   10  N NE2 . HIS A 1 6  ? 0.224  43.491  -30.802 1.00 73.56  ? 47  HIS A NE2 1 
ATOM   11  N N   . HIS A 1 7  ? -1.201 42.509  -26.280 1.00 57.29  ? 48  HIS A N   1 
ATOM   12  C CA  . HIS A 1 7  ? -2.294 41.667  -25.839 1.00 58.91  ? 48  HIS A CA  1 
ATOM   13  C C   . HIS A 1 7  ? -2.199 40.219  -26.412 1.00 54.57  ? 48  HIS A C   1 
ATOM   14  O O   . HIS A 1 7  ? -2.537 39.265  -25.708 1.00 46.44  ? 48  HIS A O   1 
ATOM   15  C CB  . HIS A 1 7  ? -3.699 42.318  -26.086 1.00 62.20  ? 48  HIS A CB  1 
ATOM   16  C CG  . HIS A 1 7  ? -3.900 42.913  -27.452 1.00 70.82  ? 48  HIS A CG  1 
ATOM   17  N ND1 . HIS A 1 7  ? -3.553 44.224  -27.762 1.00 78.12  ? 48  HIS A ND1 1 
ATOM   18  C CD2 . HIS A 1 7  ? -4.454 42.398  -28.581 1.00 73.17  ? 48  HIS A CD2 1 
ATOM   19  C CE1 . HIS A 1 7  ? -3.851 44.473  -29.031 1.00 79.36  ? 48  HIS A CE1 1 
ATOM   20  N NE2 . HIS A 1 7  ? -4.397 43.383  -29.550 1.00 79.09  ? 48  HIS A NE2 1 
ATOM   21  N N   . GLN A 1 8  ? -1.753 40.086  -27.668 1.00 52.92  ? 49  GLN A N   1 
ATOM   22  C CA  . GLN A 1 8  ? -1.722 38.804  -28.345 1.00 53.13  ? 49  GLN A CA  1 
ATOM   23  C C   . GLN A 1 8  ? -0.686 37.865  -27.715 1.00 48.58  ? 49  GLN A C   1 
ATOM   24  O O   . GLN A 1 8  ? -0.838 36.624  -27.762 1.00 48.29  ? 49  GLN A O   1 
ATOM   25  C CB  . GLN A 1 8  ? -1.527 39.006  -29.855 1.00 60.64  ? 49  GLN A CB  1 
ATOM   26  C CG  . GLN A 1 8  ? -2.720 39.697  -30.561 1.00 69.28  ? 49  GLN A CG  1 
ATOM   27  C CD  . GLN A 1 8  ? -2.355 40.424  -31.884 1.00 78.89  ? 49  GLN A CD  1 
ATOM   28  O OE1 . GLN A 1 8  ? -2.787 41.564  -32.139 1.00 83.78  ? 49  GLN A OE1 1 
ATOM   29  N NE2 . GLN A 1 8  ? -1.543 39.777  -32.713 1.00 82.87  ? 49  GLN A NE2 1 
ATOM   30  N N   . LYS A 1 9  ? 0.336  38.471  -27.108 1.00 43.97  ? 50  LYS A N   1 
ATOM   31  C CA  . LYS A 1 9  ? 1.321  37.771  -26.309 1.00 43.52  ? 50  LYS A CA  1 
ATOM   32  C C   . LYS A 1 9  ? 0.729  37.297  -24.974 1.00 38.77  ? 50  LYS A C   1 
ATOM   33  O O   . LYS A 1 9  ? 1.078  36.233  -24.512 1.00 38.37  ? 50  LYS A O   1 
ATOM   34  C CB  . LYS A 1 9  ? 2.575  38.621  -26.097 1.00 47.46  ? 50  LYS A CB  1 
ATOM   35  C CG  . LYS A 1 9  ? 3.209  39.037  -27.421 1.00 55.21  ? 50  LYS A CG  1 
ATOM   36  C CD  . LYS A 1 9  ? 4.672  39.434  -27.307 1.00 60.79  ? 50  LYS A CD  1 
ATOM   37  C CE  . LYS A 1 9  ? 5.355  39.352  -28.667 1.00 67.27  ? 50  LYS A CE  1 
ATOM   38  N NZ  . LYS A 1 9  ? 6.820  39.125  -28.487 1.00 72.14  ? 50  LYS A NZ  1 
ATOM   39  N N   . LEU A 1 10 ? -0.175 38.066  -24.367 1.00 36.71  ? 51  LEU A N   1 
ATOM   40  C CA  . LEU A 1 10 ? -0.867 37.588  -23.166 1.00 34.72  ? 51  LEU A CA  1 
ATOM   41  C C   . LEU A 1 10 ? -1.803 36.402  -23.469 1.00 34.29  ? 51  LEU A C   1 
ATOM   42  O O   . LEU A 1 10 ? -1.768 35.391  -22.733 1.00 33.66  ? 51  LEU A O   1 
ATOM   43  C CB  . LEU A 1 10 ? -1.583 38.712  -22.488 1.00 35.04  ? 51  LEU A CB  1 
ATOM   44  C CG  . LEU A 1 10 ? -0.651 39.814  -21.958 1.00 36.38  ? 51  LEU A CG  1 
ATOM   45  C CD1 . LEU A 1 10 ? -1.475 40.922  -21.280 1.00 37.76  ? 51  LEU A CD1 1 
ATOM   46  C CD2 . LEU A 1 10 ? 0.496  39.282  -21.084 1.00 35.68  ? 51  LEU A CD2 1 
ATOM   47  N N   . SER A 1 11 ? -2.551 36.533  -24.577 1.00 32.17  ? 52  SER A N   1 
ATOM   48  C CA  . SER A 1 11 ? -3.529 35.551  -25.002 1.00 34.53  ? 52  SER A CA  1 
ATOM   49  C C   . SER A 1 11 ? -2.856 34.294  -25.373 1.00 33.40  ? 52  SER A C   1 
ATOM   50  O O   . SER A 1 11 ? -3.350 33.260  -25.064 1.00 32.57  ? 52  SER A O   1 
ATOM   51  C CB  . SER A 1 11 ? -4.234 35.966  -26.275 1.00 35.91  ? 52  SER A CB  1 
ATOM   52  O OG  . SER A 1 11 ? -4.745 37.200  -26.106 1.00 38.76  ? 52  SER A OG  1 
ATOM   53  N N   . ALA A 1 12 ? -1.734 34.425  -26.095 1.00 33.75  ? 53  ALA A N   1 
ATOM   54  C CA  . ALA A 1 12 ? -1.035 33.267  -26.608 1.00 34.18  ? 53  ALA A CA  1 
ATOM   55  C C   . ALA A 1 12 ? -0.547 32.439  -25.429 1.00 33.05  ? 53  ALA A C   1 
ATOM   56  O O   . ALA A 1 12 ? -0.735 31.208  -25.371 1.00 33.92  ? 53  ALA A O   1 
ATOM   57  C CB  . ALA A 1 12 ? 0.093  33.662  -27.549 1.00 33.66  ? 53  ALA A CB  1 
ATOM   58  N N   . ARG A 1 13 ? -0.050 33.139  -24.432 1.00 33.51  ? 54  ARG A N   1 
ATOM   59  C CA  . ARG A 1 13 ? 0.372  32.492  -23.209 1.00 34.38  ? 54  ARG A CA  1 
ATOM   60  C C   . ARG A 1 13 ? -0.757 31.705  -22.547 1.00 34.01  ? 54  ARG A C   1 
ATOM   61  O O   . ARG A 1 13 ? -0.514 30.582  -22.092 1.00 31.08  ? 54  ARG A O   1 
ATOM   62  C CB  . ARG A 1 13 ? 1.038  33.505  -22.229 1.00 37.07  ? 54  ARG A CB  1 
ATOM   63  C CG  . ARG A 1 13 ? 2.543  33.692  -22.502 1.00 38.39  ? 54  ARG A CG  1 
ATOM   64  C CD  . ARG A 1 13 ? 3.269  34.801  -21.690 1.00 41.90  ? 54  ARG A CD  1 
ATOM   65  N NE  . ARG A 1 13 ? 3.833  35.614  -22.756 1.00 48.65  ? 54  ARG A NE  1 
ATOM   66  C CZ  . ARG A 1 13 ? 4.999  35.472  -23.375 1.00 48.89  ? 54  ARG A CZ  1 
ATOM   67  N NH1 . ARG A 1 13 ? 5.965  34.705  -22.879 1.00 49.47  ? 54  ARG A NH1 1 
ATOM   68  N NH2 . ARG A 1 13 ? 5.247  36.262  -24.430 1.00 52.45  ? 54  ARG A NH2 1 
ATOM   69  N N   . LEU A 1 14 ? -1.959 32.310  -22.462 1.00 34.76  ? 55  LEU A N   1 
ATOM   70  C CA  . LEU A 1 14 ? -3.101 31.633  -21.835 1.00 35.31  ? 55  LEU A CA  1 
ATOM   71  C C   . LEU A 1 14 ? -3.603 30.501  -22.696 1.00 35.25  ? 55  LEU A C   1 
ATOM   72  O O   . LEU A 1 14 ? -3.982 29.466  -22.161 1.00 35.42  ? 55  LEU A O   1 
ATOM   73  C CB  . LEU A 1 14 ? -4.274 32.561  -21.599 1.00 36.09  ? 55  LEU A CB  1 
ATOM   74  C CG  . LEU A 1 14 ? -5.501 31.942  -20.864 1.00 35.52  ? 55  LEU A CG  1 
ATOM   75  C CD1 . LEU A 1 14 ? -5.259 31.473  -19.455 1.00 33.82  ? 55  LEU A CD1 1 
ATOM   76  C CD2 . LEU A 1 14 ? -6.623 32.980  -20.861 1.00 38.60  ? 55  LEU A CD2 1 
ATOM   77  N N   . ARG A 1 15 ? -3.616 30.717  -24.011 1.00 35.49  ? 56  ARG A N   1 
ATOM   78  C CA  . ARG A 1 15 ? -3.948 29.670  -24.911 1.00 37.47  ? 56  ARG A CA  1 
ATOM   79  C C   . ARG A 1 15 ? -3.034 28.461  -24.700 1.00 34.10  ? 56  ARG A C   1 
ATOM   80  O O   . ARG A 1 15 ? -3.511 27.283  -24.615 1.00 30.22  ? 56  ARG A O   1 
ATOM   81  C CB  . ARG A 1 15 ? -3.924 30.163  -26.357 1.00 43.32  ? 56  ARG A CB  1 
ATOM   82  C CG  . ARG A 1 15 ? -5.103 31.046  -26.713 1.00 49.49  ? 56  ARG A CG  1 
ATOM   83  C CD  . ARG A 1 15 ? -5.219 31.270  -28.227 1.00 60.09  ? 56  ARG A CD  1 
ATOM   84  N NE  . ARG A 1 15 ? -4.424 32.387  -28.775 1.00 67.94  ? 56  ARG A NE  1 
ATOM   85  C CZ  . ARG A 1 15 ? -4.844 33.658  -28.910 1.00 80.59  ? 56  ARG A CZ  1 
ATOM   86  N NH1 . ARG A 1 15 ? -6.072 34.031  -28.518 1.00 88.88  ? 56  ARG A NH1 1 
ATOM   87  N NH2 . ARG A 1 15 ? -4.019 34.590  -29.431 1.00 86.41  ? 56  ARG A NH2 1 
ATOM   88  N N   . ALA A 1 16 ? -1.740 28.724  -24.593 1.00 30.87  ? 57  ALA A N   1 
ATOM   89  C CA  . ALA A 1 16 ? -0.827 27.627  -24.463 1.00 31.34  ? 57  ALA A CA  1 
ATOM   90  C C   . ALA A 1 16 ? -1.045 26.932  -23.132 1.00 31.68  ? 57  ALA A C   1 
ATOM   91  O O   . ALA A 1 16 ? -1.025 25.716  -23.080 1.00 32.12  ? 57  ALA A O   1 
ATOM   92  C CB  . ALA A 1 16 ? 0.609  28.096  -24.596 1.00 33.16  ? 57  ALA A CB  1 
ATOM   93  N N   . LEU A 1 17 ? -1.309 27.685  -22.055 1.00 30.90  ? 58  LEU A N   1 
ATOM   94  C CA  . LEU A 1 17 ? -1.503 27.057  -20.753 1.00 29.71  ? 58  LEU A CA  1 
ATOM   95  C C   . LEU A 1 17 ? -2.743 26.153  -20.719 1.00 31.17  ? 58  LEU A C   1 
ATOM   96  O O   . LEU A 1 17 ? -2.754 25.016  -20.168 1.00 31.75  ? 58  LEU A O   1 
ATOM   97  C CB  . LEU A 1 17 ? -1.609 28.135  -19.729 1.00 28.63  ? 58  LEU A CB  1 
ATOM   98  C CG  . LEU A 1 17 ? -1.866 27.657  -18.297 1.00 28.31  ? 58  LEU A CG  1 
ATOM   99  C CD1 . LEU A 1 17 ? -0.848 26.578  -17.882 1.00 29.80  ? 58  LEU A CD1 1 
ATOM   100 C CD2 . LEU A 1 17 ? -1.874 28.838  -17.368 1.00 28.80  ? 58  LEU A CD2 1 
ATOM   101 N N   . ARG A 1 18 ? -3.781 26.650  -21.346 1.00 30.52  ? 59  ARG A N   1 
ATOM   102 C CA  . ARG A 1 18 ? -5.018 25.941  -21.480 1.00 31.14  ? 59  ARG A CA  1 
ATOM   103 C C   . ARG A 1 18 ? -4.926 24.603  -22.190 1.00 31.05  ? 59  ARG A C   1 
ATOM   104 O O   . ARG A 1 18 ? -5.400 23.601  -21.705 1.00 32.29  ? 59  ARG A O   1 
ATOM   105 C CB  . ARG A 1 18 ? -5.928 26.847  -22.273 1.00 34.62  ? 59  ARG A CB  1 
ATOM   106 C CG  . ARG A 1 18 ? -7.344 26.368  -22.331 1.00 38.58  ? 59  ARG A CG  1 
ATOM   107 C CD  . ARG A 1 18 ? -8.176 27.489  -22.924 1.00 44.04  ? 59  ARG A CD  1 
ATOM   108 N NE  . ARG A 1 18 ? -8.724 28.423  -21.943 1.00 46.16  ? 59  ARG A NE  1 
ATOM   109 C CZ  . ARG A 1 18 ? -8.946 29.727  -22.140 1.00 49.78  ? 59  ARG A CZ  1 
ATOM   110 N NH1 . ARG A 1 18 ? -8.590 30.306  -23.304 1.00 51.54  ? 59  ARG A NH1 1 
ATOM   111 N NH2 . ARG A 1 18 ? -9.515 30.467  -21.157 1.00 47.48  ? 59  ARG A NH2 1 
ATOM   112 N N   . GLN A 1 19 ? -4.283 24.577  -23.346 1.00 31.88  ? 60  GLN A N   1 
ATOM   113 C CA  . GLN A 1 19 ? -4.071 23.276  -24.078 1.00 32.71  ? 60  GLN A CA  1 
ATOM   114 C C   . GLN A 1 19 ? -3.313 22.262  -23.248 1.00 28.00  ? 60  GLN A C   1 
ATOM   115 O O   . GLN A 1 19 ? -3.605 21.082  -23.290 1.00 25.00  ? 60  GLN A O   1 
ATOM   116 C CB  . GLN A 1 19 ? -3.323 23.546  -25.365 1.00 36.53  ? 60  GLN A CB  1 
ATOM   117 C CG  . GLN A 1 19 ? -4.231 24.281  -26.359 1.00 43.19  ? 60  GLN A CG  1 
ATOM   118 C CD  . GLN A 1 19 ? -3.475 25.098  -27.451 1.00 52.04  ? 60  GLN A CD  1 
ATOM   119 O OE1 . GLN A 1 19 ? -2.238 25.253  -27.419 1.00 56.97  ? 60  GLN A OE1 1 
ATOM   120 N NE2 . GLN A 1 19 ? -4.239 25.647  -28.408 1.00 55.59  ? 60  GLN A NE2 1 
ATOM   121 N N   . ARG A 1 20 ? -2.318 22.782  -22.525 1.00 26.09  ? 61  ARG A N   1 
ATOM   122 C CA  . ARG A 1 20 ? -1.512 22.038  -21.574 1.00 26.24  ? 61  ARG A CA  1 
ATOM   123 C C   . ARG A 1 20 ? -2.320 21.457  -20.469 1.00 26.42  ? 61  ARG A C   1 
ATOM   124 O O   . ARG A 1 20 ? -2.221 20.242  -20.185 1.00 28.53  ? 61  ARG A O   1 
ATOM   125 C CB  . ARG A 1 20 ? -0.337 22.870  -21.013 1.00 26.39  ? 61  ARG A CB  1 
ATOM   126 C CG  . ARG A 1 20 ? 0.666  22.038  -20.155 1.00 29.65  ? 61  ARG A CG  1 
ATOM   127 C CD  . ARG A 1 20 ? 1.402  20.938  -20.973 1.00 31.43  ? 61  ARG A CD  1 
ATOM   128 N NE  . ARG A 1 20 ? 2.661  21.437  -21.513 1.00 32.92  ? 61  ARG A NE  1 
ATOM   129 C CZ  . ARG A 1 20 ? 3.425  20.853  -22.447 1.00 33.83  ? 61  ARG A CZ  1 
ATOM   130 N NH1 . ARG A 1 20 ? 4.607  21.406  -22.747 1.00 32.94  ? 61  ARG A NH1 1 
ATOM   131 N NH2 . ARG A 1 20 ? 3.048  19.710  -23.042 1.00 35.32  ? 61  ARG A NH2 1 
ATOM   132 N N   . GLN A 1 21 ? -3.104 22.299  -19.800 1.00 26.73  ? 62  GLN A N   1 
ATOM   133 C CA  . GLN A 1 21 ? -3.948 21.812  -18.771 1.00 26.90  ? 62  GLN A CA  1 
ATOM   134 C C   . GLN A 1 21 ? -4.931 20.786  -19.278 1.00 26.50  ? 62  GLN A C   1 
ATOM   135 O O   . GLN A 1 21 ? -5.063 19.694  -18.682 1.00 26.66  ? 62  GLN A O   1 
ATOM   136 C CB  . GLN A 1 21 ? -4.650 22.954  -18.078 1.00 29.36  ? 62  GLN A CB  1 
ATOM   137 C CG  . GLN A 1 21 ? -3.738 23.690  -17.138 1.00 31.32  ? 62  GLN A CG  1 
ATOM   138 C CD  . GLN A 1 21 ? -3.214 22.804  -16.013 1.00 34.29  ? 62  GLN A CD  1 
ATOM   139 O OE1 . GLN A 1 21 ? -2.133 22.215  -16.144 1.00 34.84  ? 62  GLN A OE1 1 
ATOM   140 N NE2 . GLN A 1 21 ? -3.992 22.678  -14.902 1.00 35.83  ? 62  GLN A NE2 1 
ATOM   141 N N   . LEU A 1 22 ? -5.605 21.124  -20.374 1.00 29.90  ? 63  LEU A N   1 
ATOM   142 C CA  . LEU A 1 22 ? -6.542 20.175  -20.989 1.00 29.81  ? 63  LEU A CA  1 
ATOM   143 C C   . LEU A 1 22 ? -5.903 18.820  -21.358 1.00 27.66  ? 63  LEU A C   1 
ATOM   144 O O   . LEU A 1 22 ? -6.506 17.734  -21.140 1.00 26.94  ? 63  LEU A O   1 
ATOM   145 C CB  . LEU A 1 22 ? -7.226 20.797  -22.230 1.00 30.46  ? 63  LEU A CB  1 
ATOM   146 C CG  . LEU A 1 22 ? -8.144 21.939  -21.866 1.00 32.70  ? 63  LEU A CG  1 
ATOM   147 C CD1 . LEU A 1 22 ? -8.789 22.462  -23.116 1.00 34.18  ? 63  LEU A CD1 1 
ATOM   148 C CD2 . LEU A 1 22 ? -9.205 21.558  -20.851 1.00 34.50  ? 63  LEU A CD2 1 
ATOM   149 N N   . ASP A 1 23 ? -4.699 18.904  -21.931 1.00 26.15  ? 64  ASP A N   1 
ATOM   150 C CA  . ASP A 1 23 ? -3.975 17.742  -22.296 1.00 25.95  ? 64  ASP A CA  1 
ATOM   151 C C   . ASP A 1 23 ? -3.571 16.959  -21.045 1.00 26.24  ? 64  ASP A C   1 
ATOM   152 O O   . ASP A 1 23 ? -3.693 15.714  -21.041 1.00 25.64  ? 64  ASP A O   1 
ATOM   153 C CB  . ASP A 1 23 ? -2.748 18.111  -23.116 1.00 26.31  ? 64  ASP A CB  1 
ATOM   154 C CG  . ASP A 1 23 ? -3.088 18.480  -24.521 1.00 28.22  ? 64  ASP A CG  1 
ATOM   155 O OD1 . ASP A 1 23 ? -4.304 18.281  -24.902 1.00 29.45  ? 64  ASP A OD1 1 
ATOM   156 O OD2 . ASP A 1 23 ? -2.148 18.967  -25.269 1.00 30.53  ? 64  ASP A OD2 1 
ATOM   157 N N   . ARG A 1 24 ? -3.158 17.661  -19.983 1.00 26.81  ? 65  ARG A N   1 
ATOM   158 C CA  . ARG A 1 24 ? -2.893 16.961  -18.703 1.00 28.46  ? 65  ARG A CA  1 
ATOM   159 C C   . ARG A 1 24 ? -4.116 16.214  -18.156 1.00 28.33  ? 65  ARG A C   1 
ATOM   160 O O   . ARG A 1 24 ? -4.009 15.041  -17.674 1.00 27.59  ? 65  ARG A O   1 
ATOM   161 C CB  . ARG A 1 24 ? -2.306 17.898  -17.617 1.00 29.65  ? 65  ARG A CB  1 
ATOM   162 C CG  . ARG A 1 24 ? -0.943 18.462  -18.025 1.00 29.92  ? 65  ARG A CG  1 
ATOM   163 C CD  . ARG A 1 24 ? -0.336 19.440  -17.032 1.00 30.93  ? 65  ARG A CD  1 
ATOM   164 N NE  . ARG A 1 24 ? -0.025 18.565  -15.952 1.00 31.54  ? 65  ARG A NE  1 
ATOM   165 C CZ  . ARG A 1 24 ? -0.339 18.759  -14.698 1.00 33.83  ? 65  ARG A CZ  1 
ATOM   166 N NH1 . ARG A 1 24 ? -0.905 19.911  -14.288 1.00 35.24  ? 65  ARG A NH1 1 
ATOM   167 N NH2 . ARG A 1 24 ? -0.024 17.806  -13.826 1.00 33.39  ? 65  ARG A NH2 1 
ATOM   168 N N   . ALA A 1 25 ? -5.260 16.888  -18.239 1.00 27.92  ? 66  ALA A N   1 
ATOM   169 C CA  . ALA A 1 25 ? -6.494 16.269  -17.775 1.00 28.82  ? 66  ALA A CA  1 
ATOM   170 C C   . ALA A 1 25 ? -6.832 15.033  -18.664 1.00 28.56  ? 66  ALA A C   1 
ATOM   171 O O   . ALA A 1 25 ? -7.155 13.996  -18.119 1.00 26.64  ? 66  ALA A O   1 
ATOM   172 C CB  . ALA A 1 25 ? -7.677 17.254  -17.774 1.00 29.25  ? 66  ALA A CB  1 
ATOM   173 N N   . ALA A 1 26 ? -6.816 15.191  -20.003 1.00 27.74  ? 67  ALA A N   1 
ATOM   174 C CA  . ALA A 1 26 ? -7.048 14.071  -20.884 1.00 28.29  ? 67  ALA A CA  1 
ATOM   175 C C   . ALA A 1 26 ? -6.039 12.875  -20.721 1.00 28.22  ? 67  ALA A C   1 
ATOM   176 O O   . ALA A 1 26 ? -6.416 11.725  -20.938 1.00 29.67  ? 67  ALA A O   1 
ATOM   177 C CB  . ALA A 1 26 ? -7.014 14.551  -22.301 1.00 28.87  ? 67  ALA A CB  1 
ATOM   178 N N   . ALA A 1 27 ? -4.790 13.174  -20.391 1.00 26.17  ? 68  ALA A N   1 
ATOM   179 C CA  . ALA A 1 27 ? -3.766 12.171  -20.182 1.00 26.16  ? 68  ALA A CA  1 
ATOM   180 C C   . ALA A 1 27 ? -4.121 11.090  -19.190 1.00 27.12  ? 68  ALA A C   1 
ATOM   181 O O   . ALA A 1 27 ? -3.709 9.994   -19.417 1.00 29.31  ? 68  ALA A O   1 
ATOM   182 C CB  . ALA A 1 27 ? -2.479 12.810  -19.733 1.00 25.86  ? 68  ALA A CB  1 
ATOM   183 N N   . ALA A 1 28 ? -4.906 11.353  -18.139 1.00 27.12  ? 69  ALA A N   1 
ATOM   184 C CA  . ALA A 1 28 ? -5.260 10.308  -17.162 1.00 27.15  ? 69  ALA A CA  1 
ATOM   185 C C   . ALA A 1 28 ? -5.985 9.100   -17.707 1.00 27.57  ? 69  ALA A C   1 
ATOM   186 O O   . ALA A 1 28 ? -6.043 8.078   -17.062 1.00 28.10  ? 69  ALA A O   1 
ATOM   187 C CB  . ALA A 1 28 ? -6.132 10.900  -16.083 1.00 28.45  ? 69  ALA A CB  1 
ATOM   188 N N   . VAL A 1 29 ? -6.635 9.249   -18.843 1.00 26.77  ? 70  VAL A N   1 
ATOM   189 C CA  . VAL A 1 29 ? -7.348 8.162   -19.405 1.00 28.00  ? 70  VAL A CA  1 
ATOM   190 C C   . VAL A 1 29 ? -6.780 7.669   -20.710 1.00 27.87  ? 70  VAL A C   1 
ATOM   191 O O   . VAL A 1 29 ? -7.409 6.861   -21.351 1.00 30.62  ? 70  VAL A O   1 
ATOM   192 C CB  . VAL A 1 29 ? -8.830 8.463   -19.495 1.00 30.03  ? 70  VAL A CB  1 
ATOM   193 C CG1 . VAL A 1 29 ? -9.326 9.018   -18.173 1.00 30.96  ? 70  VAL A CG1 1 
ATOM   194 C CG2 . VAL A 1 29 ? -9.167 9.393   -20.656 1.00 31.07  ? 70  VAL A CG2 1 
ATOM   195 N N   . GLU A 1 30 ? -5.552 8.065   -21.040 1.00 27.33  ? 71  GLU A N   1 
ATOM   196 C CA  . GLU A 1 30 ? -4.756 7.397   -22.069 1.00 27.68  ? 71  GLU A CA  1 
ATOM   197 C C   . GLU A 1 30 ? -4.372 5.976   -21.613 1.00 28.02  ? 71  GLU A C   1 
ATOM   198 O O   . GLU A 1 30 ? -4.224 5.707   -20.433 1.00 27.41  ? 71  GLU A O   1 
ATOM   199 C CB  . GLU A 1 30 ? -3.510 8.259   -22.385 1.00 27.89  ? 71  GLU A CB  1 
ATOM   200 C CG  . GLU A 1 30 ? -3.850 9.514   -23.175 1.00 28.01  ? 71  GLU A CG  1 
ATOM   201 C CD  . GLU A 1 30 ? -4.360 9.117   -24.556 1.00 30.92  ? 71  GLU A CD  1 
ATOM   202 O OE1 . GLU A 1 30 ? -3.521 8.582   -25.373 1.00 30.97  ? 71  GLU A OE1 1 
ATOM   203 O OE2 . GLU A 1 30 ? -5.604 9.241   -24.803 1.00 30.05  ? 71  GLU A OE2 1 
ATOM   204 N N   . PRO A 1 31 ? -4.282 5.027   -22.547 1.00 30.81  ? 72  PRO A N   1 
ATOM   205 C CA  . PRO A 1 31 ? -4.187 3.606   -22.174 1.00 30.21  ? 72  PRO A CA  1 
ATOM   206 C C   . PRO A 1 31 ? -2.972 3.320   -21.379 1.00 28.96  ? 72  PRO A C   1 
ATOM   207 O O   . PRO A 1 31 ? -3.078 2.680   -20.353 1.00 28.06  ? 72  PRO A O   1 
ATOM   208 C CB  . PRO A 1 31 ? -4.098 2.878   -23.511 1.00 33.22  ? 72  PRO A CB  1 
ATOM   209 C CG  . PRO A 1 31 ? -4.005 3.905   -24.572 1.00 34.38  ? 72  PRO A CG  1 
ATOM   210 C CD  . PRO A 1 31 ? -4.548 5.183   -24.001 1.00 32.59  ? 72  PRO A CD  1 
ATOM   211 N N   . ASP A 1 32 ? -1.841 3.888   -21.811 1.00 28.61  ? 73  ASP A N   1 
ATOM   212 C CA  . ASP A 1 32 ? -0.604 3.794   -21.072 1.00 27.30  ? 73  ASP A CA  1 
ATOM   213 C C   . ASP A 1 32 ? -0.697 4.311   -19.700 1.00 25.13  ? 73  ASP A C   1 
ATOM   214 O O   . ASP A 1 32 ? -0.170 3.661   -18.790 1.00 25.41  ? 73  ASP A O   1 
ATOM   215 C CB  . ASP A 1 32 ? 0.572  4.468   -21.781 1.00 29.19  ? 73  ASP A CB  1 
ATOM   216 C CG  . ASP A 1 32 ? 0.372  5.964   -22.085 1.00 28.94  ? 73  ASP A CG  1 
ATOM   217 O OD1 . ASP A 1 32 ? -0.765 6.439   -22.303 1.00 27.64  ? 73  ASP A OD1 1 
ATOM   218 O OD2 . ASP A 1 32 ? 1.453  6.638   -22.202 1.00 30.67  ? 73  ASP A OD2 1 
ATOM   219 N N   . VAL A 1 33 ? -1.361 5.454   -19.496 1.00 23.01  ? 74  VAL A N   1 
ATOM   220 C CA  . VAL A 1 33 ? -1.535 5.969   -18.127 1.00 21.75  ? 74  VAL A CA  1 
ATOM   221 C C   . VAL A 1 33 ? -2.398 5.112   -17.242 1.00 21.66  ? 74  VAL A C   1 
ATOM   222 O O   . VAL A 1 33 ? -2.125 4.887   -16.070 1.00 21.00  ? 74  VAL A O   1 
ATOM   223 C CB  . VAL A 1 33 ? -2.061 7.376   -18.144 1.00 20.95  ? 74  VAL A CB  1 
ATOM   224 C CG1 . VAL A 1 33 ? -2.362 7.845   -16.742 1.00 21.13  ? 74  VAL A CG1 1 
ATOM   225 C CG2 . VAL A 1 33 ? -1.052 8.334   -18.762 1.00 21.41  ? 74  VAL A CG2 1 
ATOM   226 N N   . VAL A 1 34 ? -3.439 4.603   -17.845 1.00 23.32  ? 75  VAL A N   1 
ATOM   227 C CA  . VAL A 1 34 ? -4.379 3.668   -17.191 1.00 24.20  ? 75  VAL A CA  1 
ATOM   228 C C   . VAL A 1 34 ? -3.666 2.429   -16.625 1.00 23.98  ? 75  VAL A C   1 
ATOM   229 O O   . VAL A 1 34 ? -3.870 1.992   -15.453 1.00 23.21  ? 75  VAL A O   1 
ATOM   230 C CB  . VAL A 1 34 ? -5.493 3.289   -18.220 1.00 26.74  ? 75  VAL A CB  1 
ATOM   231 C CG1 . VAL A 1 34 ? -6.285 2.025   -17.854 1.00 28.60  ? 75  VAL A CG1 1 
ATOM   232 C CG2 . VAL A 1 34 ? -6.439 4.502   -18.341 1.00 28.11  ? 75  VAL A CG2 1 
ATOM   233 N N   . VAL A 1 35 ? -2.847 1.849   -17.462 1.00 24.15  ? 76  VAL A N   1 
ATOM   234 C CA  . VAL A 1 35 ? -2.104 0.677   -17.088 1.00 25.18  ? 76  VAL A CA  1 
ATOM   235 C C   . VAL A 1 35 ? -1.092 0.983   -15.998 1.00 24.71  ? 76  VAL A C   1 
ATOM   236 O O   . VAL A 1 35 ? -1.034 0.221   -15.003 1.00 24.05  ? 76  VAL A O   1 
ATOM   237 C CB  . VAL A 1 35 ? -1.435 0.085   -18.323 1.00 27.32  ? 76  VAL A CB  1 
ATOM   238 C CG1 . VAL A 1 35 ? -0.397 -0.977  -17.962 1.00 27.73  ? 76  VAL A CG1 1 
ATOM   239 C CG2 . VAL A 1 35 ? -2.516 -0.478  -19.208 1.00 29.69  ? 76  VAL A CG2 1 
ATOM   240 N N   . LYS A 1 36 ? -0.346 2.096   -16.130 1.00 24.46  ? 77  LYS A N   1 
ATOM   241 C CA  . LYS A 1 36 ? 0.631  2.483   -15.086 1.00 24.75  ? 77  LYS A CA  1 
ATOM   242 C C   . LYS A 1 36 ? -0.042 2.814   -13.810 1.00 23.99  ? 77  LYS A C   1 
ATOM   243 O O   . LYS A 1 36 ? 0.420  2.429   -12.735 1.00 23.14  ? 77  LYS A O   1 
ATOM   244 C CB  . LYS A 1 36 ? 1.532  3.625   -15.509 1.00 25.39  ? 77  LYS A CB  1 
ATOM   245 C CG  . LYS A 1 36 ? 2.452  3.245   -16.640 1.00 28.27  ? 77  LYS A CG  1 
ATOM   246 C CD  . LYS A 1 36 ? 3.676  2.494   -16.181 1.00 31.07  ? 77  LYS A CD  1 
ATOM   247 C CE  . LYS A 1 36 ? 4.401  1.802   -17.311 1.00 34.27  ? 77  LYS A CE  1 
ATOM   248 N NZ  . LYS A 1 36 ? 5.576  1.063   -16.702 1.00 38.31  ? 77  LYS A NZ  1 
ATOM   249 N N   . ARG A 1 37 ? -1.197 3.435   -13.896 1.00 30.35  ? 78  ARG A N   1 
ATOM   250 C CA  . ARG A 1 37 ? -1.943 3.636   -12.647 1.00 32.84  ? 78  ARG A CA  1 
ATOM   251 C C   . ARG A 1 37 ? -2.334 2.329   -11.995 1.00 29.88  ? 78  ARG A C   1 
ATOM   252 O O   . ARG A 1 37 ? -2.186 2.152   -10.775 1.00 28.63  ? 78  ARG A O   1 
ATOM   253 C CB  . ARG A 1 37 ? -3.190 4.485   -12.795 1.00 37.83  ? 78  ARG A CB  1 
ATOM   254 C CG  . ARG A 1 37 ? -3.631 4.899   -11.399 1.00 42.66  ? 78  ARG A CG  1 
ATOM   255 C CD  . ARG A 1 37 ? -4.741 5.925   -11.336 1.00 48.60  ? 78  ARG A CD  1 
ATOM   256 N NE  . ARG A 1 37 ? -4.485 7.125   -12.127 1.00 54.75  ? 78  ARG A NE  1 
ATOM   257 C CZ  . ARG A 1 37 ? -4.906 7.355   -13.378 1.00 55.40  ? 78  ARG A CZ  1 
ATOM   258 N NH1 . ARG A 1 37 ? -5.597 6.445   -14.076 1.00 53.34  ? 78  ARG A NH1 1 
ATOM   259 N NH2 . ARG A 1 37 ? -4.621 8.527   -13.941 1.00 60.91  ? 78  ARG A NH2 1 
ATOM   260 N N   . GLN A 1 38 ? -2.761 1.373   -12.814 1.00 28.26  ? 79  GLN A N   1 
ATOM   261 C CA  . GLN A 1 38 ? -3.145 0.106   -12.259 1.00 25.64  ? 79  GLN A CA  1 
ATOM   262 C C   . GLN A 1 38 ? -1.894 -0.575  -11.748 1.00 24.54  ? 79  GLN A C   1 
ATOM   263 O O   . GLN A 1 38 ? -1.930 -1.191  -10.697 1.00 23.47  ? 79  GLN A O   1 
ATOM   264 C CB  . GLN A 1 38 ? -3.924 -0.745  -13.285 1.00 26.05  ? 79  GLN A CB  1 
ATOM   265 C CG  . GLN A 1 38 ? -4.858 -1.746  -12.605 1.00 26.75  ? 79  GLN A CG  1 
ATOM   266 C CD  . GLN A 1 38 ? -5.853 -1.014  -11.706 1.00 28.82  ? 79  GLN A CD  1 
ATOM   267 O OE1 . GLN A 1 38 ? -6.312 0.021   -12.114 1.00 35.28  ? 79  GLN A OE1 1 
ATOM   268 N NE2 . GLN A 1 38 ? -6.130 -1.479  -10.502 1.00 28.71  ? 79  GLN A NE2 1 
ATOM   269 N N   . GLU A 1 39 ? -0.790 -0.461  -12.448 1.00 25.79  ? 80  GLU A N   1 
ATOM   270 C CA  . GLU A 1 39 ? 0.423  -1.101  -11.981 1.00 28.10  ? 80  GLU A CA  1 
ATOM   271 C C   . GLU A 1 39 ? 0.850  -0.509  -10.657 1.00 28.85  ? 80  GLU A C   1 
ATOM   272 O O   . GLU A 1 39 ? 1.323  -1.248  -9.781  1.00 28.90  ? 80  GLU A O   1 
ATOM   273 C CB  . GLU A 1 39 ? 1.597  -1.006  -12.953 1.00 32.42  ? 80  GLU A CB  1 
ATOM   274 C CG  . GLU A 1 39 ? 1.441  -1.793  -14.259 1.00 36.73  ? 80  GLU A CG  1 
ATOM   275 C CD  . GLU A 1 39 ? 2.742  -2.001  -15.098 1.00 43.05  ? 80  GLU A CD  1 
ATOM   276 O OE1 . GLU A 1 39 ? 3.834  -1.445  -14.729 1.00 48.01  ? 80  GLU A OE1 1 
ATOM   277 O OE2 . GLU A 1 39 ? 2.679  -2.753  -16.134 1.00 45.51  ? 80  GLU A OE2 1 
ATOM   278 N N   . ALA A 1 40 ? 0.687  0.802   -10.493 1.00 30.66  ? 81  ALA A N   1 
ATOM   279 C CA  . ALA A 1 40 ? 1.055  1.436   -9.255  1.00 31.83  ? 81  ALA A CA  1 
ATOM   280 C C   . ALA A 1 40 ? 0.248  0.928   -8.081  1.00 32.12  ? 81  ALA A C   1 
ATOM   281 O O   . ALA A 1 40 ? 0.789  0.564   -7.052  1.00 32.87  ? 81  ALA A O   1 
ATOM   282 C CB  . ALA A 1 40 ? 0.901  2.912   -9.368  1.00 35.22  ? 81  ALA A CB  1 
ATOM   283 N N   . LEU A 1 41 ? -1.062 0.933   -8.237  1.00 32.56  ? 82  LEU A N   1 
ATOM   284 C CA  . LEU A 1 41 ? -2.001 0.446   -7.220  1.00 31.16  ? 82  LEU A CA  1 
ATOM   285 C C   . LEU A 1 41 ? -1.784 -1.037  -6.897  1.00 28.86  ? 82  LEU A C   1 
ATOM   286 O O   . LEU A 1 41 ? -1.872 -1.453  -5.730  1.00 30.63  ? 82  LEU A O   1 
ATOM   287 C CB  . LEU A 1 41 ? -3.445 0.624   -7.754  1.00 32.29  ? 82  LEU A CB  1 
ATOM   288 C CG  . LEU A 1 41 ? -4.047 2.027   -8.034  1.00 35.95  ? 82  LEU A CG  1 
ATOM   289 C CD1 . LEU A 1 41 ? -5.357 2.039   -8.835  1.00 37.17  ? 82  LEU A CD1 1 
ATOM   290 C CD2 . LEU A 1 41 ? -4.321 2.844   -6.780  1.00 39.36  ? 82  LEU A CD2 1 
ATOM   291 N N   . ALA A 1 42 ? -1.568 -1.856  -7.942  1.00 26.43  ? 83  ALA A N   1 
ATOM   292 C CA  . ALA A 1 42 ? -1.256 -3.291  -7.721  1.00 25.24  ? 83  ALA A CA  1 
ATOM   293 C C   . ALA A 1 42 ? 0.083  -3.432  -6.902  1.00 25.16  ? 83  ALA A C   1 
ATOM   294 O O   . ALA A 1 42 ? 0.138  -4.147  -5.946  1.00 25.30  ? 83  ALA A O   1 
ATOM   295 C CB  . ALA A 1 42 ? -1.181 -4.052  -9.016  1.00 25.20  ? 83  ALA A CB  1 
ATOM   296 N N   . ALA A 1 43 ? 1.084  -2.635  -7.218  1.00 26.12  ? 84  ALA A N   1 
ATOM   297 C CA  . ALA A 1 43 ? 2.295  -2.645  -6.508  1.00 27.70  ? 84  ALA A CA  1 
ATOM   298 C C   . ALA A 1 43 ? 2.160  -2.244  -5.031  1.00 29.35  ? 84  ALA A C   1 
ATOM   299 O O   . ALA A 1 43 ? 2.700  -2.920  -4.140  1.00 29.17  ? 84  ALA A O   1 
ATOM   300 C CB  . ALA A 1 43 ? 3.277  -1.771  -7.224  1.00 29.50  ? 84  ALA A CB  1 
ATOM   301 N N   . ALA A 1 44 ? 1.460  -1.149  -4.747  1.00 31.10  ? 85  ALA A N   1 
ATOM   302 C CA  . ALA A 1 44 ? 1.157  -0.797  -3.344  1.00 31.82  ? 85  ALA A CA  1 
ATOM   303 C C   . ALA A 1 44 ? 0.360  -1.891  -2.643  1.00 31.33  ? 85  ALA A C   1 
ATOM   304 O O   . ALA A 1 44 ? 0.589  -2.214  -1.469  1.00 31.84  ? 85  ALA A O   1 
ATOM   305 C CB  . ALA A 1 44 ? 0.364  0.497   -3.295  1.00 33.63  ? 85  ALA A CB  1 
ATOM   306 N N   . ARG A 1 45 ? -0.583 -2.470  -3.346  1.00 28.94  ? 86  ARG A N   1 
ATOM   307 C CA  . ARG A 1 45 ? -1.322 -3.575  -2.744  1.00 29.92  ? 86  ARG A CA  1 
ATOM   308 C C   . ARG A 1 45 ? -0.450 -4.711  -2.311  1.00 31.00  ? 86  ARG A C   1 
ATOM   309 O O   . ARG A 1 45 ? -0.612 -5.237  -1.252  1.00 33.57  ? 86  ARG A O   1 
ATOM   310 C CB  . ARG A 1 45 ? -2.332 -4.139  -3.731  1.00 28.87  ? 86  ARG A CB  1 
ATOM   311 C CG  . ARG A 1 45 ? -3.269 -5.103  -3.049  1.00 30.20  ? 86  ARG A CG  1 
ATOM   312 C CD  . ARG A 1 45 ? -4.441 -5.523  -3.933  1.00 31.28  ? 86  ARG A CD  1 
ATOM   313 N NE  . ARG A 1 45 ? -3.966 -6.230  -5.123  1.00 30.54  ? 86  ARG A NE  1 
ATOM   314 C CZ  . ARG A 1 45 ? -4.028 -5.791  -6.403  1.00 29.29  ? 86  ARG A CZ  1 
ATOM   315 N NH1 . ARG A 1 45 ? -4.563 -4.588  -6.759  1.00 28.16  ? 86  ARG A NH1 1 
ATOM   316 N NH2 . ARG A 1 45 ? -3.589 -6.591  -7.383  1.00 28.51  ? 86  ARG A NH2 1 
ATOM   317 N N   . LEU A 1 46 ? 0.407  -5.166  -3.204  1.00 30.83  ? 87  LEU A N   1 
ATOM   318 C CA  . LEU A 1 46 ? 1.304  -6.283  -2.931  1.00 31.65  ? 87  LEU A CA  1 
ATOM   319 C C   . LEU A 1 46 ? 2.218  -5.989  -1.765  1.00 32.98  ? 87  LEU A C   1 
ATOM   320 O O   . LEU A 1 46 ? 2.458  -6.850  -0.938  1.00 34.64  ? 87  LEU A O   1 
ATOM   321 C CB  . LEU A 1 46 ? 2.171  -6.591  -4.154  1.00 31.08  ? 87  LEU A CB  1 
ATOM   322 C CG  . LEU A 1 46 ? 1.485  -7.182  -5.393  1.00 32.02  ? 87  LEU A CG  1 
ATOM   323 C CD1 . LEU A 1 46 ? 2.494  -7.375  -6.522  1.00 33.85  ? 87  LEU A CD1 1 
ATOM   324 C CD2 . LEU A 1 46 ? 0.925  -8.534  -5.026  1.00 33.47  ? 87  LEU A CD2 1 
ATOM   325 N N   . LYS A 1 47 ? 2.786  -4.797  -1.729  1.00 34.56  ? 88  LYS A N   1 
ATOM   326 C CA  . LYS A 1 47 ? 3.580  -4.368  -0.573  1.00 37.25  ? 88  LYS A CA  1 
ATOM   327 C C   . LYS A 1 47 ? 2.866  -4.603  0.753   1.00 40.12  ? 88  LYS A C   1 
ATOM   328 O O   . LYS A 1 47 ? 3.409  -5.130  1.719   1.00 40.46  ? 88  LYS A O   1 
ATOM   329 C CB  . LYS A 1 47 ? 3.921  -2.900  -0.728  1.00 39.24  ? 88  LYS A CB  1 
ATOM   330 C CG  . LYS A 1 47 ? 4.477  -2.266  0.520   1.00 44.17  ? 88  LYS A CG  1 
ATOM   331 C CD  . LYS A 1 47 ? 5.236  -0.981  0.253   1.00 48.54  ? 88  LYS A CD  1 
ATOM   332 C CE  . LYS A 1 47 ? 6.335  -0.854  1.319   1.00 54.26  ? 88  LYS A CE  1 
ATOM   333 N NZ  . LYS A 1 47 ? 6.914  0.503   1.401   1.00 59.61  ? 88  LYS A NZ  1 
ATOM   334 N N   . MET A 1 48 ? 1.612  -4.204  0.782   1.00 41.35  ? 89  MET A N   1 
ATOM   335 C CA  . MET A 1 48 ? 0.794  -4.320  1.953   1.00 44.07  ? 89  MET A CA  1 
ATOM   336 C C   . MET A 1 48 ? 0.429  -5.706  2.245   1.00 41.61  ? 89  MET A C   1 
ATOM   337 O O   . MET A 1 48 ? 0.471  -6.047  3.401   1.00 41.37  ? 89  MET A O   1 
ATOM   338 C CB  . MET A 1 48 ? -0.480 -3.551  1.831   1.00 52.55  ? 89  MET A CB  1 
ATOM   339 C CG  . MET A 1 48 ? -1.039 -3.205  3.200   1.00 65.29  ? 89  MET A CG  1 
ATOM   340 S SD  . MET A 1 48 ? -0.965 -1.418  3.427   1.00 85.99  ? 89  MET A SD  1 
ATOM   341 C CE  . MET A 1 48 ? -1.997 -0.845  2.041   1.00 82.24  ? 89  MET A CE  1 
ATOM   342 N N   . GLN A 1 49 ? 0.027  -6.482  1.233   1.00 41.61  ? 90  GLN A N   1 
ATOM   343 C CA  . GLN A 1 49 ? -0.257 -7.908  1.424   1.00 44.58  ? 90  GLN A CA  1 
ATOM   344 C C   . GLN A 1 49 ? 0.917  -8.668  2.066   1.00 43.71  ? 90  GLN A C   1 
ATOM   345 O O   . GLN A 1 49 ? 0.736  -9.464  2.973   1.00 40.26  ? 90  GLN A O   1 
ATOM   346 C CB  . GLN A 1 49 ? -0.710 -8.590  0.127   1.00 48.26  ? 90  GLN A CB  1 
ATOM   347 C CG  . GLN A 1 49 ? -2.231 -8.406  -0.071  1.00 57.24  ? 90  GLN A CG  1 
ATOM   348 C CD  . GLN A 1 49 ? -2.804 -8.898  -1.435  1.00 63.58  ? 90  GLN A CD  1 
ATOM   349 O OE1 . GLN A 1 49 ? -2.068 -9.058  -2.436  1.00 63.58  ? 90  GLN A OE1 1 
ATOM   350 N NE2 . GLN A 1 49 ? -4.142 -9.118  -1.476  1.00 66.95  ? 90  GLN A NE2 1 
ATOM   351 N N   . GLU A 1 50 ? 2.141  -8.380  1.657   1.00 44.24  ? 91  GLU A N   1 
ATOM   352 C CA  . GLU A 1 50 ? 3.250  -9.143  2.220   1.00 46.07  ? 91  GLU A CA  1 
ATOM   353 C C   . GLU A 1 50 ? 3.438  -8.719  3.692   1.00 44.09  ? 91  GLU A C   1 
ATOM   354 O O   . GLU A 1 50 ? 3.682  -9.581  4.520   1.00 42.85  ? 91  GLU A O   1 
ATOM   355 C CB  . GLU A 1 50 ? 4.510  -9.036  1.366   1.00 47.81  ? 91  GLU A CB  1 
ATOM   356 C CG  . GLU A 1 50 ? 5.542  -10.098 1.664   1.00 53.53  ? 91  GLU A CG  1 
ATOM   357 C CD  . GLU A 1 50 ? 6.451  -9.724  2.854   1.00 58.04  ? 91  GLU A CD  1 
ATOM   358 O OE1 . GLU A 1 50 ? 6.897  -8.543  2.906   1.00 58.12  ? 91  GLU A OE1 1 
ATOM   359 O OE2 . GLU A 1 50 ? 6.755  -10.619 3.731   1.00 64.82  ? 91  GLU A OE2 1 
ATOM   360 N N   . GLU A 1 51 ? 3.225  -7.442  4.005   1.00 41.81  ? 92  GLU A N   1 
ATOM   361 C CA  . GLU A 1 51 ? 3.347  -6.925  5.359   1.00 44.99  ? 92  GLU A CA  1 
ATOM   362 C C   . GLU A 1 51 ? 2.248  -7.420  6.287   1.00 45.60  ? 92  GLU A C   1 
ATOM   363 O O   . GLU A 1 51 ? 2.537  -7.705  7.424   1.00 40.64  ? 92  GLU A O   1 
ATOM   364 C CB  . GLU A 1 51 ? 3.387  -5.410  5.392   1.00 47.21  ? 92  GLU A CB  1 
ATOM   365 C CG  . GLU A 1 51 ? 4.746  -4.911  4.972   1.00 54.89  ? 92  GLU A CG  1 
ATOM   366 C CD  . GLU A 1 51 ? 4.815  -3.414  4.696   1.00 63.52  ? 92  GLU A CD  1 
ATOM   367 O OE1 . GLU A 1 51 ? 3.937  -2.667  5.153   1.00 68.47  ? 92  GLU A OE1 1 
ATOM   368 O OE2 . GLU A 1 51 ? 5.765  -2.957  4.009   1.00 73.40  ? 92  GLU A OE2 1 
ATOM   369 N N   . LEU A 1 52 ? 1.019  -7.547  5.788   1.00 44.15  ? 93  LEU A N   1 
ATOM   370 C CA  . LEU A 1 52 ? -0.062 -8.114  6.566   1.00 44.54  ? 93  LEU A CA  1 
ATOM   371 C C   . LEU A 1 52 ? 0.295  -9.533  6.925   1.00 44.88  ? 93  LEU A C   1 
ATOM   372 O O   . LEU A 1 52 ? 0.145  -9.945  8.078   1.00 43.83  ? 93  LEU A O   1 
ATOM   373 C CB  . LEU A 1 52 ? -1.402 -8.084  5.791   1.00 46.41  ? 93  LEU A CB  1 
ATOM   374 C CG  . LEU A 1 52 ? -1.868 -6.638  5.476   1.00 49.15  ? 93  LEU A CG  1 
ATOM   375 C CD1 . LEU A 1 52 ? -3.023 -6.556  4.487   1.00 50.16  ? 93  LEU A CD1 1 
ATOM   376 C CD2 . LEU A 1 52 ? -2.107 -5.777  6.728   1.00 49.75  ? 93  LEU A CD2 1 
ATOM   377 N N   . ASN A 1 53 ? 0.801  -10.252 5.931   1.00 45.20  ? 94  ASN A N   1 
ATOM   378 C CA  . ASN A 1 53 ? 1.204  -11.643 6.101   1.00 46.43  ? 94  ASN A CA  1 
ATOM   379 C C   . ASN A 1 53 ? 2.352  -11.879 7.027   1.00 44.15  ? 94  ASN A C   1 
ATOM   380 O O   . ASN A 1 53 ? 2.382  -12.893 7.700   1.00 45.09  ? 94  ASN A O   1 
ATOM   381 C CB  . ASN A 1 53 ? 1.544  -12.296 4.778   1.00 48.30  ? 94  ASN A CB  1 
ATOM   382 C CG  . ASN A 1 53 ? 0.317  -12.562 3.948   1.00 54.65  ? 94  ASN A CG  1 
ATOM   383 O OD1 . ASN A 1 53 ? -0.830 -12.318 4.406   1.00 59.44  ? 94  ASN A OD1 1 
ATOM   384 N ND2 . ASN A 1 53 ? 0.531  -13.018 2.688   1.00 56.50  ? 94  ASN A ND2 1 
ATOM   385 N N   . ALA A 1 54 ? 3.308  -10.979 7.006   1.00 41.75  ? 95  ALA A N   1 
ATOM   386 C CA  . ALA A 1 54 ? 4.391  -10.971 7.946   1.00 40.66  ? 95  ALA A CA  1 
ATOM   387 C C   . ALA A 1 54 ? 3.813  -10.827 9.316   1.00 41.77  ? 95  ALA A C   1 
ATOM   388 O O   . ALA A 1 54 ? 4.148  -11.593 10.221  1.00 44.31  ? 95  ALA A O   1 
ATOM   389 C CB  . ALA A 1 54 ? 5.329  -9.812  7.664   1.00 40.97  ? 95  ALA A CB  1 
ATOM   390 N N   . GLN A 1 55 ? 2.911  -9.877  9.497   1.00 41.87  ? 96  GLN A N   1 
ATOM   391 C CA  . GLN A 1 55 ? 2.311  -9.716  10.812  1.00 42.38  ? 96  GLN A CA  1 
ATOM   392 C C   . GLN A 1 55 ? 1.489  -10.881 11.287  1.00 40.32  ? 96  GLN A C   1 
ATOM   393 O O   . GLN A 1 55 ? 1.529  -11.224 12.471  1.00 38.44  ? 96  GLN A O   1 
ATOM   394 C CB  . GLN A 1 55 ? 1.486  -8.496  10.863  1.00 45.76  ? 96  GLN A CB  1 
ATOM   395 C CG  . GLN A 1 55 ? 2.313  -7.250  10.969  1.00 52.61  ? 96  GLN A CG  1 
ATOM   396 C CD  . GLN A 1 55 ? 1.555  -6.211  11.782  1.00 61.74  ? 96  GLN A CD  1 
ATOM   397 O OE1 . GLN A 1 55 ? 0.638  -5.577  11.246  1.00 63.65  ? 96  GLN A OE1 1 
ATOM   398 N NE2 . GLN A 1 55 ? 1.878  -6.085  13.111  1.00 66.99  ? 96  GLN A NE2 1 
ATOM   399 N N   . VAL A 1 56 ? 0.738  -11.470 10.374  1.00 39.90  ? 97  VAL A N   1 
ATOM   400 C CA  . VAL A 1 56 ? -0.149 -12.525 10.741  1.00 42.41  ? 97  VAL A CA  1 
ATOM   401 C C   . VAL A 1 56 ? 0.690  -13.605 11.379  1.00 50.16  ? 97  VAL A C   1 
ATOM   402 O O   . VAL A 1 56 ? 0.352  -14.118 12.473  1.00 50.30  ? 97  VAL A O   1 
ATOM   403 C CB  . VAL A 1 56 ? -0.862 -13.087 9.534   1.00 41.56  ? 97  VAL A CB  1 
ATOM   404 C CG1 . VAL A 1 56 ? -1.370 -14.489 9.746   1.00 41.88  ? 97  VAL A CG1 1 
ATOM   405 C CG2 . VAL A 1 56 ? -2.015 -12.193 9.180   1.00 42.98  ? 97  VAL A CG2 1 
ATOM   406 N N   . GLU A 1 57 ? 1.791  -13.938 10.692  1.00 52.93  ? 98  GLU A N   1 
ATOM   407 C CA  . GLU A 1 57 ? 2.637  -15.032 11.120  1.00 55.60  ? 98  GLU A CA  1 
ATOM   408 C C   . GLU A 1 57 ? 3.370  -14.708 12.437  1.00 51.70  ? 98  GLU A C   1 
ATOM   409 O O   . GLU A 1 57 ? 3.447  -15.567 13.288  1.00 49.09  ? 98  GLU A O   1 
ATOM   410 C CB  . GLU A 1 57 ? 3.570  -15.498 9.983   1.00 60.02  ? 98  GLU A CB  1 
ATOM   411 C CG  . GLU A 1 57 ? 2.847  -16.111 8.760   1.00 67.44  ? 98  GLU A CG  1 
ATOM   412 C CD  . GLU A 1 57 ? 1.873  -17.317 9.031   1.00 74.60  ? 98  GLU A CD  1 
ATOM   413 O OE1 . GLU A 1 57 ? 2.295  -18.396 9.526   1.00 75.47  ? 98  GLU A OE1 1 
ATOM   414 O OE2 . GLU A 1 57 ? 0.657  -17.215 8.694   1.00 79.82  ? 98  GLU A OE2 1 
ATOM   415 N N   . LYS A 1 58 ? 3.867  -13.481 12.602  1.00 47.07  ? 99  LYS A N   1 
ATOM   416 C CA  . LYS A 1 58 ? 4.458  -13.020 13.891  1.00 51.87  ? 99  LYS A CA  1 
ATOM   417 C C   . LYS A 1 58 ? 3.513  -13.209 15.097  1.00 51.58  ? 99  LYS A C   1 
ATOM   418 O O   . LYS A 1 58 ? 3.955  -13.589 16.187  1.00 50.22  ? 99  LYS A O   1 
ATOM   419 C CB  . LYS A 1 58 ? 4.888  -11.538 13.824  1.00 55.95  ? 99  LYS A CB  1 
ATOM   420 C CG  . LYS A 1 58 ? 4.893  -10.746 15.145  1.00 61.65  ? 99  LYS A CG  1 
ATOM   421 C CD  . LYS A 1 58 ? 4.523  -9.273  14.956  1.00 68.38  ? 99  LYS A CD  1 
ATOM   422 C CE  . LYS A 1 58 ? 4.291  -8.578  16.291  1.00 73.37  ? 99  LYS A CE  1 
ATOM   423 N NZ  . LYS A 1 58 ? 5.521  -8.601  17.126  1.00 78.73  ? 99  LYS A NZ  1 
ATOM   424 N N   . HIS A 1 59 ? 2.235  -12.889 14.899  1.00 48.19  ? 100 HIS A N   1 
ATOM   425 C CA  . HIS A 1 59 ? 1.236  -13.038 15.943  1.00 47.42  ? 100 HIS A CA  1 
ATOM   426 C C   . HIS A 1 59 ? 0.913  -14.476 16.198  1.00 47.31  ? 100 HIS A C   1 
ATOM   427 O O   . HIS A 1 59 ? 0.779  -14.841 17.362  1.00 46.66  ? 100 HIS A O   1 
ATOM   428 C CB  . HIS A 1 59 ? -0.019 -12.263 15.620  1.00 47.63  ? 100 HIS A CB  1 
ATOM   429 C CG  . HIS A 1 59 ? 0.136  -10.794 15.829  1.00 48.13  ? 100 HIS A CG  1 
ATOM   430 N ND1 . HIS A 1 59 ? -0.001 -9.877  14.816  1.00 50.90  ? 100 HIS A ND1 1 
ATOM   431 C CD2 . HIS A 1 59 ? 0.453  -10.089 16.935  1.00 48.67  ? 100 HIS A CD2 1 
ATOM   432 C CE1 . HIS A 1 59 ? 0.186  -8.662  15.298  1.00 51.73  ? 100 HIS A CE1 1 
ATOM   433 N NE2 . HIS A 1 59 ? 0.473  -8.765  16.581  1.00 53.40  ? 100 HIS A NE2 1 
ATOM   434 N N   . LYS A 1 60 ? 0.823  -15.290 15.142  1.00 47.21  ? 101 LYS A N   1 
ATOM   435 C CA  . LYS A 1 60 ? 0.592  -16.745 15.307  1.00 49.97  ? 101 LYS A CA  1 
ATOM   436 C C   . LYS A 1 60 ? 1.711  -17.451 16.074  1.00 50.52  ? 101 LYS A C   1 
ATOM   437 O O   . LYS A 1 60 ? 1.467  -18.365 16.863  1.00 51.35  ? 101 LYS A O   1 
ATOM   438 C CB  . LYS A 1 60 ? 0.446  -17.425 13.963  1.00 51.70  ? 101 LYS A CB  1 
ATOM   439 C CG  . LYS A 1 60 ? -0.866 -17.136 13.291  1.00 54.80  ? 101 LYS A CG  1 
ATOM   440 C CD  . LYS A 1 60 ? -0.840 -17.672 11.865  1.00 58.91  ? 101 LYS A CD  1 
ATOM   441 C CE  . LYS A 1 60 ? -2.228 -17.747 11.244  1.00 62.01  ? 101 LYS A CE  1 
ATOM   442 N NZ  . LYS A 1 60 ? -2.312 -18.967 10.400  1.00 69.76  ? 101 LYS A NZ  1 
ATOM   443 N N   . GLU A 1 61 ? 2.930  -17.013 15.805  1.00 51.03  ? 102 GLU A N   1 
ATOM   444 C CA  . GLU A 1 61 ? 4.102  -17.455 16.504  1.00 52.77  ? 102 GLU A CA  1 
ATOM   445 C C   . GLU A 1 61 ? 3.991  -17.061 17.961  1.00 49.93  ? 102 GLU A C   1 
ATOM   446 O O   . GLU A 1 61 ? 4.153  -17.889 18.843  1.00 47.09  ? 102 GLU A O   1 
ATOM   447 C CB  . GLU A 1 61 ? 5.315  -16.810 15.877  1.00 58.96  ? 102 GLU A CB  1 
ATOM   448 C CG  . GLU A 1 61 ? 6.635  -17.096 16.554  1.00 69.71  ? 102 GLU A CG  1 
ATOM   449 C CD  . GLU A 1 61 ? 7.549  -15.880 16.542  1.00 80.49  ? 102 GLU A CD  1 
ATOM   450 O OE1 . GLU A 1 61 ? 7.714  -15.277 15.451  1.00 84.40  ? 102 GLU A OE1 1 
ATOM   451 O OE2 . GLU A 1 61 ? 8.103  -15.530 17.620  1.00 88.01  ? 102 GLU A OE2 1 
ATOM   452 N N   . LYS A 1 62 ? 3.710  -15.791 18.206  1.00 49.44  ? 103 LYS A N   1 
ATOM   453 C CA  . LYS A 1 62 ? 3.473  -15.349 19.550  1.00 48.59  ? 103 LYS A CA  1 
ATOM   454 C C   . LYS A 1 62 ? 2.479  -16.229 20.243  1.00 44.60  ? 103 LYS A C   1 
ATOM   455 O O   . LYS A 1 62 ? 2.717  -16.627 21.349  1.00 42.95  ? 103 LYS A O   1 
ATOM   456 C CB  . LYS A 1 62 ? 2.998  -13.917 19.583  1.00 55.62  ? 103 LYS A CB  1 
ATOM   457 C CG  . LYS A 1 62 ? 4.096  -12.970 20.011  1.00 63.07  ? 103 LYS A CG  1 
ATOM   458 C CD  . LYS A 1 62 ? 4.353  -13.081 21.502  1.00 67.60  ? 103 LYS A CD  1 
ATOM   459 C CE  . LYS A 1 62 ? 5.032  -11.821 22.001  1.00 77.61  ? 103 LYS A CE  1 
ATOM   460 N NZ  . LYS A 1 62 ? 5.105  -11.788 23.492  1.00 85.27  ? 103 LYS A NZ  1 
ATOM   461 N N   . LEU A 1 63 ? 1.377  -16.559 19.592  1.00 45.26  ? 104 LEU A N   1 
ATOM   462 C CA  . LEU A 1 63 ? 0.381  -17.435 20.209  1.00 50.29  ? 104 LEU A CA  1 
ATOM   463 C C   . LEU A 1 63 ? 0.949  -18.746 20.722  1.00 50.19  ? 104 LEU A C   1 
ATOM   464 O O   . LEU A 1 63 ? 0.745  -19.114 21.877  1.00 47.15  ? 104 LEU A O   1 
ATOM   465 C CB  . LEU A 1 63 ? -0.779 -17.758 19.267  1.00 52.55  ? 104 LEU A CB  1 
ATOM   466 C CG  . LEU A 1 63 ? -1.810 -16.673 18.959  1.00 57.45  ? 104 LEU A CG  1 
ATOM   467 C CD1 . LEU A 1 63 ? -2.941 -17.296 18.120  1.00 59.38  ? 104 LEU A CD1 1 
ATOM   468 C CD2 . LEU A 1 63 ? -2.370 -15.976 20.211  1.00 60.40  ? 104 LEU A CD2 1 
ATOM   469 N N   . LYS A 1 64 ? 1.637  -19.446 19.843  1.00 52.84  ? 105 LYS A N   1 
ATOM   470 C CA  . LYS A 1 64 ? 2.236  -20.709 20.205  1.00 56.55  ? 105 LYS A CA  1 
ATOM   471 C C   . LYS A 1 64 ? 3.250  -20.527 21.328  1.00 53.16  ? 105 LYS A C   1 
ATOM   472 O O   . LYS A 1 64 ? 3.263  -21.334 22.225  1.00 53.75  ? 105 LYS A O   1 
ATOM   473 C CB  . LYS A 1 64 ? 2.833  -21.410 18.984  1.00 63.74  ? 105 LYS A CB  1 
ATOM   474 C CG  . LYS A 1 64 ? 1.743  -22.039 18.097  1.00 71.27  ? 105 LYS A CG  1 
ATOM   475 C CD  . LYS A 1 64 ? 2.126  -22.134 16.601  1.00 77.80  ? 105 LYS A CD  1 
ATOM   476 C CE  . LYS A 1 64 ? 0.907  -22.138 15.643  1.00 81.24  ? 105 LYS A CE  1 
ATOM   477 N NZ  . LYS A 1 64 ? 1.214  -21.930 14.180  1.00 80.21  ? 105 LYS A NZ  1 
ATOM   478 N N   . GLN A 1 65 ? 4.045  -19.456 21.339  1.00 50.06  ? 106 GLN A N   1 
ATOM   479 C CA  . GLN A 1 65 ? 4.974  -19.255 22.453  1.00 49.07  ? 106 GLN A CA  1 
ATOM   480 C C   . GLN A 1 65 ? 4.161  -19.222 23.736  1.00 48.62  ? 106 GLN A C   1 
ATOM   481 O O   . GLN A 1 65 ? 4.430  -19.981 24.694  1.00 48.40  ? 106 GLN A O   1 
ATOM   482 C CB  . GLN A 1 65 ? 5.792  -17.981 22.320  1.00 52.58  ? 106 GLN A CB  1 
ATOM   483 C CG  . GLN A 1 65 ? 6.792  -17.990 21.164  1.00 60.29  ? 106 GLN A CG  1 
ATOM   484 C CD  . GLN A 1 65 ? 7.526  -16.641 20.955  1.00 64.86  ? 106 GLN A CD  1 
ATOM   485 O OE1 . GLN A 1 65 ? 7.200  -15.618 21.562  1.00 68.59  ? 106 GLN A OE1 1 
ATOM   486 N NE2 . GLN A 1 65 ? 8.520  -16.650 20.079  1.00 68.59  ? 106 GLN A NE2 1 
ATOM   487 N N   . LEU A 1 66 ? 3.108  -18.408 23.706  1.00 45.81  ? 107 LEU A N   1 
ATOM   488 C CA  . LEU A 1 66 ? 2.336  -18.113 24.873  1.00 45.40  ? 107 LEU A CA  1 
ATOM   489 C C   . LEU A 1 66 ? 1.617  -19.338 25.335  1.00 46.68  ? 107 LEU A C   1 
ATOM   490 O O   . LEU A 1 66 ? 1.457  -19.526 26.521  1.00 47.57  ? 107 LEU A O   1 
ATOM   491 C CB  . LEU A 1 66 ? 1.322  -17.004 24.590  1.00 47.47  ? 107 LEU A CB  1 
ATOM   492 C CG  . LEU A 1 66 ? 1.753  -15.514 24.424  1.00 48.80  ? 107 LEU A CG  1 
ATOM   493 C CD1 . LEU A 1 66 ? 0.657  -14.689 23.745  1.00 49.14  ? 107 LEU A CD1 1 
ATOM   494 C CD2 . LEU A 1 66 ? 2.131  -14.857 25.759  1.00 49.13  ? 107 LEU A CD2 1 
ATOM   495 N N   . GLU A 1 67 ? 1.191  -20.170 24.402  1.00 49.11  ? 108 GLU A N   1 
ATOM   496 C CA  . GLU A 1 67 ? 0.517  -21.415 24.739  1.00 54.99  ? 108 GLU A CA  1 
ATOM   497 C C   . GLU A 1 67 ? 1.454  -22.399 25.409  1.00 54.89  ? 108 GLU A C   1 
ATOM   498 O O   . GLU A 1 67 ? 1.091  -23.117 26.347  1.00 52.31  ? 108 GLU A O   1 
ATOM   499 C CB  . GLU A 1 67 ? -0.016 -22.056 23.482  1.00 63.01  ? 108 GLU A CB  1 
ATOM   500 C CG  . GLU A 1 67 ? -1.095 -21.241 22.793  1.00 70.78  ? 108 GLU A CG  1 
ATOM   501 C CD  . GLU A 1 67 ? -2.483 -21.657 23.200  1.00 80.25  ? 108 GLU A CD  1 
ATOM   502 O OE1 . GLU A 1 67 ? -3.316 -21.878 22.279  1.00 94.51  ? 108 GLU A OE1 1 
ATOM   503 O OE2 . GLU A 1 67 ? -2.731 -21.758 24.429  1.00 84.24  ? 108 GLU A OE2 1 
ATOM   504 N N   . GLU A 1 68 ? 2.678  -22.448 24.916  1.00 55.90  ? 109 GLU A N   1 
ATOM   505 C CA  . GLU A 1 68 ? 3.652  -23.224 25.599  1.00 56.14  ? 109 GLU A CA  1 
ATOM   506 C C   . GLU A 1 68 ? 3.977  -22.681 26.991  1.00 52.37  ? 109 GLU A C   1 
ATOM   507 O O   . GLU A 1 68 ? 4.184  -23.473 27.873  1.00 51.12  ? 109 GLU A O   1 
ATOM   508 C CB  . GLU A 1 68 ? 4.878  -23.464 24.752  1.00 59.88  ? 109 GLU A CB  1 
ATOM   509 C CG  . GLU A 1 68 ? 4.631  -24.523 23.659  1.00 68.59  ? 109 GLU A CG  1 
ATOM   510 C CD  . GLU A 1 68 ? 4.311  -25.961 24.159  1.00 74.15  ? 109 GLU A CD  1 
ATOM   511 O OE1 . GLU A 1 68 ? 3.503  -26.660 23.487  1.00 81.12  ? 109 GLU A OE1 1 
ATOM   512 O OE2 . GLU A 1 68 ? 4.873  -26.424 25.192  1.00 72.24  ? 109 GLU A OE2 1 
ATOM   513 N N   . GLU A 1 69 ? 4.010  -21.370 27.196  1.00 55.18  ? 110 GLU A N   1 
ATOM   514 C CA  . GLU A 1 69 ? 4.354  -20.789 28.498  1.00 56.67  ? 110 GLU A CA  1 
ATOM   515 C C   . GLU A 1 69 ? 3.271  -21.211 29.458  1.00 55.25  ? 110 GLU A C   1 
ATOM   516 O O   . GLU A 1 69 ? 3.547  -21.497 30.614  1.00 51.49  ? 110 GLU A O   1 
ATOM   517 C CB  . GLU A 1 69 ? 4.468  -19.253 28.470  1.00 63.66  ? 110 GLU A CB  1 
ATOM   518 C CG  . GLU A 1 69 ? 5.738  -18.683 27.809  1.00 72.02  ? 110 GLU A CG  1 
ATOM   519 C CD  . GLU A 1 69 ? 5.566  -17.272 27.178  1.00 84.26  ? 110 GLU A CD  1 
ATOM   520 O OE1 . GLU A 1 69 ? 5.485  -16.257 27.927  1.00 92.38  ? 110 GLU A OE1 1 
ATOM   521 O OE2 . GLU A 1 69 ? 5.535  -17.148 25.919  1.00 86.32  ? 110 GLU A OE2 1 
ATOM   522 N N   . LYS A 1 70 ? 2.040  -21.289 28.951  1.00 56.83  ? 111 LYS A N   1 
ATOM   523 C CA  . LYS A 1 70 ? 0.908  -21.795 29.729  1.00 55.19  ? 111 LYS A CA  1 
ATOM   524 C C   . LYS A 1 70 ? 1.069  -23.261 30.107  1.00 54.38  ? 111 LYS A C   1 
ATOM   525 O O   . LYS A 1 70 ? 0.725  -23.614 31.241  1.00 52.23  ? 111 LYS A O   1 
ATOM   526 C CB  . LYS A 1 70 ? -0.450 -21.562 29.017  1.00 59.33  ? 111 LYS A CB  1 
ATOM   527 C CG  . LYS A 1 70 ? -1.072 -20.171 29.291  1.00 64.12  ? 111 LYS A CG  1 
ATOM   528 C CD  . LYS A 1 70 ? -1.977 -19.597 28.194  1.00 68.27  ? 111 LYS A CD  1 
ATOM   529 C CE  . LYS A 1 70 ? -3.292 -20.353 27.985  1.00 74.19  ? 111 LYS A CE  1 
ATOM   530 N NZ  . LYS A 1 70 ? -3.987 -19.971 26.704  1.00 78.81  ? 111 LYS A NZ  1 
ATOM   531 N N   . ARG A 1 71 ? 1.548  -24.112 29.188  1.00 51.19  ? 112 ARG A N   1 
ATOM   532 C CA  . ARG A 1 71 ? 1.827  -25.512 29.529  1.00 52.21  ? 112 ARG A CA  1 
ATOM   533 C C   . ARG A 1 71 ? 2.886  -25.616 30.613  1.00 48.24  ? 112 ARG A C   1 
ATOM   534 O O   . ARG A 1 71 ? 2.689  -26.289 31.584  1.00 48.09  ? 112 ARG A O   1 
ATOM   535 C CB  . ARG A 1 71 ? 2.217  -26.342 28.306  1.00 58.59  ? 112 ARG A CB  1 
ATOM   536 C CG  . ARG A 1 71 ? 1.122  -26.537 27.256  1.00 66.17  ? 112 ARG A CG  1 
ATOM   537 C CD  . ARG A 1 71 ? -0.316 -26.670 27.815  1.00 71.90  ? 112 ARG A CD  1 
ATOM   538 N NE  . ARG A 1 71 ? -0.522 -27.701 28.869  1.00 75.15  ? 112 ARG A NE  1 
ATOM   539 C CZ  . ARG A 1 71 ? -0.973 -28.960 28.704  1.00 79.48  ? 112 ARG A CZ  1 
ATOM   540 N NH1 . ARG A 1 71 ? -1.305 -29.456 27.508  1.00 86.13  ? 112 ARG A NH1 1 
ATOM   541 N NH2 . ARG A 1 71 ? -1.093 -29.755 29.769  1.00 78.94  ? 112 ARG A NH2 1 
ATOM   542 N N   . ARG A 1 72 ? 3.968  -24.880 30.471  1.00 48.24  ? 113 ARG A N   1 
ATOM   543 C CA  . ARG A 1 72 ? 5.015  -24.831 31.473  1.00 51.29  ? 113 ARG A CA  1 
ATOM   544 C C   . ARG A 1 72 ? 4.437  -24.600 32.843  1.00 50.06  ? 113 ARG A C   1 
ATOM   545 O O   . ARG A 1 72 ? 4.743  -25.346 33.733  1.00 49.88  ? 113 ARG A O   1 
ATOM   546 C CB  . ARG A 1 72 ? 6.004  -23.715 31.171  1.00 56.76  ? 113 ARG A CB  1 
ATOM   547 C CG  . ARG A 1 72 ? 7.292  -23.710 32.006  1.00 64.84  ? 113 ARG A CG  1 
ATOM   548 C CD  . ARG A 1 72 ? 8.212  -22.512 31.727  1.00 70.59  ? 113 ARG A CD  1 
ATOM   549 N NE  . ARG A 1 72 ? 8.313  -22.209 30.287  1.00 78.91  ? 113 ARG A NE  1 
ATOM   550 C CZ  . ARG A 1 72 ? 8.823  -21.086 29.754  1.00 86.78  ? 113 ARG A CZ  1 
ATOM   551 N NH1 . ARG A 1 72 ? 9.351  -20.129 30.524  1.00 91.95  ? 113 ARG A NH1 1 
ATOM   552 N NH2 . ARG A 1 72 ? 8.827  -20.925 28.424  1.00 85.83  ? 113 ARG A NH2 1 
ATOM   553 N N   . GLN A 1 73 ? 3.590  -23.583 32.992  1.00 49.05  ? 114 GLN A N   1 
ATOM   554 C CA  . GLN A 1 73 ? 3.017  -23.202 34.291  1.00 49.08  ? 114 GLN A CA  1 
ATOM   555 C C   . GLN A 1 73 ? 2.232  -24.319 34.981  1.00 47.66  ? 114 GLN A C   1 
ATOM   556 O O   . GLN A 1 73 ? 2.393  -24.517 36.174  1.00 43.33  ? 114 GLN A O   1 
ATOM   557 C CB  . GLN A 1 73 ? 2.092  -21.998 34.124  1.00 52.00  ? 114 GLN A CB  1 
ATOM   558 C CG  . GLN A 1 73 ? 2.811  -20.660 33.958  1.00 55.89  ? 114 GLN A CG  1 
ATOM   559 C CD  . GLN A 1 73 ? 2.812  -19.850 35.248  1.00 59.46  ? 114 GLN A CD  1 
ATOM   560 O OE1 . GLN A 1 73 ? 1.792  -19.182 35.589  1.00 60.14  ? 114 GLN A OE1 1 
ATOM   561 N NE2 . GLN A 1 73 ? 3.945  -19.894 35.980  1.00 57.78  ? 114 GLN A NE2 1 
ATOM   562 N N   . LYS A 1 74 ? 1.369  -25.012 34.231  1.00 49.04  ? 115 LYS A N   1 
ATOM   563 C CA  . LYS A 1 74 ? 0.603  -26.160 34.751  1.00 51.30  ? 115 LYS A CA  1 
ATOM   564 C C   . LYS A 1 74 ? 1.547  -27.258 35.223  1.00 50.22  ? 115 LYS A C   1 
ATOM   565 O O   . LYS A 1 74 ? 1.447  -27.787 36.332  1.00 46.63  ? 115 LYS A O   1 
ATOM   566 C CB  . LYS A 1 74 ? -0.308 -26.759 33.674  1.00 55.08  ? 115 LYS A CB  1 
ATOM   567 C CG  . LYS A 1 74 ? -1.537 -25.921 33.372  1.00 60.65  ? 115 LYS A CG  1 
ATOM   568 C CD  . LYS A 1 74 ? -2.593 -26.705 32.581  1.00 68.58  ? 115 LYS A CD  1 
ATOM   569 C CE  . LYS A 1 74 ? -3.394 -25.845 31.587  1.00 73.06  ? 115 LYS A CE  1 
ATOM   570 N NZ  . LYS A 1 74 ? -2.625 -25.554 30.324  1.00 73.59  ? 115 LYS A NZ  1 
ATOM   571 N N   . ILE A 1 75 ? 2.476  -27.582 34.347  1.00 48.44  ? 116 ILE A N   1 
ATOM   572 C CA  . ILE A 1 75 ? 3.492  -28.553 34.656  1.00 52.65  ? 116 ILE A CA  1 
ATOM   573 C C   . ILE A 1 75 ? 4.256  -28.125 35.914  1.00 52.71  ? 116 ILE A C   1 
ATOM   574 O O   . ILE A 1 75 ? 4.347  -28.879 36.864  1.00 59.98  ? 116 ILE A O   1 
ATOM   575 C CB  . ILE A 1 75 ? 4.375  -28.825 33.401  1.00 55.49  ? 116 ILE A CB  1 
ATOM   576 C CG1 . ILE A 1 75 ? 3.547  -29.627 32.375  1.00 58.06  ? 116 ILE A CG1 1 
ATOM   577 C CG2 . ILE A 1 75 ? 5.661  -29.570 33.730  1.00 57.82  ? 116 ILE A CG2 1 
ATOM   578 C CD1 . ILE A 1 75 ? 3.989  -29.433 30.950  1.00 59.79  ? 116 ILE A CD1 1 
ATOM   579 N N   . GLU A 1 76 ? 4.787  -26.925 35.921  1.00 53.68  ? 117 GLU A N   1 
ATOM   580 C CA  . GLU A 1 76 ? 5.462  -26.388 37.078  1.00 57.49  ? 117 GLU A CA  1 
ATOM   581 C C   . GLU A 1 76 ? 4.625  -26.715 38.323  1.00 58.69  ? 117 GLU A C   1 
ATOM   582 O O   . GLU A 1 76 ? 5.166  -27.246 39.295  1.00 59.72  ? 117 GLU A O   1 
ATOM   583 C CB  . GLU A 1 76 ? 5.640  -24.879 36.892  1.00 64.59  ? 117 GLU A CB  1 
ATOM   584 C CG  . GLU A 1 76 ? 6.853  -24.260 37.589  1.00 73.83  ? 117 GLU A CG  1 
ATOM   585 C CD  . GLU A 1 76 ? 7.372  -22.993 36.901  1.00 78.49  ? 117 GLU A CD  1 
ATOM   586 O OE1 . GLU A 1 76 ? 7.298  -22.922 35.656  1.00 80.20  ? 117 GLU A OE1 1 
ATOM   587 O OE2 . GLU A 1 76 ? 7.884  -22.081 37.599  1.00 84.84  ? 117 GLU A OE2 1 
ATOM   588 N N   . MET A 1 77 ? 3.295  -26.469 38.244  1.00 58.22  ? 118 MET A N   1 
ATOM   589 C CA  . MET A 1 77 ? 2.326  -26.711 39.349  1.00 55.56  ? 118 MET A CA  1 
ATOM   590 C C   . MET A 1 77 ? 2.284  -28.146 39.923  1.00 59.10  ? 118 MET A C   1 
ATOM   591 O O   . MET A 1 77 ? 2.242  -28.314 41.153  1.00 58.19  ? 118 MET A O   1 
ATOM   592 C CB  . MET A 1 77 ? 0.899  -26.244 38.991  1.00 53.41  ? 118 MET A CB  1 
ATOM   593 C CG  . MET A 1 77 ? -0.139 -26.374 40.136  1.00 54.25  ? 118 MET A CG  1 
ATOM   594 S SD  . MET A 1 77 ? -1.885 -26.012 39.761  1.00 59.76  ? 118 MET A SD  1 
ATOM   595 C CE  . MET A 1 77 ? -2.059 -26.488 38.038  1.00 58.92  ? 118 MET A CE  1 
ATOM   596 N N   . TRP A 1 78 ? 2.285  -29.163 39.071  1.00 61.14  ? 119 TRP A N   1 
ATOM   597 C CA  . TRP A 1 78 ? 2.389  -30.542 39.583  1.00 67.37  ? 119 TRP A CA  1 
ATOM   598 C C   . TRP A 1 78 ? 3.748  -30.877 40.180  1.00 72.18  ? 119 TRP A C   1 
ATOM   599 O O   . TRP A 1 78 ? 3.847  -31.590 41.185  1.00 68.47  ? 119 TRP A O   1 
ATOM   600 C CB  . TRP A 1 78 ? 2.067  -31.525 38.494  1.00 68.86  ? 119 TRP A CB  1 
ATOM   601 C CG  . TRP A 1 78 ? 0.831  -31.178 37.967  1.00 73.50  ? 119 TRP A CG  1 
ATOM   602 C CD1 . TRP A 1 78 ? 0.568  -30.671 36.744  1.00 76.69  ? 119 TRP A CD1 1 
ATOM   603 C CD2 . TRP A 1 78 ? -0.385 -31.191 38.681  1.00 83.55  ? 119 TRP A CD2 1 
ATOM   604 N NE1 . TRP A 1 78 ? -0.768 -30.397 36.628  1.00 81.22  ? 119 TRP A NE1 1 
ATOM   605 C CE2 . TRP A 1 78 ? -1.375 -30.715 37.815  1.00 83.99  ? 119 TRP A CE2 1 
ATOM   606 C CE3 . TRP A 1 78 ? -0.746 -31.593 39.985  1.00 88.85  ? 119 TRP A CE3 1 
ATOM   607 C CZ2 . TRP A 1 78 ? -2.704 -30.619 38.203  1.00 89.40  ? 119 TRP A CZ2 1 
ATOM   608 C CZ3 . TRP A 1 78 ? -2.072 -31.490 40.379  1.00 87.33  ? 119 TRP A CZ3 1 
ATOM   609 C CH2 . TRP A 1 78 ? -3.034 -31.014 39.492  1.00 91.36  ? 119 TRP A CH2 1 
ATOM   610 N N   . ASP A 1 79 ? 4.793  -30.319 39.582  1.00 76.99  ? 120 ASP A N   1 
ATOM   611 C CA  . ASP A 1 79 ? 6.138  -30.739 39.895  1.00 85.41  ? 120 ASP A CA  1 
ATOM   612 C C   . ASP A 1 79 ? 6.764  -29.957 41.075  1.00 92.79  ? 120 ASP A C   1 
ATOM   613 O O   . ASP A 1 79 ? 7.968  -30.063 41.332  1.00 102.16 ? 120 ASP A O   1 
ATOM   614 C CB  . ASP A 1 79 ? 6.959  -30.763 38.596  1.00 85.87  ? 120 ASP A CB  1 
ATOM   615 C CG  . ASP A 1 79 ? 6.470  -31.861 37.608  1.00 85.99  ? 120 ASP A CG  1 
ATOM   616 O OD1 . ASP A 1 79 ? 5.922  -32.915 38.031  1.00 87.83  ? 120 ASP A OD1 1 
ATOM   617 O OD2 . ASP A 1 79 ? 6.641  -31.683 36.392  1.00 85.11  ? 120 ASP A OD2 1 
ATOM   618 N N   . SER A 1 80 ? 5.932  -29.211 41.807  1.00 95.35  ? 121 SER A N   1 
ATOM   619 C CA  . SER A 1 80 ? 6.272  -28.632 43.122  1.00 100.81 ? 121 SER A CA  1 
ATOM   620 C C   . SER A 1 80 ? 5.480  -29.281 44.270  1.00 100.85 ? 121 SER A C   1 
ATOM   621 O O   . SER A 1 80 ? 5.634  -28.905 45.471  1.00 95.73  ? 121 SER A O   1 
ATOM   622 C CB  . SER A 1 80 ? 5.881  -27.167 43.109  1.00 100.62 ? 121 SER A CB  1 
ATOM   623 O OG  . SER A 1 80 ? 4.459  -27.079 42.986  1.00 94.43  ? 121 SER A OG  1 
ATOM   624 N N   . MET A 1 81 ? 4.631  -30.238 43.886  1.00 86.50  ? 122 MET A N   1 
ATOM   625 C CA  . MET A 1 81 ? 3.547  -30.709 44.711  1.00 89.02  ? 122 MET A CA  1 
ATOM   626 C C   . MET A 1 81 ? 3.940  -32.033 45.360  1.00 92.29  ? 122 MET A C   1 
ATOM   627 O O   . MET A 1 81 ? 3.363  -32.434 46.372  1.00 101.83 ? 122 MET A O   1 
ATOM   628 C CB  . MET A 1 81 ? 2.329  -30.890 43.817  1.00 88.51  ? 122 MET A CB  1 
ATOM   629 C CG  . MET A 1 81 ? 1.006  -30.634 44.488  1.00 94.70  ? 122 MET A CG  1 
ATOM   630 S SD  . MET A 1 81 ? -0.306 -30.811 43.259  1.00 100.96 ? 122 MET A SD  1 
ATOM   631 C CE  . MET A 1 81 ? -0.645 -32.572 43.335  1.00 96.55  ? 122 MET A CE  1 
HETATM 632 O O   . HOH B 2 .  ? 4.697  -0.162  -12.877 1.00 46.90  ? 201 HOH A O   1 
HETATM 633 O O   . HOH B 2 .  ? -2.509 35.316  -20.425 1.00 34.78  ? 202 HOH A O   1 
HETATM 634 O O   . HOH B 2 .  ? -3.069 -8.813  -4.739  1.00 45.01  ? 203 HOH A O   1 
HETATM 635 O O   . HOH B 2 .  ? 1.848  29.600  -21.355 1.00 29.88  ? 204 HOH A O   1 
HETATM 636 O O   . HOH B 2 .  ? -4.532 17.506  -27.463 1.00 37.63  ? 205 HOH A O   1 
HETATM 637 O O   . HOH B 2 .  ? -3.879 9.921   -11.739 1.00 47.98  ? 206 HOH A O   1 
HETATM 638 O O   . HOH B 2 .  ? -6.106 2.160   -13.838 1.00 27.97  ? 207 HOH A O   1 
HETATM 639 O O   . HOH B 2 .  ? -9.029 17.719  -22.426 1.00 41.22  ? 208 HOH A O   1 
HETATM 640 O O   . HOH B 2 .  ? -7.486 10.955  -23.492 1.00 29.16  ? 209 HOH A O   1 
HETATM 641 O O   . HOH B 2 .  ? -7.150 17.254  -24.387 1.00 42.55  ? 210 HOH A O   1 
HETATM 642 O O   . HOH B 2 .  ? 1.357  15.901  -16.770 1.00 56.82  ? 211 HOH A O   1 
HETATM 643 O O   . HOH B 2 .  ? 1.803  26.947  -21.261 1.00 31.78  ? 212 HOH A O   1 
HETATM 644 O O   . HOH B 2 .  ? 1.621  43.083  -22.099 1.00 41.06  ? 213 HOH A O   1 
HETATM 645 O O   . HOH B 2 .  ? -0.838 20.112  -10.812 1.00 30.18  ? 214 HOH A O   1 
HETATM 646 O O   . HOH B 2 .  ? 1.584  -34.406 44.010  1.00 62.13  ? 215 HOH A O   1 
HETATM 647 O O   . HOH B 2 .  ? 3.507  -11.621 -0.368  1.00 56.18  ? 216 HOH A O   1 
HETATM 648 O O   . HOH B 2 .  ? 3.518  30.150  -23.497 1.00 44.00  ? 217 HOH A O   1 
# 
loop_
_atom_site_anisotrop.id 
_atom_site_anisotrop.type_symbol 
_atom_site_anisotrop.pdbx_label_atom_id 
_atom_site_anisotrop.pdbx_label_alt_id 
_atom_site_anisotrop.pdbx_label_comp_id 
_atom_site_anisotrop.pdbx_label_asym_id 
_atom_site_anisotrop.pdbx_label_seq_id 
_atom_site_anisotrop.pdbx_PDB_ins_code 
_atom_site_anisotrop.U[1][1] 
_atom_site_anisotrop.U[2][2] 
_atom_site_anisotrop.U[3][3] 
_atom_site_anisotrop.U[1][2] 
_atom_site_anisotrop.U[1][3] 
_atom_site_anisotrop.U[2][3] 
_atom_site_anisotrop.pdbx_auth_seq_id 
_atom_site_anisotrop.pdbx_auth_comp_id 
_atom_site_anisotrop.pdbx_auth_asym_id 
_atom_site_anisotrop.pdbx_auth_atom_id 
1   N N   . HIS A 6  ? 0.8866 0.6789 0.8177 -0.0258 -0.0286 -0.0117 47  HIS A N   
2   C CA  . HIS A 6  ? 0.8496 0.6588 0.7847 -0.0228 -0.0258 -0.0065 47  HIS A CA  
3   C C   . HIS A 6  ? 0.7977 0.6282 0.7441 -0.0118 -0.0206 -0.0119 47  HIS A C   
4   O O   . HIS A 6  ? 0.7297 0.5767 0.6821 -0.0129 -0.0139 -0.0187 47  HIS A O   
5   C CB  . HIS A 6  ? 0.8795 0.6969 0.8091 -0.0382 -0.0195 -0.0011 47  HIS A CB  
6   C CG  . HIS A 6  ? 0.9474 0.7574 0.8579 -0.0438 -0.0240 0.0075  47  HIS A CG  
7   N ND1 . HIS A 6  ? 0.9934 0.8135 0.8955 -0.0457 -0.0218 0.0068  47  HIS A ND1 
8   C CD2 . HIS A 6  ? 1.0160 0.8036 0.9092 -0.0510 -0.0354 0.0191  47  HIS A CD2 
9   C CE1 . HIS A 6  ? 1.0311 0.8324 0.9067 -0.0566 -0.0335 0.0183  47  HIS A CE1 
10  N NE2 . HIS A 6  ? 1.0468 0.8296 0.9182 -0.0594 -0.0421 0.0266  47  HIS A NE2 
11  N N   . HIS A 7  ? 0.7968 0.6267 0.7530 -0.0017 -0.0253 -0.0056 48  HIS A N   
12  C CA  . HIS A 7  ? 0.8043 0.6531 0.7805 0.0098  -0.0213 -0.0066 48  HIS A CA  
13  C C   . HIS A 7  ? 0.7429 0.6147 0.7157 0.0003  -0.0210 -0.0075 48  HIS A C   
14  O O   . HIS A 7  ? 0.6307 0.5190 0.6147 0.0063  -0.0142 -0.0134 48  HIS A O   
15  C CB  . HIS A 7  ? 0.8369 0.6837 0.8424 0.0223  -0.0279 0.0070  48  HIS A CB  
16  C CG  . HIS A 7  ? 0.9498 0.7884 0.9524 0.0116  -0.0482 0.0241  48  HIS A CG  
17  N ND1 . HIS A 7  ? 1.0539 0.8664 1.0478 0.0098  -0.0545 0.0297  48  HIS A ND1 
18  C CD2 . HIS A 7  ? 0.9775 0.8238 0.9786 -0.0009 -0.0668 0.0388  48  HIS A CD2 
19  C CE1 . HIS A 7  ? 1.0738 0.8802 1.0612 -0.0033 -0.0755 0.0475  48  HIS A CE1 
20  N NE2 . HIS A 7  ? 1.0645 0.8883 1.0523 -0.0112 -0.0844 0.0533  48  HIS A NE2 
21  N N   . GLN A 8  ? 0.7314 0.5967 0.6826 -0.0153 -0.0262 -0.0021 49  GLN A N   
22  C CA  . GLN A 8  ? 0.7367 0.6090 0.6730 -0.0259 -0.0232 -0.0037 49  GLN A CA  
23  C C   . GLN A 8  ? 0.6734 0.5576 0.6147 -0.0256 -0.0051 -0.0164 49  GLN A C   
24  O O   . GLN A 8  ? 0.6668 0.5605 0.6075 -0.0274 0.0005  -0.0207 49  GLN A O   
25  C CB  . GLN A 8  ? 0.8535 0.7003 0.7501 -0.0453 -0.0292 0.0047  49  GLN A CB  
26  C CG  . GLN A 8  ? 0.9675 0.8026 0.8621 -0.0497 -0.0565 0.0230  49  GLN A CG  
27  C CD  . GLN A 8  ? 1.1165 0.9160 0.9647 -0.0704 -0.0658 0.0337  49  GLN A CD  
28  O OE1 . GLN A 8  ? 1.1791 0.9680 1.0359 -0.0700 -0.0845 0.0482  49  GLN A OE1 
29  N NE2 . GLN A 8  ? 1.1913 0.9677 0.9895 -0.0886 -0.0496 0.0268  49  GLN A NE2 
30  N N   . LYS A 9  ? 0.6128 0.4947 0.5631 -0.0244 0.0005  -0.0195 50  LYS A N   
31  C CA  . LYS A 9  ? 0.5967 0.4912 0.5654 -0.0243 0.0098  -0.0253 50  LYS A CA  
32  C C   . LYS A 9  ? 0.5294 0.4344 0.5093 -0.0137 0.0055  -0.0306 50  LYS A C   
33  O O   . LYS A 9  ? 0.5156 0.4338 0.5081 -0.0140 0.0102  -0.0337 50  LYS A O   
34  C CB  . LYS A 9  ? 0.6459 0.5328 0.6245 -0.0310 0.0099  -0.0214 50  LYS A CB  
35  C CG  . LYS A 9  ? 0.7515 0.6269 0.7191 -0.0425 0.0203  -0.0154 50  LYS A CG  
36  C CD  . LYS A 9  ? 0.8122 0.6901 0.8073 -0.0510 0.0268  -0.0085 50  LYS A CD  
37  C CE  . LYS A 9  ? 0.8999 0.7683 0.8874 -0.0619 0.0511  -0.0038 50  LYS A CE  
38  N NZ  . LYS A 9  ? 0.9394 0.8229 0.9785 -0.0670 0.0672  0.0047  50  LYS A NZ  
39  N N   . LEU A 10 ? 0.5081 0.4034 0.4831 -0.0044 -0.0003 -0.0309 51  LEU A N   
40  C CA  . LEU A 10 ? 0.4807 0.3795 0.4589 0.0050  0.0030  -0.0362 51  LEU A CA  
41  C C   . LEU A 10 ? 0.4635 0.3846 0.4547 0.0086  0.0059  -0.0347 51  LEU A C   
42  O O   . LEU A 10 ? 0.4506 0.3820 0.4461 0.0091  0.0098  -0.0389 51  LEU A O   
43  C CB  . LEU A 10 ? 0.4953 0.3710 0.4650 0.0152  0.0057  -0.0374 51  LEU A CB  
44  C CG  . LEU A 10 ? 0.5306 0.3743 0.4771 0.0087  0.0006  -0.0404 51  LEU A CG  
45  C CD1 . LEU A 10 ? 0.5648 0.3741 0.4957 0.0204  0.0098  -0.0441 51  LEU A CD1 
46  C CD2 . LEU A 10 ? 0.5268 0.3659 0.4627 -0.0040 -0.0067 -0.0431 51  LEU A CD2 
47  N N   . SER A 11 ? 0.4341 0.3589 0.4292 0.0074  -0.0003 -0.0267 52  SER A N   
48  C CA  . SER A 11 ? 0.4551 0.3957 0.4610 0.0063  -0.0046 -0.0214 52  SER A CA  
49  C C   . SER A 11 ? 0.4435 0.3881 0.4371 -0.0038 -0.0004 -0.0273 52  SER A C   
50  O O   . SER A 11 ? 0.4259 0.3831 0.4282 -0.0029 0.0002  -0.0282 52  SER A O   
51  C CB  . SER A 11 ? 0.4754 0.4099 0.4789 -0.0010 -0.0205 -0.0082 52  SER A CB  
52  O OG  . SER A 11 ? 0.5076 0.4362 0.5285 0.0085  -0.0242 -0.0004 52  SER A OG  
53  N N   . ALA A 12 ? 0.4585 0.3899 0.4339 -0.0132 0.0051  -0.0303 53  ALA A N   
54  C CA  . ALA A 12 ? 0.4685 0.3963 0.4339 -0.0216 0.0168  -0.0357 53  ALA A CA  
55  C C   . ALA A 12 ? 0.4399 0.3847 0.4310 -0.0148 0.0233  -0.0410 53  ALA A C   
56  O O   . ALA A 12 ? 0.4482 0.3983 0.4423 -0.0158 0.0272  -0.0439 53  ALA A O   
57  C CB  . ALA A 12 ? 0.4741 0.3826 0.4222 -0.0312 0.0299  -0.0364 53  ALA A CB  
58  N N   . ARG A 13 ? 0.4403 0.3884 0.4446 -0.0098 0.0202  -0.0406 54  ARG A N   
59  C CA  . ARG A 13 ? 0.4425 0.3999 0.4637 -0.0074 0.0189  -0.0419 54  ARG A CA  
60  C C   . ARG A 13 ? 0.4352 0.4016 0.4554 -0.0020 0.0169  -0.0435 54  ARG A C   
61  O O   . ARG A 13 ? 0.3917 0.3661 0.4230 -0.0033 0.0183  -0.0441 54  ARG A O   
62  C CB  . ARG A 13 ? 0.4806 0.4272 0.5009 -0.0090 0.0098  -0.0397 54  ARG A CB  
63  C CG  . ARG A 13 ? 0.4893 0.4366 0.5326 -0.0174 0.0099  -0.0334 54  ARG A CG  
64  C CD  . ARG A 13 ? 0.5402 0.4715 0.5801 -0.0246 -0.0060 -0.0279 54  ARG A CD  
65  N NE  . ARG A 13 ? 0.6243 0.5531 0.6711 -0.0283 0.0005  -0.0241 54  ARG A NE  
66  C CZ  . ARG A 13 ? 0.6123 0.5511 0.6942 -0.0347 0.0092  -0.0156 54  ARG A CZ  
67  N NH1 . ARG A 13 ? 0.5997 0.5533 0.7267 -0.0389 0.0066  -0.0060 54  ARG A NH1 
68  N NH2 . ARG A 13 ? 0.6622 0.5933 0.7375 -0.0381 0.0196  -0.0137 54  ARG A NH2 
69  N N   . LEU A 14 ? 0.4469 0.4124 0.4610 0.0044  0.0148  -0.0419 55  LEU A N   
70  C CA  . LEU A 14 ? 0.4475 0.4242 0.4699 0.0099  0.0168  -0.0404 55  LEU A CA  
71  C C   . LEU A 14 ? 0.4408 0.4289 0.4695 0.0043  0.0134  -0.0375 55  LEU A C   
72  O O   . LEU A 14 ? 0.4370 0.4350 0.4738 0.0042  0.0148  -0.0374 55  LEU A O   
73  C CB  . LEU A 14 ? 0.4552 0.4302 0.4855 0.0197  0.0203  -0.0356 55  LEU A CB  
74  C CG  . LEU A 14 ? 0.4373 0.4255 0.4868 0.0267  0.0291  -0.0312 55  LEU A CG  
75  C CD1 . LEU A 14 ? 0.4251 0.4030 0.4568 0.0270  0.0399  -0.0376 55  LEU A CD1 
76  C CD2 . LEU A 14 ? 0.4682 0.4560 0.5421 0.0389  0.0369  -0.0228 55  LEU A CD2 
77  N N   . ARG A 15 ? 0.4501 0.4303 0.4679 -0.0029 0.0079  -0.0349 56  ARG A N   
78  C CA  . ARG A 15 ? 0.4805 0.4561 0.4869 -0.0136 0.0032  -0.0336 56  ARG A CA  
79  C C   . ARG A 15 ? 0.4397 0.4120 0.4437 -0.0161 0.0148  -0.0422 56  ARG A C   
80  O O   . ARG A 15 ? 0.3890 0.3640 0.3948 -0.0197 0.0128  -0.0422 56  ARG A O   
81  C CB  . ARG A 15 ? 0.5724 0.5248 0.5485 -0.0259 -0.0041 -0.0301 56  ARG A CB  
82  C CG  . ARG A 15 ? 0.6456 0.6022 0.6326 -0.0263 -0.0234 -0.0154 56  ARG A CG  
83  C CD  . ARG A 15 ? 0.8036 0.7298 0.7497 -0.0457 -0.0387 -0.0082 56  ARG A CD  
84  N NE  . ARG A 15 ? 0.9166 0.8240 0.8407 -0.0477 -0.0337 -0.0098 56  ARG A NE  
85  C CZ  . ARG A 15 ? 1.0717 0.9805 1.0096 -0.0441 -0.0468 0.0019  56  ARG A CZ  
86  N NH1 . ARG A 15 ? 1.1551 1.0847 1.1369 -0.0356 -0.0629 0.0170  56  ARG A NH1 
87  N NH2 . ARG A 15 ? 1.1603 1.0490 1.0739 -0.0482 -0.0413 0.0001  56  ARG A NH2 
88  N N   . ALA A 16 ? 0.3994 0.3664 0.4070 -0.0145 0.0259  -0.0469 57  ALA A N   
89  C CA  . ALA A 16 ? 0.4019 0.3666 0.4219 -0.0153 0.0381  -0.0511 57  ALA A CA  
90  C C   . ALA A 16 ? 0.3932 0.3752 0.4351 -0.0102 0.0314  -0.0489 57  ALA A C   
91  O O   . ALA A 16 ? 0.3970 0.3780 0.4455 -0.0119 0.0350  -0.0500 57  ALA A O   
92  C CB  . ALA A 16 ? 0.4208 0.3815 0.4575 -0.0147 0.0506  -0.0509 57  ALA A CB  
93  N N   . LEU A 17 ? 0.3792 0.3698 0.4248 -0.0055 0.0229  -0.0456 58  LEU A N   
94  C CA  . LEU A 17 ? 0.3596 0.3568 0.4121 -0.0042 0.0181  -0.0430 58  LEU A CA  
95  C C   . LEU A 17 ? 0.3756 0.3814 0.4273 -0.0043 0.0178  -0.0417 58  LEU A C   
96  O O   . LEU A 17 ? 0.3792 0.3884 0.4387 -0.0067 0.0164  -0.0399 58  LEU A O   
97  C CB  . LEU A 17 ? 0.3530 0.3427 0.3917 -0.0020 0.0140  -0.0420 58  LEU A CB  
98  C CG  . LEU A 17 ? 0.3548 0.3385 0.3821 -0.0044 0.0108  -0.0396 58  LEU A CG  
99  C CD1 . LEU A 17 ? 0.3676 0.3527 0.4119 -0.0117 0.0006  -0.0339 58  LEU A CD1 
100 C CD2 . LEU A 17 ? 0.3796 0.3389 0.3757 -0.0051 0.0106  -0.0412 58  LEU A CD2 
101 N N   . ARG A 18 ? 0.3675 0.3768 0.4151 -0.0032 0.0165  -0.0396 59  ARG A N   
102 C CA  . ARG A 18 ? 0.3691 0.3887 0.4252 -0.0056 0.0124  -0.0336 59  ARG A CA  
103 C C   . ARG A 18 ? 0.3726 0.3847 0.4225 -0.0154 0.0087  -0.0353 59  ARG A C   
104 O O   . ARG A 18 ? 0.3830 0.4019 0.4418 -0.0180 0.0067  -0.0322 59  ARG A O   
105 C CB  . ARG A 18 ? 0.4105 0.4333 0.4713 -0.0053 0.0056  -0.0264 59  ARG A CB  
106 C CG  . ARG A 18 ? 0.4471 0.4862 0.5324 -0.0081 -0.0026 -0.0135 59  ARG A CG  
107 C CD  . ARG A 18 ? 0.5079 0.5526 0.6126 -0.0055 -0.0111 -0.0012 59  ARG A CD  
108 N NE  . ARG A 18 ? 0.5215 0.5774 0.6548 0.0105  0.0049  0.0031  59  ARG A NE  
109 C CZ  . ARG A 18 ? 0.5642 0.6168 0.7101 0.0191  0.0069  0.0079  59  ARG A CZ  
110 N NH1 . ARG A 18 ? 0.5960 0.6364 0.7256 0.0115  -0.0102 0.0099  59  ARG A NH1 
111 N NH2 . ARG A 18 ? 0.5259 0.5814 0.6964 0.0349  0.0290  0.0104  59  ARG A NH2 
112 N N   . GLN A 19 ? 0.3964 0.3884 0.4262 -0.0217 0.0110  -0.0411 60  GLN A N   
113 C CA  . GLN A 19 ? 0.4204 0.3898 0.4324 -0.0317 0.0143  -0.0463 60  GLN A CA  
114 C C   . GLN A 19 ? 0.3530 0.3255 0.3852 -0.0267 0.0233  -0.0493 60  GLN A C   
115 O O   . GLN A 19 ? 0.3189 0.2825 0.3484 -0.0323 0.0220  -0.0497 60  GLN A O   
116 C CB  . GLN A 19 ? 0.4907 0.4277 0.4695 -0.0386 0.0252  -0.0540 60  GLN A CB  
117 C CG  . GLN A 19 ? 0.5894 0.5136 0.5380 -0.0502 0.0085  -0.0478 60  GLN A CG  
118 C CD  . GLN A 19 ? 0.7234 0.6177 0.6360 -0.0562 0.0191  -0.0529 60  GLN A CD  
119 O OE1 . GLN A 19 ? 0.7853 0.6743 0.7047 -0.0491 0.0425  -0.0607 60  GLN A OE1 
120 N NE2 . GLN A 19 ? 0.7862 0.6612 0.6646 -0.0709 0.0001  -0.0452 60  GLN A NE2 
121 N N   . ARG A 20 ? 0.3183 0.3009 0.3718 -0.0182 0.0290  -0.0490 61  ARG A N   
122 C CA  . ARG A 20 ? 0.3092 0.2972 0.3904 -0.0146 0.0301  -0.0459 61  ARG A CA  
123 C C   . ARG A 20 ? 0.3062 0.3067 0.3909 -0.0159 0.0188  -0.0395 61  ARG A C   
124 O O   . ARG A 20 ? 0.3304 0.3271 0.4264 -0.0183 0.0180  -0.0372 61  ARG A O   
125 C CB  . ARG A 20 ? 0.3018 0.2960 0.4048 -0.0103 0.0295  -0.0415 61  ARG A CB  
126 C CG  . ARG A 20 ? 0.3292 0.3267 0.4704 -0.0099 0.0246  -0.0324 61  ARG A CG  
127 C CD  . ARG A 20 ? 0.3468 0.3318 0.5154 -0.0070 0.0438  -0.0344 61  ARG A CD  
128 N NE  . ARG A 20 ? 0.3552 0.3384 0.5569 -0.0029 0.0592  -0.0317 61  ARG A NE  
129 C CZ  . ARG A 20 ? 0.3647 0.3310 0.5893 0.0017  0.0884  -0.0351 61  ARG A CZ  
130 N NH1 . ARG A 20 ? 0.3379 0.3086 0.6051 0.0056  0.1031  -0.0281 61  ARG A NH1 
131 N NH2 . ARG A 20 ? 0.3979 0.3395 0.6046 0.0018  0.1051  -0.0446 61  ARG A NH2 
132 N N   . GLN A 21 ? 0.3093 0.3212 0.3849 -0.0142 0.0136  -0.0362 62  GLN A N   
133 C CA  . GLN A 21 ? 0.3090 0.3288 0.3840 -0.0160 0.0101  -0.0300 62  GLN A CA  
134 C C   . GLN A 21 ? 0.3012 0.3250 0.3804 -0.0216 0.0078  -0.0274 62  GLN A C   
135 O O   . GLN A 21 ? 0.3013 0.3252 0.3865 -0.0259 0.0048  -0.0230 62  GLN A O   
136 C CB  . GLN A 21 ? 0.3424 0.3664 0.4064 -0.0116 0.0146  -0.0281 62  GLN A CB  
137 C CG  . GLN A 21 ? 0.3777 0.3870 0.4253 -0.0118 0.0126  -0.0289 62  GLN A CG  
138 C CD  . GLN A 21 ? 0.4208 0.4198 0.4621 -0.0200 0.0034  -0.0225 62  GLN A CD  
139 O OE1 . GLN A 21 ? 0.4217 0.4194 0.4826 -0.0233 -0.0072 -0.0191 62  GLN A OE1 
140 N NE2 . GLN A 21 ? 0.4514 0.4413 0.4684 -0.0240 0.0091  -0.0190 62  GLN A NE2 
141 N N   . LEU A 22 ? 0.3194 0.3301 0.4864 0.0463  0.0210  0.0149  63  LEU A N   
142 C CA  . LEU A 22 ? 0.3057 0.3359 0.4909 0.0490  0.0241  0.0196  63  LEU A CA  
143 C C   . LEU A 22 ? 0.2810 0.3231 0.4466 0.0457  0.0188  0.0204  63  LEU A C   
144 O O   . LEU A 22 ? 0.2713 0.3161 0.4363 0.0467  0.0216  0.0189  63  LEU A O   
145 C CB  . LEU A 22 ? 0.3000 0.3408 0.5164 0.0482  0.0141  0.0318  63  LEU A CB  
146 C CG  . LEU A 22 ? 0.3221 0.3525 0.5677 0.0552  0.0222  0.0331  63  LEU A CG  
147 C CD1 . LEU A 22 ? 0.3251 0.3678 0.6057 0.0517  0.0081  0.0485  63  LEU A CD1 
148 C CD2 . LEU A 22 ? 0.3416 0.3685 0.6005 0.0656  0.0436  0.0307  63  LEU A CD2 
149 N N   . ASP A 23 ? 0.2641 0.3125 0.4169 0.0432  0.0116  0.0254  64  ASP A N   
150 C CA  . ASP A 23 ? 0.2659 0.3212 0.3987 0.0453  0.0111  0.0270  64  ASP A CA  
151 C C   . ASP A 23 ? 0.2758 0.3258 0.3954 0.0439  0.0166  0.0191  64  ASP A C   
152 O O   . ASP A 23 ? 0.2722 0.3220 0.3801 0.0465  0.0175  0.0160  64  ASP A O   
153 C CB  . ASP A 23 ? 0.2675 0.3350 0.3971 0.0468  0.0091  0.0398  64  ASP A CB  
154 C CG  . ASP A 23 ? 0.2911 0.3615 0.4197 0.0493  0.0045  0.0486  64  ASP A CG  
155 O OD1 . ASP A 23 ? 0.3096 0.3697 0.4394 0.0481  -0.0021 0.0445  64  ASP A OD1 
156 O OD2 . ASP A 23 ? 0.3161 0.3991 0.4447 0.0516  0.0061  0.0636  64  ASP A OD2 
157 N N   . ARG A 24 ? 0.2878 0.3265 0.4043 0.0388  0.0169  0.0161  65  ARG A N   
158 C CA  . ARG A 24 ? 0.3192 0.3459 0.4162 0.0353  0.0196  0.0092  65  ARG A CA  
159 C C   . ARG A 24 ? 0.3197 0.3420 0.4144 0.0390  0.0306  0.0013  65  ARG A C   
160 O O   . ARG A 24 ? 0.3134 0.3373 0.3975 0.0375  0.0315  -0.0002 65  ARG A O   
161 C CB  . ARG A 24 ? 0.3488 0.3490 0.4285 0.0273  0.0129  0.0069  65  ARG A CB  
162 C CG  . ARG A 24 ? 0.3453 0.3543 0.4370 0.0195  -0.0033 0.0227  65  ARG A CG  
163 C CD  . ARG A 24 ? 0.3760 0.3500 0.4489 0.0070  -0.0206 0.0238  65  ARG A CD  
164 N NE  . ARG A 24 ? 0.3973 0.3567 0.4444 0.0014  -0.0228 0.0195  65  ARG A NE  
165 C CZ  . ARG A 24 ? 0.4558 0.3705 0.4589 -0.0029 -0.0245 0.0064  65  ARG A CZ  
166 N NH1 . ARG A 24 ? 0.4970 0.3694 0.4725 -0.0004 -0.0241 -0.0050 65  ARG A NH1 
167 N NH2 . ARG A 24 ? 0.4600 0.3668 0.4415 -0.0089 -0.0269 0.0057  65  ARG A NH2 
168 N N   . ALA A 25 ? 0.3103 0.3293 0.4211 0.0438  0.0386  0.0004  66  ALA A N   
169 C CA  . ALA A 25 ? 0.3165 0.3390 0.4395 0.0480  0.0509  0.0012  66  ALA A CA  
170 C C   . ALA A 25 ? 0.3029 0.3424 0.4397 0.0454  0.0395  0.0085  66  ALA A C   
171 O O   . ALA A 25 ? 0.2785 0.3200 0.4135 0.0436  0.0415  0.0100  66  ALA A O   
172 C CB  . ALA A 25 ? 0.3135 0.3339 0.4636 0.0564  0.0639  0.0050  66  ALA A CB  
173 N N   . ALA A 26 ? 0.2877 0.3328 0.4331 0.0449  0.0261  0.0138  67  ALA A N   
174 C CA  . ALA A 26 ? 0.2969 0.3408 0.4371 0.0427  0.0108  0.0183  67  ALA A CA  
175 C C   . ALA A 26 ? 0.3091 0.3459 0.4173 0.0439  0.0078  0.0122  67  ALA A C   
176 O O   . ALA A 26 ? 0.3329 0.3606 0.4336 0.0422  -0.0033 0.0137  67  ALA A O   
177 C CB  . ALA A 26 ? 0.3065 0.3468 0.4435 0.0431  -0.0018 0.0234  67  ALA A CB  
178 N N   . ALA A 27 ? 0.2869 0.3264 0.3808 0.0463  0.0146  0.0084  68  ALA A N   
179 C CA  . ALA A 27 ? 0.2941 0.3309 0.3686 0.0492  0.0141  0.0069  68  ALA A CA  
180 C C   . ALA A 27 ? 0.3089 0.3409 0.3807 0.0446  0.0129  0.0041  68  ALA A C   
181 O O   . ALA A 27 ? 0.3438 0.3682 0.4015 0.0482  0.0070  0.0035  68  ALA A O   
182 C CB  . ALA A 27 ? 0.2873 0.3324 0.3626 0.0485  0.0188  0.0105  68  ALA A CB  
183 N N   . ALA A 28 ? 0.3043 0.3385 0.3877 0.0386  0.0200  0.0037  69  ALA A N   
184 C CA  . ALA A 28 ? 0.3061 0.3382 0.3872 0.0337  0.0205  0.0049  69  ALA A CA  
185 C C   . ALA A 28 ? 0.3103 0.3388 0.3985 0.0320  0.0063  0.0104  69  ALA A C   
186 O O   . ALA A 28 ? 0.3187 0.3447 0.4043 0.0274  0.0021  0.0130  69  ALA A O   
187 C CB  . ALA A 28 ? 0.3193 0.3527 0.4086 0.0319  0.0367  0.0067  69  ALA A CB  
188 N N   . VAL A 29 ? 0.2984 0.3229 0.3956 0.0333  -0.0046 0.0142  70  VAL A N   
189 C CA  . VAL A 29 ? 0.3181 0.3288 0.4168 0.0286  -0.0260 0.0210  70  VAL A CA  
190 C C   . VAL A 29 ? 0.3392 0.3203 0.3997 0.0353  -0.0425 0.0144  70  VAL A C   
191 O O   . VAL A 29 ? 0.3859 0.3414 0.4359 0.0307  -0.0668 0.0190  70  VAL A O   
192 C CB  . VAL A 29 ? 0.3259 0.3481 0.4670 0.0210  -0.0318 0.0377  70  VAL A CB  
193 C CG1 . VAL A 29 ? 0.3192 0.3669 0.4901 0.0214  -0.0053 0.0444  70  VAL A CG1 
194 C CG2 . VAL A 29 ? 0.3384 0.3567 0.4854 0.0223  -0.0396 0.0403  70  VAL A CG2 
195 N N   . GLU A 30 ? 0.3404 0.3210 0.3769 0.0468  -0.0298 0.0058  71  GLU A N   
196 C CA  . GLU A 30 ? 0.3698 0.3202 0.3615 0.0602  -0.0352 -0.0002 71  GLU A CA  
197 C C   . GLU A 30 ? 0.3861 0.3177 0.3608 0.0633  -0.0420 -0.0037 71  GLU A C   
198 O O   . GLU A 30 ? 0.3640 0.3152 0.3619 0.0565  -0.0366 -0.0016 71  GLU A O   
199 C CB  . GLU A 30 ? 0.3688 0.3355 0.3552 0.0727  -0.0140 -0.0005 71  GLU A CB  
200 C CG  . GLU A 30 ? 0.3658 0.3401 0.3583 0.0712  -0.0126 0.0036  71  GLU A CG  
201 C CD  . GLU A 30 ? 0.4298 0.3647 0.3802 0.0758  -0.0293 0.0024  71  GLU A CD  
202 O OE1 . GLU A 30 ? 0.4554 0.3636 0.3575 0.0936  -0.0228 -0.0011 71  GLU A OE1 
203 O OE2 . GLU A 30 ? 0.4180 0.3436 0.3801 0.0625  -0.0499 0.0067  71  GLU A OE2 
204 N N   . PRO A 31 ? 0.4518 0.3380 0.3806 0.0733  -0.0565 -0.0091 72  PRO A N   
205 C CA  . PRO A 31 ? 0.4586 0.3175 0.3714 0.0745  -0.0702 -0.0120 72  PRO A CA  
206 C C   . PRO A 31 ? 0.4321 0.3118 0.3564 0.0841  -0.0500 -0.0125 72  PRO A C   
207 O O   . PRO A 31 ? 0.4103 0.2996 0.3560 0.0738  -0.0563 -0.0090 72  PRO A O   
208 C CB  . PRO A 31 ? 0.5412 0.3351 0.3857 0.0898  -0.0852 -0.0208 72  PRO A CB  
209 C CG  . PRO A 31 ? 0.5644 0.3552 0.3864 0.0980  -0.0752 -0.0216 72  PRO A CG  
210 C CD  . PRO A 31 ? 0.5029 0.3495 0.3857 0.0808  -0.0678 -0.0122 72  PRO A CD  
211 N N   . ASP A 32 ? 0.4261 0.3175 0.3432 0.1018  -0.0262 -0.0122 73  ASP A N   
212 C CA  . ASP A 32 ? 0.3926 0.3109 0.3337 0.1090  -0.0086 -0.0055 73  ASP A CA  
213 C C   . ASP A 32 ? 0.3382 0.2944 0.3223 0.0880  -0.0090 0.0008  73  ASP A C   
214 O O   . ASP A 32 ? 0.3347 0.2975 0.3330 0.0844  -0.0109 0.0055  73  ASP A O   
215 C CB  . ASP A 32 ? 0.4118 0.3451 0.3521 0.1294  0.0166  0.0024  73  ASP A CB  
216 C CG  . ASP A 32 ? 0.3940 0.3545 0.3509 0.1213  0.0233  0.0071  73  ASP A CG  
217 O OD1 . ASP A 32 ? 0.3817 0.3351 0.3333 0.1081  0.0103  0.0008  73  ASP A OD1 
218 O OD2 . ASP A 32 ? 0.3992 0.3881 0.3779 0.1302  0.0418  0.0211  73  ASP A OD2 
219 N N   . VAL A 33 ? 0.2991 0.2751 0.3000 0.0749  -0.0076 0.0013  74  VAL A N   
220 C CA  . VAL A 33 ? 0.2669 0.2660 0.2933 0.0572  -0.0061 0.0049  74  VAL A CA  
221 C C   . VAL A 33 ? 0.2666 0.2596 0.2967 0.0445  -0.0170 0.0051  74  VAL A C   
222 O O   . VAL A 33 ? 0.2532 0.2541 0.2902 0.0349  -0.0167 0.0092  74  VAL A O   
223 C CB  . VAL A 33 ? 0.2484 0.2614 0.2860 0.0508  0.0006  0.0044  74  VAL A CB  
224 C CG1 . VAL A 33 ? 0.2448 0.2663 0.2917 0.0367  0.0039  0.0054  74  VAL A CG1 
225 C CG2 . VAL A 33 ? 0.2490 0.2738 0.2905 0.0591  0.0099  0.0094  74  VAL A CG2 
226 N N   . VAL A 34 ? 0.2948 0.2715 0.3195 0.0433  -0.0296 0.0038  75  VAL A N   
227 C CA  . VAL A 34 ? 0.3040 0.2759 0.3394 0.0307  -0.0436 0.0101  75  VAL A CA  
228 C C   . VAL A 34 ? 0.3077 0.2680 0.3350 0.0311  -0.0520 0.0111  75  VAL A C   
229 O O   . VAL A 34 ? 0.2899 0.2613 0.3306 0.0184  -0.0536 0.0189  75  VAL A O   
230 C CB  . VAL A 34 ? 0.3451 0.2941 0.3767 0.0284  -0.0648 0.0129  75  VAL A CB  
231 C CG1 . VAL A 34 ? 0.3700 0.3050 0.4114 0.0162  -0.0888 0.0235  75  VAL A CG1 
232 C CG2 . VAL A 34 ? 0.3460 0.3173 0.4045 0.0228  -0.0564 0.0191  75  VAL A CG2 
233 N N   . VAL A 35 ? 0.3259 0.2618 0.3297 0.0471  -0.0558 0.0048  76  VAL A N   
234 C CA  . VAL A 35 ? 0.3457 0.2670 0.3439 0.0520  -0.0628 0.0061  76  VAL A CA  
235 C C   . VAL A 35 ? 0.3231 0.2733 0.3424 0.0475  -0.0505 0.0134  76  VAL A C   
236 O O   . VAL A 35 ? 0.3110 0.2627 0.3399 0.0361  -0.0601 0.0204  76  VAL A O   
237 C CB  . VAL A 35 ? 0.3974 0.2803 0.3600 0.0770  -0.0630 -0.0022 76  VAL A CB  
238 C CG1 . VAL A 35 ? 0.4063 0.2776 0.3695 0.0889  -0.0627 0.0008  76  VAL A CG1 
239 C CG2 . VAL A 35 ? 0.4528 0.2912 0.3840 0.0754  -0.0873 -0.0083 76  VAL A CG2 
240 N N   . LYS A 36 ? 0.3105 0.2813 0.3374 0.0528  -0.0338 0.0149  77  LYS A N   
241 C CA  . LYS A 36 ? 0.3006 0.2930 0.3467 0.0440  -0.0302 0.0255  77  LYS A CA  
242 C C   . LYS A 36 ? 0.2892 0.2879 0.3343 0.0217  -0.0343 0.0271  77  LYS A C   
243 O O   . LYS A 36 ? 0.2771 0.2769 0.3250 0.0097  -0.0421 0.0355  77  LYS A O   
244 C CB  . LYS A 36 ? 0.2985 0.3092 0.3567 0.0511  -0.0173 0.0314  77  LYS A CB  
245 C CG  . LYS A 36 ? 0.3349 0.3431 0.3961 0.0770  -0.0062 0.0363  77  LYS A CG  
246 C CD  . LYS A 36 ? 0.3590 0.3751 0.4462 0.0831  -0.0071 0.0529  77  LYS A CD  
247 C CE  . LYS A 36 ? 0.4047 0.4093 0.4880 0.1161  0.0098  0.0566  77  LYS A CE  
248 N NZ  . LYS A 36 ? 0.4389 0.4559 0.5605 0.1213  0.0089  0.0776  77  LYS A NZ  
249 N N   . ARG A 37 ? 0.4012 0.3509 0.4011 -0.0096 -0.1102 0.0496  78  ARG A N   
250 C CA  . ARG A 37 ? 0.4573 0.3498 0.4405 0.0288  -0.1100 0.0221  78  ARG A CA  
251 C C   . ARG A 37 ? 0.4069 0.3364 0.3918 0.0468  -0.0756 -0.0015 78  ARG A C   
252 O O   . ARG A 37 ? 0.4030 0.3107 0.3739 0.0642  -0.0713 -0.0205 78  ARG A O   
253 C CB  . ARG A 37 ? 0.5312 0.3931 0.5127 0.0596  -0.1223 0.0253  78  ARG A CB  
254 C CG  . ARG A 37 ? 0.6234 0.4248 0.5724 0.1088  -0.1250 -0.0047 78  ARG A CG  
255 C CD  . ARG A 37 ? 0.7181 0.4757 0.6526 0.1617  -0.1389 -0.0055 78  ARG A CD  
256 N NE  . ARG A 37 ? 0.8235 0.5067 0.7500 0.1460  -0.1824 0.0188  78  ARG A NE  
257 C CZ  . ARG A 37 ? 0.8062 0.5306 0.7679 0.1278  -0.1893 0.0551  78  ARG A CZ  
258 N NH1 . ARG A 37 ? 0.7288 0.5663 0.7313 0.1186  -0.1565 0.0694  78  ARG A NH1 
259 N NH2 . ARG A 37 ? 0.9064 0.5512 0.8567 0.1118  -0.2370 0.0816  78  ARG A NH2 
260 N N   . GLN A 38 ? 0.3658 0.3468 0.3611 0.0360  -0.0566 0.0023  79  GLN A N   
261 C CA  . GLN A 38 ? 0.3279 0.3275 0.3186 0.0424  -0.0361 -0.0124 79  GLN A CA  
262 C C   . GLN A 38 ? 0.3189 0.3106 0.3026 0.0389  -0.0275 -0.0228 79  GLN A C   
263 O O   . GLN A 38 ? 0.3082 0.2946 0.2889 0.0495  -0.0200 -0.0333 79  GLN A O   
264 C CB  . GLN A 38 ? 0.3242 0.3555 0.3102 0.0233  -0.0303 -0.0050 79  GLN A CB  
265 C CG  . GLN A 38 ? 0.3288 0.3760 0.3113 0.0226  -0.0250 -0.0052 79  GLN A CG  
266 C CD  . GLN A 38 ? 0.3373 0.4173 0.3401 0.0515  -0.0252 0.0055  79  GLN A CD  
267 O OE1 . GLN A 38 ? 0.4124 0.5011 0.4267 0.0672  -0.0320 0.0166  79  GLN A OE1 
268 N NE2 . GLN A 38 ? 0.3288 0.4293 0.3328 0.0650  -0.0183 0.0033  79  GLN A NE2 
269 N N   . GLU A 39 ? 0.3298 0.3360 0.3141 0.0258  -0.0289 -0.0130 80  GLU A N   
270 C CA  . GLU A 39 ? 0.3548 0.3742 0.3387 0.0305  -0.0186 -0.0144 80  GLU A CA  
271 C C   . GLU A 39 ? 0.3707 0.3668 0.3586 0.0308  -0.0318 -0.0133 80  GLU A C   
272 O O   . GLU A 39 ? 0.3695 0.3702 0.3582 0.0396  -0.0223 -0.0187 80  GLU A O   
273 C CB  . GLU A 39 ? 0.3899 0.4635 0.3781 0.0222  -0.0154 0.0065  80  GLU A CB  
274 C CG  . GLU A 39 ? 0.4436 0.5429 0.4088 0.0306  0.0018  -0.0022 80  GLU A CG  
275 C CD  . GLU A 39 ? 0.4980 0.6779 0.4597 0.0423  0.0165  0.0153  80  GLU A CD  
276 O OE1 . GLU A 39 ? 0.5326 0.7687 0.5229 0.0339  0.0101  0.0478  80  GLU A OE1 
277 O OE2 . GLU A 39 ? 0.5371 0.7309 0.4610 0.0612  0.0336  -0.0015 80  GLU A OE2 
278 N N   . ALA A 40 ? 0.4072 0.3682 0.3894 0.0216  -0.0583 -0.0065 81  ALA A N   
279 C CA  . ALA A 40 ? 0.4430 0.3594 0.4067 0.0205  -0.0783 -0.0121 81  ALA A CA  
280 C C   . ALA A 40 ? 0.4552 0.3592 0.4060 0.0499  -0.0635 -0.0391 81  ALA A C   
281 O O   . ALA A 40 ? 0.4658 0.3734 0.4097 0.0489  -0.0620 -0.0433 81  ALA A O   
282 C CB  . ALA A 40 ? 0.5165 0.3649 0.4567 0.0107  -0.1167 -0.0058 81  ALA A CB  
283 N N   . LEU A 41 ? 0.4601 0.3665 0.4104 0.0739  -0.0539 -0.0498 82  LEU A N   
284 C CA  . LEU A 41 ? 0.4371 0.3659 0.3808 0.1016  -0.0386 -0.0637 82  LEU A CA  
285 C C   . LEU A 41 ? 0.3877 0.3597 0.3493 0.0885  -0.0204 -0.0576 82  LEU A C   
286 O O   . LEU A 41 ? 0.4058 0.3964 0.3614 0.0967  -0.0154 -0.0614 82  LEU A O   
287 C CB  . LEU A 41 ? 0.4383 0.3969 0.3914 0.1235  -0.0315 -0.0584 82  LEU A CB  
288 C CG  . LEU A 41 ? 0.5040 0.4217 0.4402 0.1546  -0.0478 -0.0621 82  LEU A CG  
289 C CD1 . LEU A 41 ? 0.4926 0.4660 0.4537 0.1697  -0.0392 -0.0423 82  LEU A CD1 
290 C CD2 . LEU A 41 ? 0.5765 0.4523 0.4667 0.2039  -0.0545 -0.0884 82  LEU A CD2 
291 N N   . ALA A 42 ? 0.3487 0.3312 0.3242 0.0708  -0.0134 -0.0480 83  ALA A N   
292 C CA  . ALA A 42 ? 0.3298 0.3203 0.3087 0.0634  -0.0040 -0.0444 83  ALA A CA  
293 C C   . ALA A 42 ? 0.3275 0.3175 0.3107 0.0650  -0.0037 -0.0416 83  ALA A C   
294 O O   . ALA A 42 ? 0.3252 0.3246 0.3114 0.0660  -0.0017 -0.0375 83  ALA A O   
295 C CB  . ALA A 42 ? 0.3367 0.3138 0.3067 0.0546  -0.0004 -0.0443 83  ALA A CB  
296 N N   . ALA A 43 ? 0.3389 0.3289 0.3244 0.0592  -0.0107 -0.0356 84  ALA A N   
297 C CA  . ALA A 43 ? 0.3508 0.3580 0.3435 0.0531  -0.0152 -0.0221 84  ALA A CA  
298 C C   . ALA A 43 ? 0.3807 0.3767 0.3578 0.0499  -0.0270 -0.0286 84  ALA A C   
299 O O   . ALA A 43 ? 0.3678 0.3873 0.3532 0.0481  -0.0240 -0.0184 84  ALA A O   
300 C CB  . ALA A 43 ? 0.3658 0.3908 0.3643 0.0356  -0.0280 -0.0018 84  ALA A CB  
301 N N   . ALA A 44 ? 0.4247 0.3837 0.3730 0.0543  -0.0412 -0.0461 85  ALA A N   
302 C CA  . ALA A 44 ? 0.4494 0.3954 0.3639 0.0640  -0.0492 -0.0623 85  ALA A CA  
303 C C   . ALA A 44 ? 0.4214 0.4193 0.3495 0.0784  -0.0284 -0.0614 85  ALA A C   
304 O O   . ALA A 44 ? 0.4228 0.4454 0.3414 0.0758  -0.0292 -0.0587 85  ALA A O   
305 C CB  . ALA A 44 ? 0.5069 0.3943 0.3763 0.0867  -0.0648 -0.0878 85  ALA A CB  
306 N N   . ARG A 45 ? 0.3771 0.3966 0.3256 0.0859  -0.0147 -0.0570 86  ARG A N   
307 C CA  . ARG A 45 ? 0.3674 0.4392 0.3301 0.0845  -0.0051 -0.0422 86  ARG A CA  
308 C C   . ARG A 45 ? 0.3728 0.4509 0.3539 0.0663  -0.0063 -0.0231 86  ARG A C   
309 O O   . ARG A 45 ? 0.3913 0.5092 0.3751 0.0611  -0.0074 -0.0096 86  ARG A O   
310 C CB  . ARG A 45 ? 0.3446 0.4294 0.3229 0.0783  -0.0012 -0.0307 86  ARG A CB  
311 C CG  . ARG A 45 ? 0.3368 0.4842 0.3262 0.0661  -0.0020 -0.0042 86  ARG A CG  
312 C CD  . ARG A 45 ? 0.3398 0.5105 0.3380 0.0496  -0.0071 0.0159  86  ARG A CD  
313 N NE  . ARG A 45 ? 0.3575 0.4537 0.3489 0.0274  -0.0162 0.0124  86  ARG A NE  
314 C CZ  . ARG A 45 ? 0.3552 0.4190 0.3387 0.0285  -0.0152 -0.0005 86  ARG A CZ  
315 N NH1 . ARG A 45 ? 0.3298 0.4212 0.3187 0.0476  -0.0087 -0.0066 86  ARG A NH1 
316 N NH2 . ARG A 45 ? 0.3734 0.3731 0.3364 0.0134  -0.0229 -0.0067 86  ARG A NH2 
317 N N   . LEU A 46 ? 0.3771 0.4231 0.3709 0.0616  -0.0053 -0.0185 87  LEU A N   
318 C CA  . LEU A 46 ? 0.3829 0.4272 0.3924 0.0594  -0.0054 0.0003  87  LEU A CA  
319 C C   . LEU A 46 ? 0.3872 0.4635 0.4021 0.0538  -0.0104 0.0121  87  LEU A C   
320 O O   . LEU A 46 ? 0.3969 0.4941 0.4250 0.0489  -0.0138 0.0331  87  LEU A O   
321 C CB  . LEU A 46 ? 0.3835 0.4006 0.3964 0.0735  0.0017  -0.0010 87  LEU A CB  
322 C CG  . LEU A 46 ? 0.4168 0.3889 0.4109 0.0782  0.0033  -0.0135 87  LEU A CG  
323 C CD1 . LEU A 46 ? 0.4460 0.4072 0.4326 0.1037  0.0149  -0.0188 87  LEU A CD1 
324 C CD2 . LEU A 46 ? 0.4512 0.3858 0.4346 0.0700  -0.0095 -0.0026 87  LEU A CD2 
325 N N   . LYS A 47 ? 0.4123 0.4871 0.4138 0.0483  -0.0173 0.0035  88  LYS A N   
326 C CA  . LYS A 47 ? 0.4420 0.5400 0.4335 0.0318  -0.0311 0.0143  88  LYS A CA  
327 C C   . LYS A 47 ? 0.4748 0.6006 0.4488 0.0307  -0.0324 0.0107  88  LYS A C   
328 O O   . LYS A 47 ? 0.4630 0.6273 0.4467 0.0178  -0.0375 0.0335  88  LYS A O   
329 C CB  . LYS A 47 ? 0.4904 0.5530 0.4473 0.0177  -0.0512 0.0008  88  LYS A CB  
330 C CG  . LYS A 47 ? 0.5664 0.6265 0.4852 -0.0059 -0.0758 0.0022  88  LYS A CG  
331 C CD  . LYS A 47 ? 0.6493 0.6613 0.5336 -0.0370 -0.1106 0.0054  88  LYS A CD  
332 C CE  . LYS A 47 ? 0.7191 0.7563 0.5862 -0.0776 -0.1380 0.0326  88  LYS A CE  
333 N NZ  . LYS A 47 ? 0.8306 0.7973 0.6368 -0.1216 -0.1884 0.0339  88  LYS A NZ  
334 N N   . MET A 48 ? 0.5853 0.5251 0.4606 0.0313  -0.0459 0.0135  89  MET A N   
335 C CA  . MET A 48 ? 0.6146 0.5690 0.4907 0.0408  -0.0498 0.0119  89  MET A CA  
336 C C   . MET A 48 ? 0.5704 0.5497 0.4608 0.0337  -0.0481 0.0124  89  MET A C   
337 O O   . MET A 48 ? 0.5640 0.5485 0.4594 0.0365  -0.0480 0.0105  89  MET A O   
338 C CB  . MET A 48 ? 0.7234 0.6867 0.5864 0.0605  -0.0497 0.0182  89  MET A CB  
339 C CG  . MET A 48 ? 0.8908 0.8501 0.7397 0.0820  -0.0446 0.0208  89  MET A CG  
340 S SD  . MET A 48 ? 1.1989 1.0854 0.9827 0.1065  -0.0407 0.0201  89  MET A SD  
341 C CE  . MET A 48 ? 1.1397 1.0553 0.9296 0.1270  -0.0357 0.0346  89  MET A CE  
342 N N   . GLN A 49 ? 0.5719 0.5539 0.4550 0.0218  -0.0488 0.0152  90  GLN A N   
343 C CA  . GLN A 49 ? 0.6119 0.5948 0.4870 0.0071  -0.0493 0.0161  90  GLN A CA  
344 C C   . GLN A 49 ? 0.6072 0.5709 0.4825 0.0107  -0.0378 0.0114  90  GLN A C   
345 O O   . GLN A 49 ? 0.5615 0.5306 0.4376 0.0082  -0.0374 0.0105  90  GLN A O   
346 C CB  . GLN A 49 ? 0.6797 0.6367 0.5172 -0.0135 -0.0563 0.0200  90  GLN A CB  
347 C CG  . GLN A 49 ? 0.7738 0.7775 0.6235 -0.0275 -0.0766 0.0356  90  GLN A CG  
348 C CD  . GLN A 49 ? 0.8789 0.8544 0.6824 -0.0585 -0.0965 0.0444  90  GLN A CD  
349 O OE1 . GLN A 49 ? 0.9194 0.8257 0.6703 -0.0606 -0.0900 0.0351  90  GLN A OE1 
350 N NE2 . GLN A 49 ? 0.8977 0.9278 0.7180 -0.0839 -0.1216 0.0677  90  GLN A NE2 
351 N N   . GLU A 50 ? 0.6173 0.5666 0.4971 0.0187  -0.0274 0.0135  91  GLU A N   
352 C CA  . GLU A 50 ? 0.6377 0.5856 0.5272 0.0271  -0.0156 0.0196  91  GLU A CA  
353 C C   . GLU A 50 ? 0.5942 0.5688 0.5122 0.0272  -0.0286 0.0189  91  GLU A C   
354 O O   . GLU A 50 ? 0.5775 0.5541 0.4963 0.0309  -0.0262 0.0205  91  GLU A O   
355 C CB  . GLU A 50 ? 0.6593 0.6015 0.5557 0.0386  0.0031  0.0340  91  GLU A CB  
356 C CG  . GLU A 50 ? 0.7303 0.6731 0.6304 0.0576  0.0239  0.0497  91  GLU A CG  
357 C CD  . GLU A 50 ? 0.7494 0.7481 0.7079 0.0570  0.0119  0.0647  91  GLU A CD  
358 O OE1 . GLU A 50 ? 0.7290 0.7572 0.7219 0.0428  -0.0032 0.0730  91  GLU A OE1 
359 O OE2 . GLU A 50 ? 0.8315 0.8376 0.7934 0.0674  0.0147  0.0707  91  GLU A OE2 
360 N N   . GLU A 51 ? 0.5623 0.5406 0.4854 0.0241  -0.0418 0.0160  92  GLU A N   
361 C CA  . GLU A 51 ? 0.6049 0.5793 0.5251 0.0227  -0.0559 0.0146  92  GLU A CA  
362 C C   . GLU A 51 ? 0.6182 0.5915 0.5227 0.0309  -0.0541 0.0072  92  GLU A C   
363 O O   . GLU A 51 ? 0.5600 0.5261 0.4580 0.0315  -0.0596 0.0069  92  GLU A O   
364 C CB  . GLU A 51 ? 0.6490 0.5967 0.5478 0.0182  -0.0682 0.0137  92  GLU A CB  
365 C CG  . GLU A 51 ? 0.7376 0.6915 0.6566 -0.0002 -0.0767 0.0281  92  GLU A CG  
366 C CD  . GLU A 51 ? 0.8716 0.7848 0.7570 -0.0120 -0.0889 0.0282  92  GLU A CD  
367 O OE1 . GLU A 51 ? 0.9677 0.8332 0.8006 -0.0009 -0.0917 0.0168  92  GLU A OE1 
368 O OE2 . GLU A 51 ? 0.9861 0.9107 0.8919 -0.0302 -0.0923 0.0434  92  GLU A OE2 
369 N N   . LEU A 52 ? 0.5967 0.5829 0.4976 0.0352  -0.0473 0.0064  93  LEU A N   
370 C CA  . LEU A 52 ? 0.5969 0.6000 0.4954 0.0402  -0.0426 0.0092  93  LEU A CA  
371 C C   . LEU A 52 ? 0.6022 0.6024 0.5004 0.0294  -0.0399 0.0076  93  LEU A C   
372 O O   . LEU A 52 ? 0.5923 0.5895 0.4833 0.0340  -0.0378 0.0073  93  LEU A O   
373 C CB  . LEU A 52 ? 0.6047 0.6441 0.5142 0.0386  -0.0409 0.0205  93  LEU A CB  
374 C CG  . LEU A 52 ? 0.6406 0.6819 0.5449 0.0601  -0.0389 0.0262  93  LEU A CG  
375 C CD1 . LEU A 52 ? 0.6310 0.7199 0.5550 0.0582  -0.0419 0.0441  93  LEU A CD1 
376 C CD2 . LEU A 52 ? 0.6660 0.6822 0.5420 0.0900  -0.0285 0.0279  93  LEU A CD2 
377 N N   . ASN A 53 ? 0.6119 0.6000 0.5051 0.0192  -0.0368 0.0076  94  ASN A N   
378 C CA  . ASN A 53 ? 0.6425 0.6068 0.5149 0.0150  -0.0292 0.0078  94  ASN A CA  
379 C C   . ASN A 53 ? 0.6118 0.5725 0.4931 0.0288  -0.0267 0.0098  94  ASN A C   
380 O O   . ASN A 53 ? 0.6350 0.5800 0.4980 0.0307  -0.0216 0.0101  94  ASN A O   
381 C CB  . ASN A 53 ? 0.6894 0.6165 0.5291 0.0098  -0.0203 0.0095  94  ASN A CB  
382 C CG  . ASN A 53 ? 0.7825 0.6996 0.5940 -0.0160 -0.0303 0.0108  94  ASN A CG  
383 O OD1 . ASN A 53 ? 0.8219 0.7809 0.6554 -0.0285 -0.0422 0.0164  94  ASN A OD1 
384 N ND2 . ASN A 53 ? 0.8414 0.7039 0.6012 -0.0237 -0.0259 0.0112  94  ASN A ND2 
385 N N   . ALA A 54 ? 0.5678 0.5433 0.4749 0.0346  -0.0327 0.0152  95  ALA A N   
386 C CA  . ALA A 54 ? 0.5444 0.5315 0.4689 0.0398  -0.0410 0.0251  95  ALA A CA  
387 C C   . ALA A 54 ? 0.5686 0.5437 0.4746 0.0377  -0.0529 0.0168  95  ALA A C   
388 O O   . ALA A 54 ? 0.6051 0.5748 0.5034 0.0427  -0.0542 0.0203  95  ALA A O   
389 C CB  . ALA A 54 ? 0.5318 0.5395 0.4851 0.0322  -0.0543 0.0372  95  ALA A CB  
390 N N   . GLN A 55 ? 0.5785 0.5431 0.4690 0.0360  -0.0575 0.0083  96  GLN A N   
391 C CA  . GLN A 55 ? 0.6034 0.5443 0.4621 0.0427  -0.0605 0.0035  96  GLN A CA  
392 C C   . GLN A 55 ? 0.5781 0.5242 0.4296 0.0469  -0.0458 0.0024  96  GLN A C   
393 O O   . GLN A 55 ? 0.5691 0.4944 0.3968 0.0523  -0.0471 0.0017  96  GLN A O   
394 C CB  . GLN A 55 ? 0.6613 0.5829 0.4943 0.0523  -0.0585 0.0004  96  GLN A CB  
395 C CG  . GLN A 55 ? 0.7700 0.6525 0.5765 0.0439  -0.0785 0.0005  96  GLN A CG  
396 C CD  . GLN A 55 ? 0.9304 0.7495 0.6661 0.0627  -0.0741 -0.0032 96  GLN A CD  
397 O OE1 . GLN A 55 ? 0.9568 0.7769 0.6843 0.0825  -0.0572 -0.0016 96  GLN A OE1 
398 N NE2 . GLN A 55 ? 1.0377 0.7950 0.7125 0.0617  -0.0866 -0.0052 96  GLN A NE2 
399 N N   . VAL A 56 ? 0.5614 0.5289 0.4255 0.0393  -0.0349 0.0044  97  VAL A N   
400 C CA  . VAL A 56 ? 0.5948 0.5673 0.4489 0.0320  -0.0252 0.0081  97  VAL A CA  
401 C C   . VAL A 56 ? 0.7098 0.6525 0.5436 0.0334  -0.0241 0.0056  97  VAL A C   
402 O O   . VAL A 56 ? 0.7221 0.6525 0.5364 0.0366  -0.0193 0.0063  97  VAL A O   
403 C CB  . VAL A 56 ? 0.5780 0.5650 0.4358 0.0103  -0.0241 0.0138  97  VAL A CB  
404 C CG1 . VAL A 56 ? 0.5967 0.5670 0.4274 -0.0110 -0.0204 0.0189  97  VAL A CG1 
405 C CG2 . VAL A 56 ? 0.5721 0.6052 0.4555 0.0109  -0.0246 0.0254  97  VAL A CG2 
406 N N   . GLU A 57 ? 0.7473 0.6794 0.5842 0.0363  -0.0246 0.0066  98  GLU A N   
407 C CA  . GLU A 57 ? 0.7962 0.7029 0.6131 0.0467  -0.0184 0.0111  98  GLU A CA  
408 C C   . GLU A 57 ? 0.7426 0.6547 0.5668 0.0579  -0.0320 0.0149  98  GLU A C   
409 O O   . GLU A 57 ? 0.7255 0.6156 0.5242 0.0646  -0.0284 0.0163  98  GLU A O   
410 C CB  . GLU A 57 ? 0.8575 0.7521 0.6709 0.0579  -0.0061 0.0196  98  GLU A CB  
411 C CG  . GLU A 57 ? 0.9793 0.8335 0.7493 0.0430  0.0052  0.0150  98  GLU A CG  
412 C CD  . GLU A 57 ? 1.1066 0.9111 0.8165 0.0215  0.0084  0.0109  98  GLU A CD  
413 O OE1 . GLU A 57 ? 1.1489 0.9053 0.8131 0.0337  0.0206  0.0136  98  GLU A OE1 
414 O OE2 . GLU A 57 ? 1.1708 0.9851 0.8769 -0.0104 -0.0020 0.0096  98  GLU A OE2 
415 N N   . LYS A 58 ? 0.5687 0.6589 0.5606 0.0457  0.0213  0.0677  99  LYS A N   
416 C CA  . LYS A 58 ? 0.6236 0.7188 0.6284 0.0262  0.0080  0.0778  99  LYS A CA  
417 C C   . LYS A 58 ? 0.6410 0.6887 0.6297 0.0232  0.0048  0.0532  99  LYS A C   
418 O O   . LYS A 58 ? 0.6239 0.6718 0.6123 0.0206  0.0023  0.0550  99  LYS A O   
419 C CB  . LYS A 58 ? 0.6718 0.7701 0.6837 -0.0049 -0.0151 0.0987  99  LYS A CB  
420 C CG  . LYS A 58 ? 0.7710 0.8153 0.7560 -0.0317 -0.0401 0.0955  99  LYS A CG  
421 C CD  . LYS A 58 ? 0.8905 0.8700 0.8376 -0.0517 -0.0632 0.0961  99  LYS A CD  
422 C CE  . LYS A 58 ? 1.0071 0.8920 0.8884 -0.0626 -0.0862 0.0832  99  LYS A CE  
423 N NZ  . LYS A 58 ? 1.0715 0.9692 0.9507 -0.1025 -0.1136 0.1086  99  LYS A NZ  
424 N N   . HIS A 59 ? 0.6104 0.6321 0.5883 0.0262  0.0058  0.0379  100 HIS A N   
425 C CA  . HIS A 59 ? 0.6117 0.6127 0.5772 0.0323  0.0071  0.0265  100 HIS A CA  
426 C C   . HIS A 59 ? 0.6070 0.6157 0.5748 0.0347  0.0143  0.0219  100 HIS A C   
427 O O   . HIS A 59 ? 0.6009 0.6055 0.5663 0.0368  0.0145  0.0199  100 HIS A O   
428 C CB  . HIS A 59 ? 0.6191 0.6153 0.5750 0.0426  0.0094  0.0263  100 HIS A CB  
429 C CG  . HIS A 59 ? 0.6513 0.6025 0.5747 0.0475  -0.0002 0.0280  100 HIS A CG  
430 N ND1 . HIS A 59 ? 0.6913 0.6340 0.6087 0.0475  -0.0033 0.0340  100 HIS A ND1 
431 C CD2 . HIS A 59 ? 0.6926 0.5858 0.5707 0.0505  -0.0123 0.0245  100 HIS A CD2 
432 C CE1 . HIS A 59 ? 0.7432 0.6150 0.6072 0.0503  -0.0177 0.0346  100 HIS A CE1 
433 N NE2 . HIS A 59 ? 0.7876 0.6212 0.6200 0.0512  -0.0254 0.0279  100 HIS A NE2 
434 N N   . LYS A 60 ? 0.6095 0.6158 0.5684 0.0337  0.0169  0.0209  101 LYS A N   
435 C CA  . LYS A 60 ? 0.6621 0.6414 0.5950 0.0307  0.0157  0.0172  101 LYS A CA  
436 C C   . LYS A 60 ? 0.6750 0.6445 0.5999 0.0456  0.0229  0.0176  101 LYS A C   
437 O O   . LYS A 60 ? 0.6972 0.6456 0.6080 0.0422  0.0208  0.0160  101 LYS A O   
438 C CB  . LYS A 60 ? 0.7101 0.6535 0.6007 0.0296  0.0115  0.0139  101 LYS A CB  
439 C CG  . LYS A 60 ? 0.7447 0.7000 0.6375 0.0052  -0.0014 0.0197  101 LYS A CG  
440 C CD  . LYS A 60 ? 0.8315 0.7384 0.6684 0.0033  -0.0094 0.0144  101 LYS A CD  
441 C CE  . LYS A 60 ? 0.8717 0.7856 0.6986 -0.0350 -0.0320 0.0270  101 LYS A CE  
442 N NZ  . LYS A 60 ? 1.0344 0.8507 0.7652 -0.0521 -0.0547 0.0202  101 LYS A NZ  
443 N N   . GLU A 61 ? 0.6686 0.6648 0.6051 0.0605  0.0305  0.0275  102 GLU A N   
444 C CA  . GLU A 61 ? 0.6823 0.6996 0.6229 0.0763  0.0383  0.0407  102 GLU A CA  
445 C C   . GLU A 61 ? 0.6354 0.6628 0.5990 0.0585  0.0294  0.0393  102 GLU A C   
446 O O   . GLU A 61 ? 0.6039 0.6243 0.5607 0.0653  0.0333  0.0391  102 GLU A O   
447 C CB  . GLU A 61 ? 0.7338 0.8102 0.6960 0.0863  0.0432  0.0676  102 GLU A CB  
448 C CG  . GLU A 61 ? 0.8451 0.9789 0.8244 0.0996  0.0499  0.0984  102 GLU A CG  
449 C CD  . GLU A 61 ? 0.9423 1.1512 0.9648 0.0715  0.0342  0.1350  102 GLU A CD  
450 O OE1 . GLU A 61 ? 0.9795 1.2162 1.0111 0.0710  0.0337  0.1497  102 GLU A OE1 
451 O OE2 . GLU A 61 ? 1.0221 1.2582 1.0634 0.0447  0.0177  0.1525  102 GLU A OE2 
452 N N   . LYS A 62 ? 0.6235 0.6546 0.6002 0.0400  0.0168  0.0382  103 LYS A N   
453 C CA  . LYS A 62 ? 0.6197 0.6358 0.5907 0.0313  0.0073  0.0333  103 LYS A CA  
454 C C   . LYS A 62 ? 0.5748 0.5796 0.5399 0.0402  0.0148  0.0229  103 LYS A C   
455 O O   . LYS A 62 ? 0.5539 0.5603 0.5176 0.0421  0.0146  0.0240  103 LYS A O   
456 C CB  . LYS A 62 ? 0.7261 0.7104 0.6766 0.0231  -0.0062 0.0288  103 LYS A CB  
457 C CG  . LYS A 62 ? 0.8304 0.8010 0.7649 -0.0023 -0.0302 0.0434  103 LYS A CG  
458 C CD  . LYS A 62 ? 0.9032 0.8519 0.8134 -0.0070 -0.0404 0.0414  103 LYS A CD  
459 C CE  . LYS A 62 ? 1.0657 0.9586 0.9244 -0.0411 -0.0772 0.0523  103 LYS A CE  
460 N NZ  . LYS A 62 ? 1.1945 1.0408 1.0046 -0.0434 -0.0913 0.0449  103 LYS A NZ  
461 N N   . LEU A 63 ? 0.5850 0.5863 0.5481 0.0403  0.0181  0.0194  104 LEU A N   
462 C CA  . LEU A 63 ? 0.6475 0.6538 0.6095 0.0371  0.0187  0.0233  104 LEU A CA  
463 C C   . LEU A 63 ? 0.6554 0.6444 0.6071 0.0364  0.0201  0.0245  104 LEU A C   
464 O O   . LEU A 63 ? 0.6115 0.6111 0.5684 0.0373  0.0206  0.0293  104 LEU A O   
465 C CB  . LEU A 63 ? 0.6745 0.6879 0.6341 0.0222  0.0129  0.0316  104 LEU A CB  
466 C CG  . LEU A 63 ? 0.7202 0.7701 0.6924 0.0284  0.0147  0.0418  104 LEU A CG  
467 C CD1 . LEU A 63 ? 0.7357 0.8102 0.7101 0.0018  0.0030  0.0616  104 LEU A CD1 
468 C CD2 . LEU A 63 ? 0.7481 0.8254 0.7212 0.0548  0.0236  0.0511  104 LEU A CD2 
469 N N   . LYS A 64 ? 0.7075 0.6654 0.6348 0.0422  0.0227  0.0219  105 LYS A N   
470 C CA  . LYS A 64 ? 0.7762 0.6994 0.6728 0.0542  0.0269  0.0241  105 LYS A CA  
471 C C   . LYS A 64 ? 0.7121 0.6734 0.6343 0.0682  0.0355  0.0310  105 LYS A C   
472 O O   . LYS A 64 ? 0.7255 0.6765 0.6399 0.0708  0.0369  0.0346  105 LYS A O   
473 C CB  . LYS A 64 ? 0.9041 0.7731 0.7444 0.0766  0.0326  0.0215  105 LYS A CB  
474 C CG  . LYS A 64 ? 1.0414 0.8394 0.8268 0.0524  0.0136  0.0153  105 LYS A CG  
475 C CD  . LYS A 64 ? 1.1603 0.9084 0.8873 0.0746  0.0170  0.0083  105 LYS A CD  
476 C CE  . LYS A 64 ? 1.2270 0.9365 0.9233 0.0353  -0.0084 0.0048  105 LYS A CE  
477 N NZ  . LYS A 64 ? 1.2405 0.9171 0.8900 0.0566  -0.0045 -0.0028 105 LYS A NZ  
478 N N   . GLN A 65 ? 0.6491 0.6538 0.5989 0.0692  0.0360  0.0375  106 GLN A N   
479 C CA  . GLN A 65 ? 0.6181 0.6597 0.5864 0.0691  0.0347  0.0506  106 GLN A CA  
480 C C   . GLN A 65 ? 0.6157 0.6468 0.5846 0.0593  0.0283  0.0410  106 GLN A C   
481 O O   . GLN A 65 ? 0.6107 0.6484 0.5796 0.0657  0.0323  0.0468  106 GLN A O   
482 C CB  . GLN A 65 ? 0.6438 0.7228 0.6307 0.0522  0.0220  0.0653  106 GLN A CB  
483 C CG  . GLN A 65 ? 0.7233 0.8464 0.7208 0.0652  0.0303  0.0902  106 GLN A CG  
484 C CD  . GLN A 65 ? 0.7599 0.9260 0.7785 0.0329  0.0086  0.1152  106 GLN A CD  
485 O OE1 . GLN A 65 ? 0.8232 0.9538 0.8287 0.0003  -0.0160 0.1057  106 GLN A OE1 
486 N NE2 . GLN A 65 ? 0.7771 1.0129 0.8159 0.0443  0.0162  0.1518  106 GLN A NE2 
487 N N   . LEU A 66 ? 0.5854 0.6043 0.5507 0.0517  0.0219  0.0304  107 LEU A N   
488 C CA  . LEU A 66 ? 0.5833 0.6016 0.5400 0.0563  0.0198  0.0276  107 LEU A CA  
489 C C   . LEU A 66 ? 0.5931 0.6228 0.5576 0.0577  0.0262  0.0352  107 LEU A C   
490 O O   . LEU A 66 ? 0.6001 0.6435 0.5636 0.0649  0.0278  0.0400  107 LEU A O   
491 C CB  . LEU A 66 ? 0.6184 0.6260 0.5591 0.0644  0.0182  0.0228  107 LEU A CB  
492 C CG  . LEU A 66 ? 0.6601 0.6274 0.5665 0.0632  0.0051  0.0153  107 LEU A CG  
493 C CD1 . LEU A 66 ? 0.6736 0.6300 0.5635 0.0804  0.0103  0.0136  107 LEU A CD1 
494 C CD2 . LEU A 66 ? 0.6955 0.6201 0.5509 0.0683  -0.0081 0.0108  107 LEU A CD2 
495 N N   . GLU A 67 ? 0.6289 0.6451 0.5917 0.0471  0.0255  0.0388  108 GLU A N   
496 C CA  . GLU A 67 ? 0.7079 0.7172 0.6641 0.0340  0.0208  0.0523  108 GLU A CA  
497 C C   . GLU A 67 ? 0.7187 0.7051 0.6616 0.0432  0.0255  0.0533  108 GLU A C   
498 O O   . GLU A 67 ? 0.6828 0.6769 0.6276 0.0376  0.0231  0.0659  108 GLU A O   
499 C CB  . GLU A 67 ? 0.8318 0.8006 0.7617 0.0120  0.0087  0.0554  108 GLU A CB  
500 C CG  . GLU A 67 ? 0.9121 0.9176 0.8595 -0.0007 0.0028  0.0634  108 GLU A CG  
501 C CD  . GLU A 67 ? 1.0101 1.0655 0.9732 -0.0271 -0.0101 0.0976  108 GLU A CD  
502 O OE1 . GLU A 67 ? 1.1927 1.2506 1.1474 -0.0594 -0.0282 0.1150  108 GLU A OE1 
503 O OE2 . GLU A 67 ? 1.0388 1.1395 1.0223 -0.0172 -0.0038 0.1132  108 GLU A OE2 
504 N N   . GLU A 68 ? 0.7418 0.7101 0.6719 0.0612  0.0337  0.0469  109 GLU A N   
505 C CA  . GLU A 68 ? 0.7490 0.7144 0.6696 0.0804  0.0430  0.0550  109 GLU A CA  
506 C C   . GLU A 68 ? 0.6724 0.6914 0.6256 0.0801  0.0434  0.0599  109 GLU A C   
507 O O   . GLU A 68 ? 0.6569 0.6780 0.6072 0.0870  0.0473  0.0690  109 GLU A O   
508 C CB  . GLU A 68 ? 0.8070 0.7628 0.7052 0.1107  0.0563  0.0604  109 GLU A CB  
509 C CG  . GLU A 68 ? 0.9726 0.8356 0.7979 0.1248  0.0568  0.0551  109 GLU A CG  
510 C CD  . GLU A 68 ? 1.0906 0.8711 0.8556 0.1264  0.0511  0.0586  109 GLU A CD  
511 O OE1 . GLU A 68 ? 1.2328 0.9178 0.9314 0.1063  0.0321  0.0526  109 GLU A OE1 
512 O OE2 . GLU A 68 ? 1.0559 0.8580 0.8307 0.1433  0.0609  0.0705  109 GLU A OE2 
513 N N   . GLU A 69 ? 0.7504 0.6536 0.6924 0.0609  0.1064  0.0671  110 GLU A N   
514 C CA  . GLU A 69 ? 0.7500 0.6675 0.7356 0.0444  0.1008  0.0597  110 GLU A CA  
515 C C   . GLU A 69 ? 0.7299 0.6648 0.7045 0.0380  0.0775  0.0498  110 GLU A C   
516 O O   . GLU A 69 ? 0.6736 0.6173 0.6655 0.0266  0.0654  0.0403  110 GLU A O   
517 C CB  . GLU A 69 ? 0.8442 0.7371 0.8372 0.0437  0.1202  0.0649  110 GLU A CB  
518 C CG  . GLU A 69 ? 0.9446 0.8248 0.9668 0.0377  0.1470  0.0773  110 GLU A CG  
519 C CD  . GLU A 69 ? 1.1244 0.9537 1.1233 0.0464  0.1788  0.0883  110 GLU A CD  
520 O OE1 . GLU A 69 ? 1.2439 1.0333 1.2326 0.0287  0.1836  0.0805  110 GLU A OE1 
521 O OE2 . GLU A 69 ? 1.1632 0.9768 1.1396 0.0738  0.2035  0.1054  110 GLU A OE2 
522 N N   . LYS A 70 ? 0.7545 0.7033 0.7013 0.0461  0.0709  0.0566  111 LYS A N   
523 C CA  . LYS A 70 ? 0.7230 0.7051 0.6687 0.0385  0.0521  0.0562  111 LYS A CA  
524 C C   . LYS A 70 ? 0.7173 0.6944 0.6546 0.0178  0.0376  0.0451  111 LYS A C   
525 O O   . LYS A 70 ? 0.6822 0.6716 0.6306 0.0112  0.0303  0.0419  111 LYS A O   
526 C CB  . LYS A 70 ? 0.7651 0.7923 0.6967 0.0479  0.0454  0.0750  111 LYS A CB  
527 C CG  . LYS A 70 ? 0.8208 0.8601 0.7555 0.0810  0.0651  0.0943  111 LYS A CG  
528 C CD  . LYS A 70 ? 0.8642 0.9470 0.7824 0.1085  0.0694  0.1214  111 LYS A CD  
529 C CE  . LYS A 70 ? 0.9030 1.0815 0.8339 0.0951  0.0395  0.1398  111 LYS A CE  
530 N NZ  . LYS A 70 ? 0.9496 1.1834 0.8612 0.1162  0.0325  0.1651  111 LYS A NZ  
531 N N   . ARG A 71 ? 0.6987 0.6438 0.6023 0.0127  0.0390  0.0414  112 ARG A N   
532 C CA  . ARG A 71 ? 0.7331 0.6438 0.6065 -0.0001 0.0362  0.0325  112 ARG A CA  
533 C C   . ARG A 71 ? 0.6720 0.5834 0.5773 0.0127  0.0452  0.0304  112 ARG A C   
534 O O   . ARG A 71 ? 0.6718 0.5816 0.5737 0.0072  0.0399  0.0265  112 ARG A O   
535 C CB  . ARG A 71 ? 0.8577 0.7058 0.6624 0.0010  0.0448  0.0303  112 ARG A CB  
536 C CG  . ARG A 71 ? 0.9734 0.8154 0.7252 -0.0225 0.0247  0.0285  112 ARG A CG  
537 C CD  . ARG A 71 ? 1.0182 0.9214 0.7922 -0.0581 -0.0040 0.0307  112 ARG A CD  
538 N NE  . ARG A 71 ? 1.0670 0.9514 0.8369 -0.0827 -0.0059 0.0240  112 ARG A NE  
539 C CZ  . ARG A 71 ? 1.1620 0.9913 0.8664 -0.1247 -0.0158 0.0144  112 ARG A CZ  
540 N NH1 . ARG A 71 ? 1.2885 1.0701 0.9135 -0.1549 -0.0319 0.0059  112 ARG A NH1 
541 N NH2 . ARG A 71 ? 1.1617 0.9703 0.8670 -0.1392 -0.0083 0.0124  112 ARG A NH2 
542 N N   . ARG A 72 ? 0.6570 0.5795 0.5963 0.0274  0.0573  0.0362  113 ARG A N   
543 C CA  . ARG A 72 ? 0.6738 0.6219 0.6530 0.0330  0.0571  0.0378  113 ARG A CA  
544 C C   . ARG A 72 ? 0.6496 0.6137 0.6388 0.0234  0.0389  0.0276  113 ARG A C   
545 O O   . ARG A 72 ? 0.6471 0.6156 0.6322 0.0297  0.0342  0.0266  113 ARG A O   
546 C CB  . ARG A 72 ? 0.7185 0.6922 0.7458 0.0319  0.0657  0.0464  113 ARG A CB  
547 C CG  . ARG A 72 ? 0.7873 0.8108 0.8653 0.0296  0.0599  0.0543  113 ARG A CG  
548 C CD  . ARG A 72 ? 0.8315 0.8860 0.9644 0.0101  0.0651  0.0638  113 ARG A CD  
549 N NE  . ARG A 72 ? 0.9466 0.9774 1.0739 0.0227  0.0951  0.0784  113 ARG A NE  
550 C CZ  . ARG A 72 ? 1.0344 1.0681 1.1948 0.0066  0.1105  0.0882  113 ARG A CZ  
551 N NH1 . ARG A 72 ? 1.0786 1.1347 1.2802 -0.0331 0.0960  0.0830  113 ARG A NH1 
552 N NH2 . ARG A 72 ? 1.0380 1.0424 1.1805 0.0279  0.1419  0.1035  113 ARG A NH2 
553 N N   . GLN A 73 ? 0.6356 0.6012 0.6269 0.0169  0.0342  0.0240  114 GLN A N   
554 C CA  . GLN A 73 ? 0.6376 0.6037 0.6235 0.0170  0.0246  0.0177  114 GLN A CA  
555 C C   . GLN A 73 ? 0.6249 0.5936 0.5922 0.0192  0.0208  0.0191  114 GLN A C   
556 O O   . GLN A 73 ? 0.5736 0.5388 0.5336 0.0258  0.0150  0.0147  114 GLN A O   
557 C CB  . GLN A 73 ? 0.6818 0.6375 0.6562 0.0235  0.0332  0.0228  114 GLN A CB  
558 C CG  . GLN A 73 ? 0.7412 0.6662 0.7162 0.0184  0.0417  0.0184  114 GLN A CG  
559 C CD  . GLN A 73 ? 0.8111 0.6942 0.7538 0.0161  0.0377  0.0068  114 GLN A CD  
560 O OE1 . GLN A 73 ? 0.8439 0.6949 0.7460 0.0380  0.0529  0.0138  114 GLN A OE1 
561 N NE2 . GLN A 73 ? 0.7863 0.6699 0.7392 -0.0074 0.0181  -0.0075 114 GLN A NE2 
562 N N   . LYS A 74 ? 0.6458 0.6175 0.6001 0.0098  0.0232  0.0261  115 LYS A N   
563 C CA  . LYS A 74 ? 0.6819 0.6496 0.6175 -0.0010 0.0224  0.0296  115 LYS A CA  
564 C C   . LYS A 74 ? 0.6883 0.6196 0.6001 0.0067  0.0287  0.0239  115 LYS A C   
565 O O   . LYS A 74 ? 0.6495 0.5722 0.5502 0.0151  0.0320  0.0253  115 LYS A O   
566 C CB  . LYS A 74 ? 0.7337 0.7066 0.6524 -0.0288 0.0173  0.0354  115 LYS A CB  
567 C CG  . LYS A 74 ? 0.7741 0.8098 0.7203 -0.0319 0.0107  0.0524  115 LYS A CG  
568 C CD  . LYS A 74 ? 0.8687 0.9330 0.8037 -0.0724 -0.0051 0.0614  115 LYS A CD  
569 C CE  . LYS A 74 ? 0.8961 1.0297 0.8501 -0.0700 -0.0169 0.0794  115 LYS A CE  
570 N NZ  . LYS A 74 ? 0.9280 1.0205 0.8473 -0.0620 -0.0186 0.0670  115 LYS A NZ  
571 N N   . ILE A 75 ? 0.6777 0.5861 0.5763 0.0122  0.0357  0.0227  116 ILE A N   
572 C CA  . ILE A 75 ? 0.7492 0.6284 0.6226 0.0338  0.0495  0.0265  116 ILE A CA  
573 C C   . ILE A 75 ? 0.7245 0.6462 0.6321 0.0546  0.0403  0.0282  116 ILE A C   
574 O O   . ILE A 75 ? 0.8282 0.7378 0.7127 0.0710  0.0450  0.0320  116 ILE A O   
575 C CB  . ILE A 75 ? 0.8018 0.6528 0.6537 0.0470  0.0664  0.0331  116 ILE A CB  
576 C CG1 . ILE A 75 ? 0.8825 0.6613 0.6620 0.0233  0.0726  0.0268  116 ILE A CG1 
577 C CG2 . ILE A 75 ? 0.8370 0.6821 0.6775 0.0868  0.0872  0.0491  116 ILE A CG2 
578 C CD1 . ILE A 75 ? 0.9230 0.6734 0.6752 0.0310  0.0830  0.0297  116 ILE A CD1 
579 N N   . GLU A 76 ? 0.7073 0.6720 0.6603 0.0505  0.0265  0.0255  117 GLU A N   
580 C CA  . GLU A 76 ? 0.7359 0.7373 0.7112 0.0556  0.0079  0.0226  117 GLU A CA  
581 C C   . GLU A 76 ? 0.7698 0.7496 0.7102 0.0633  0.0037  0.0170  117 GLU A C   
582 O O   . GLU A 76 ? 0.7838 0.7746 0.7105 0.0838  -0.0019 0.0209  117 GLU A O   
583 C CB  . GLU A 76 ? 0.8105 0.8273 0.8162 0.0323  -0.0055 0.0137  117 GLU A CB  
584 C CG  . GLU A 76 ? 0.9024 0.9641 0.9386 0.0203  -0.0289 0.0122  117 GLU A CG  
585 C CD  . GLU A 76 ? 0.9474 1.0168 1.0180 -0.0110 -0.0312 0.0100  117 GLU A CD  
586 O OE1 . GLU A 76 ? 0.9668 1.0280 1.0523 -0.0083 -0.0085 0.0195  117 GLU A OE1 
587 O OE2 . GLU A 76 ? 1.0249 1.1000 1.0986 -0.0409 -0.0551 -0.0012 117 GLU A OE2 
588 N N   . MET A 77 ? 0.7763 0.7327 0.7029 0.0525  0.0101  0.0143  118 MET A N   
589 C CA  . MET A 77 ? 0.7575 0.6971 0.6561 0.0624  0.0150  0.0170  118 MET A CA  
590 C C   . MET A 77 ? 0.8210 0.7365 0.6880 0.0767  0.0296  0.0256  118 MET A C   
591 O O   . MET A 77 ? 0.8215 0.7271 0.6623 0.0988  0.0304  0.0276  118 MET A O   
592 C CB  . MET A 77 ? 0.7263 0.6711 0.6317 0.0516  0.0245  0.0254  118 MET A CB  
593 C CG  . MET A 77 ? 0.7456 0.6847 0.6310 0.0676  0.0373  0.0380  118 MET A CG  
594 S SD  . MET A 77 ? 0.7921 0.7745 0.7036 0.0617  0.0536  0.0655  118 MET A SD  
595 C CE  . MET A 77 ? 0.7612 0.7747 0.7027 0.0201  0.0427  0.0659  118 MET A CE  
596 N N   . TRP A 78 ? 0.8603 0.7497 0.7131 0.0666  0.0448  0.0306  119 TRP A N   
597 C CA  . TRP A 78 ? 0.9716 0.8126 0.7755 0.0828  0.0669  0.0395  119 TRP A CA  
598 C C   . TRP A 78 ? 1.0331 0.8846 0.8244 0.1256  0.0675  0.0459  119 TRP A C   
599 O O   . TRP A 78 ? 1.0062 0.8356 0.7596 0.1554  0.0803  0.0551  119 TRP A O   
600 C CB  . TRP A 78 ? 1.0227 0.8050 0.7885 0.0576  0.0853  0.0406  119 TRP A CB  
601 C CG  . TRP A 78 ? 1.0687 0.8682 0.8556 0.0146  0.0760  0.0387  119 TRP A CG  
602 C CD1 . TRP A 78 ? 1.0969 0.9153 0.9014 -0.0121 0.0623  0.0332  119 TRP A CD1 
603 C CD2 . TRP A 78 ? 1.1845 1.0039 0.9858 -0.0021 0.0793  0.0489  119 TRP A CD2 
604 N NE1 . TRP A 78 ? 1.1321 0.9907 0.9631 -0.0459 0.0531  0.0406  119 TRP A NE1 
605 C CE2 . TRP A 78 ? 1.1638 1.0281 0.9989 -0.0409 0.0652  0.0526  119 TRP A CE2 
606 C CE3 . TRP A 78 ? 1.2601 1.0678 1.0478 0.0164  0.0962  0.0605  119 TRP A CE3 
607 C CZ2 . TRP A 78 ? 1.2047 1.1192 1.0728 -0.0624 0.0673  0.0722  119 TRP A CZ2 
608 C CZ3 . TRP A 78 ? 1.2199 1.0629 1.0352 -0.0046 0.1028  0.0781  119 TRP A CZ3 
609 C CH2 . TRP A 78 ? 1.2356 1.1390 1.0964 -0.0442 0.0886  0.0862  119 TRP A CH2 
610 N N   . ASP A 79 ? 1.0666 0.9637 0.8948 0.1305  0.0540  0.0460  120 ASP A N   
611 C CA  . ASP A 79 ? 1.1609 1.0931 0.9907 0.1708  0.0564  0.0628  120 ASP A CA  
612 C C   . ASP A 79 ? 1.2204 1.2257 1.0795 0.1802  0.0208  0.0604  120 ASP A C   
613 O O   . ASP A 79 ? 1.3085 1.3817 1.1911 0.2060  0.0104  0.0778  120 ASP A O   
614 C CB  . ASP A 79 ? 1.1550 1.1011 1.0064 0.1745  0.0687  0.0739  120 ASP A CB  
615 C CG  . ASP A 79 ? 1.2147 1.0579 0.9944 0.1747  0.1068  0.0766  120 ASP A CG  
616 O OD1 . ASP A 79 ? 1.2873 1.0523 0.9975 0.1825  0.1302  0.0783  120 ASP A OD1 
617 O OD2 . ASP A 79 ? 1.2080 1.0364 0.9893 0.1644  0.1147  0.0766  120 ASP A OD2 
618 N N   . SER A 80 ? 1.2606 1.2514 1.1106 0.1607  0.0030  0.0421  121 SER A N   
619 C CA  . SER A 80 ? 1.3249 1.3444 1.1608 0.1699  -0.0285 0.0348  121 SER A CA  
620 C C   . SER A 80 ? 1.3647 1.3311 1.1360 0.2000  -0.0123 0.0380  121 SER A C   
621 O O   . SER A 80 ? 1.3106 1.2812 1.0453 0.2155  -0.0351 0.0316  121 SER A O   
622 C CB  . SER A 80 ? 1.3215 1.3331 1.1682 0.1315  -0.0522 0.0119  121 SER A CB  
623 O OG  . SER A 80 ? 1.2701 1.2235 1.0941 0.1269  -0.0279 0.0086  121 SER A OG  
# 
loop_
_pdbx_poly_seq_scheme.asym_id 
_pdbx_poly_seq_scheme.entity_id 
_pdbx_poly_seq_scheme.seq_id 
_pdbx_poly_seq_scheme.mon_id 
_pdbx_poly_seq_scheme.ndb_seq_num 
_pdbx_poly_seq_scheme.pdb_seq_num 
_pdbx_poly_seq_scheme.auth_seq_num 
_pdbx_poly_seq_scheme.pdb_mon_id 
_pdbx_poly_seq_scheme.auth_mon_id 
_pdbx_poly_seq_scheme.pdb_strand_id 
_pdbx_poly_seq_scheme.pdb_ins_code 
_pdbx_poly_seq_scheme.hetero 
A 1 1  MET 1  42  ?   ?   ?   A . n 
A 1 2  HIS 2  43  ?   ?   ?   A . n 
A 1 3  HIS 3  44  ?   ?   ?   A . n 
A 1 4  HIS 4  45  ?   ?   ?   A . n 
A 1 5  HIS 5  46  ?   ?   ?   A . n 
A 1 6  HIS 6  47  47  HIS HIS A . n 
A 1 7  HIS 7  48  48  HIS HIS A . n 
A 1 8  GLN 8  49  49  GLN GLN A . n 
A 1 9  LYS 9  50  50  LYS LYS A . n 
A 1 10 LEU 10 51  51  LEU LEU A . n 
A 1 11 SER 11 52  52  SER SER A . n 
A 1 12 ALA 12 53  53  ALA ALA A . n 
A 1 13 ARG 13 54  54  ARG ARG A . n 
A 1 14 LEU 14 55  55  LEU LEU A . n 
A 1 15 ARG 15 56  56  ARG ARG A . n 
A 1 16 ALA 16 57  57  ALA ALA A . n 
A 1 17 LEU 17 58  58  LEU LEU A . n 
A 1 18 ARG 18 59  59  ARG ARG A . n 
A 1 19 GLN 19 60  60  GLN GLN A . n 
A 1 20 ARG 20 61  61  ARG ARG A . n 
A 1 21 GLN 21 62  62  GLN GLN A . n 
A 1 22 LEU 22 63  63  LEU LEU A . n 
A 1 23 ASP 23 64  64  ASP ASP A . n 
A 1 24 ARG 24 65  65  ARG ARG A . n 
A 1 25 ALA 25 66  66  ALA ALA A . n 
A 1 26 ALA 26 67  67  ALA ALA A . n 
A 1 27 ALA 27 68  68  ALA ALA A . n 
A 1 28 ALA 28 69  69  ALA ALA A . n 
A 1 29 VAL 29 70  70  VAL VAL A . n 
A 1 30 GLU 30 71  71  GLU GLU A . n 
A 1 31 PRO 31 72  72  PRO PRO A . n 
A 1 32 ASP 32 73  73  ASP ASP A . n 
A 1 33 VAL 33 74  74  VAL VAL A . n 
A 1 34 VAL 34 75  75  VAL VAL A . n 
A 1 35 VAL 35 76  76  VAL VAL A . n 
A 1 36 LYS 36 77  77  LYS LYS A . n 
A 1 37 ARG 37 78  78  ARG ARG A . n 
A 1 38 GLN 38 79  79  GLN GLN A . n 
A 1 39 GLU 39 80  80  GLU GLU A . n 
A 1 40 ALA 40 81  81  ALA ALA A . n 
A 1 41 LEU 41 82  82  LEU LEU A . n 
A 1 42 ALA 42 83  83  ALA ALA A . n 
A 1 43 ALA 43 84  84  ALA ALA A . n 
A 1 44 ALA 44 85  85  ALA ALA A . n 
A 1 45 ARG 45 86  86  ARG ARG A . n 
A 1 46 LEU 46 87  87  LEU LEU A . n 
A 1 47 LYS 47 88  88  LYS LYS A . n 
A 1 48 MET 48 89  89  MET MET A . n 
A 1 49 GLN 49 90  90  GLN GLN A . n 
A 1 50 GLU 50 91  91  GLU GLU A . n 
A 1 51 GLU 51 92  92  GLU GLU A . n 
A 1 52 LEU 52 93  93  LEU LEU A . n 
A 1 53 ASN 53 94  94  ASN ASN A . n 
A 1 54 ALA 54 95  95  ALA ALA A . n 
A 1 55 GLN 55 96  96  GLN GLN A . n 
A 1 56 VAL 56 97  97  VAL VAL A . n 
A 1 57 GLU 57 98  98  GLU GLU A . n 
A 1 58 LYS 58 99  99  LYS LYS A . n 
A 1 59 HIS 59 100 100 HIS HIS A . n 
A 1 60 LYS 60 101 101 LYS LYS A . n 
A 1 61 GLU 61 102 102 GLU GLU A . n 
A 1 62 LYS 62 103 103 LYS LYS A . n 
A 1 63 LEU 63 104 104 LEU LEU A . n 
A 1 64 LYS 64 105 105 LYS LYS A . n 
A 1 65 GLN 65 106 106 GLN GLN A . n 
A 1 66 LEU 66 107 107 LEU LEU A . n 
A 1 67 GLU 67 108 108 GLU GLU A . n 
A 1 68 GLU 68 109 109 GLU GLU A . n 
A 1 69 GLU 69 110 110 GLU GLU A . n 
A 1 70 LYS 70 111 111 LYS LYS A . n 
A 1 71 ARG 71 112 112 ARG ARG A . n 
A 1 72 ARG 72 113 113 ARG ARG A . n 
A 1 73 GLN 73 114 114 GLN GLN A . n 
A 1 74 LYS 74 115 115 LYS LYS A . n 
A 1 75 ILE 75 116 116 ILE ILE A . n 
A 1 76 GLU 76 117 117 GLU GLU A . n 
A 1 77 MET 77 118 118 MET MET A . n 
A 1 78 TRP 78 119 119 TRP TRP A . n 
A 1 79 ASP 79 120 120 ASP ASP A . n 
A 1 80 SER 80 121 121 SER SER A . n 
A 1 81 MET 81 122 122 MET MET A . n 
# 
loop_
_pdbx_nonpoly_scheme.asym_id 
_pdbx_nonpoly_scheme.entity_id 
_pdbx_nonpoly_scheme.mon_id 
_pdbx_nonpoly_scheme.ndb_seq_num 
_pdbx_nonpoly_scheme.pdb_seq_num 
_pdbx_nonpoly_scheme.auth_seq_num 
_pdbx_nonpoly_scheme.pdb_mon_id 
_pdbx_nonpoly_scheme.auth_mon_id 
_pdbx_nonpoly_scheme.pdb_strand_id 
_pdbx_nonpoly_scheme.pdb_ins_code 
B 2 HOH 1  201 12 HOH HOH A . 
B 2 HOH 2  202 9  HOH HOH A . 
B 2 HOH 3  203 22 HOH HOH A . 
B 2 HOH 4  204 1  HOH HOH A . 
B 2 HOH 5  205 14 HOH HOH A . 
B 2 HOH 6  206 25 HOH HOH A . 
B 2 HOH 7  207 7  HOH HOH A . 
B 2 HOH 8  208 5  HOH HOH A . 
B 2 HOH 9  209 6  HOH HOH A . 
B 2 HOH 10 210 3  HOH HOH A . 
B 2 HOH 11 211 8  HOH HOH A . 
B 2 HOH 12 212 11 HOH HOH A . 
B 2 HOH 13 213 15 HOH HOH A . 
B 2 HOH 14 214 4  HOH HOH A . 
B 2 HOH 15 215 19 HOH HOH A . 
B 2 HOH 16 216 21 HOH HOH A . 
B 2 HOH 17 217 13 HOH HOH A . 
# 
_pdbx_struct_assembly.id                   1 
_pdbx_struct_assembly.details              author_and_software_defined_assembly 
_pdbx_struct_assembly.method_details       PISA 
_pdbx_struct_assembly.oligomeric_details   monomeric 
_pdbx_struct_assembly.oligomeric_count     1 
# 
_pdbx_struct_assembly_gen.assembly_id       1 
_pdbx_struct_assembly_gen.oper_expression   1 
_pdbx_struct_assembly_gen.asym_id_list      A,B 
# 
_pdbx_struct_oper_list.id                   1 
_pdbx_struct_oper_list.type                 'identity operation' 
_pdbx_struct_oper_list.name                 1_555 
_pdbx_struct_oper_list.symmetry_operation   x,y,z 
_pdbx_struct_oper_list.matrix[1][1]         1.0000000000 
_pdbx_struct_oper_list.matrix[1][2]         0.0000000000 
_pdbx_struct_oper_list.matrix[1][3]         0.0000000000 
_pdbx_struct_oper_list.vector[1]            0.0000000000 
_pdbx_struct_oper_list.matrix[2][1]         0.0000000000 
_pdbx_struct_oper_list.matrix[2][2]         1.0000000000 
_pdbx_struct_oper_list.matrix[2][3]         0.0000000000 
_pdbx_struct_oper_list.vector[2]            0.0000000000 
_pdbx_struct_oper_list.matrix[3][1]         0.0000000000 
_pdbx_struct_oper_list.matrix[3][2]         0.0000000000 
_pdbx_struct_oper_list.matrix[3][3]         1.0000000000 
_pdbx_struct_oper_list.vector[3]            0.0000000000 
# 
loop_
_pdbx_audit_revision_history.ordinal 
_pdbx_audit_revision_history.data_content_type 
_pdbx_audit_revision_history.major_revision 
_pdbx_audit_revision_history.minor_revision 
_pdbx_audit_revision_history.revision_date 
1 'Structure model' 1 0 2017-12-27 
2 'Structure model' 1 1 2018-01-10 
3 'Structure model' 1 2 2023-09-27 
# 
_pdbx_audit_revision_details.ordinal             1 
_pdbx_audit_revision_details.revision_ordinal    1 
_pdbx_audit_revision_details.data_content_type   'Structure model' 
_pdbx_audit_revision_details.provider            repository 
_pdbx_audit_revision_details.type                'Initial release' 
_pdbx_audit_revision_details.description         ? 
_pdbx_audit_revision_details.details             ? 
# 
loop_
_pdbx_audit_revision_group.ordinal 
_pdbx_audit_revision_group.revision_ordinal 
_pdbx_audit_revision_group.data_content_type 
_pdbx_audit_revision_group.group 
1 2 'Structure model' 'Database references'    
2 3 'Structure model' 'Data collection'        
3 3 'Structure model' 'Database references'    
4 3 'Structure model' 'Refinement description' 
# 
loop_
_pdbx_audit_revision_category.ordinal 
_pdbx_audit_revision_category.revision_ordinal 
_pdbx_audit_revision_category.data_content_type 
_pdbx_audit_revision_category.category 
1 2 'Structure model' citation                      
2 3 'Structure model' chem_comp_atom                
3 3 'Structure model' chem_comp_bond                
4 3 'Structure model' database_2                    
5 3 'Structure model' pdbx_initial_refinement_model 
# 
loop_
_pdbx_audit_revision_item.ordinal 
_pdbx_audit_revision_item.revision_ordinal 
_pdbx_audit_revision_item.data_content_type 
_pdbx_audit_revision_item.item 
1  2 'Structure model' '_citation.country'                   
2  2 'Structure model' '_citation.journal_abbrev'            
3  2 'Structure model' '_citation.journal_id_CSD'            
4  2 'Structure model' '_citation.journal_id_ISSN'           
5  2 'Structure model' '_citation.journal_volume'            
6  2 'Structure model' '_citation.page_first'                
7  2 'Structure model' '_citation.page_last'                 
8  2 'Structure model' '_citation.pdbx_database_id_DOI'      
9  2 'Structure model' '_citation.pdbx_database_id_PubMed'   
10 2 'Structure model' '_citation.title'                     
11 2 'Structure model' '_citation.year'                      
12 3 'Structure model' '_database_2.pdbx_DOI'                
13 3 'Structure model' '_database_2.pdbx_database_accession' 
# 
loop_
_pdbx_refine_tls.pdbx_refine_id 
_pdbx_refine_tls.id 
_pdbx_refine_tls.details 
_pdbx_refine_tls.method 
_pdbx_refine_tls.origin_x 
_pdbx_refine_tls.origin_y 
_pdbx_refine_tls.origin_z 
_pdbx_refine_tls.T[1][1] 
_pdbx_refine_tls.T[2][2] 
_pdbx_refine_tls.T[3][3] 
_pdbx_refine_tls.T[1][2] 
_pdbx_refine_tls.T[1][3] 
_pdbx_refine_tls.T[2][3] 
_pdbx_refine_tls.L[1][1] 
_pdbx_refine_tls.L[2][2] 
_pdbx_refine_tls.L[3][3] 
_pdbx_refine_tls.L[1][2] 
_pdbx_refine_tls.L[1][3] 
_pdbx_refine_tls.L[2][3] 
_pdbx_refine_tls.S[1][1] 
_pdbx_refine_tls.S[1][2] 
_pdbx_refine_tls.S[1][3] 
_pdbx_refine_tls.S[2][1] 
_pdbx_refine_tls.S[2][2] 
_pdbx_refine_tls.S[2][3] 
_pdbx_refine_tls.S[3][1] 
_pdbx_refine_tls.S[3][2] 
_pdbx_refine_tls.S[3][3] 
'X-RAY DIFFRACTION' 1 ? refined -1.6968 32.4816  -24.1628 0.0800 0.0390 0.0844 -0.0039 0.0141  -0.0397 2.1470 8.8025 2.5022  2.4231  -0.1362 -2.7105 -0.1621 0.1085  0.0889 -0.2736 0.1621  0.0175  -0.1836 -0.1209 0.0000  
'X-RAY DIFFRACTION' 2 ? refined -3.5482 9.8455   -19.3572 0.0595 0.0833 0.1150 0.0487  0.0070  0.0034  2.4283 7.1795 3.2751  -0.2015 1.6410  -4.0676 0.2250  0.0511  0.0219 -0.2055 -0.1259 0.2084  0.2427  0.0752  -0.0990 
'X-RAY DIFFRACTION' 3 ? refined -0.6392 -1.1814  -7.3080  0.1124 0.0748 0.0800 0.0704  -0.0236 -0.0509 8.7382 3.7890 15.5577 0.3342  5.3447  -6.6029 -0.3851 -0.1764 0.3462 0.2292  0.0428  -0.0569 -0.6448 -0.1500 0.3423  
'X-RAY DIFFRACTION' 4 ? refined 1.1900  -9.1074  5.8690   0.1166 0.1066 0.0199 0.0268  -0.0414 0.0069  0.3549 7.9828 11.9546 -0.3152 -0.5297 -6.3448 -0.1777 -0.0241 0.0659 0.0034  0.0950  -0.1160 0.0517  -0.2949 0.0828  
'X-RAY DIFFRACTION' 5 ? refined 2.3890  -16.8483 19.1006  0.0478 0.0508 0.0109 0.0431  0.0207  0.0228  2.8245 4.4150 16.0100 -1.8230 2.5987  -8.3180 -0.0757 0.0299  0.0065 -0.0884 -0.1319 -0.1008 0.2193  0.2671  0.2076  
'X-RAY DIFFRACTION' 6 ? refined 2.5602  -25.6187 33.8387  0.0824 0.0344 0.0312 0.0135  0.0277  0.0224  3.3930 8.1620 14.5727 -2.4432 -3.9372 -5.1676 -0.1277 -0.0153 0.1348 -0.1841 0.1024  -0.2460 0.4832  -0.0996 0.0253  
# 
loop_
_pdbx_refine_tls_group.pdbx_refine_id 
_pdbx_refine_tls_group.id 
_pdbx_refine_tls_group.refine_tls_id 
_pdbx_refine_tls_group.beg_auth_asym_id 
_pdbx_refine_tls_group.beg_auth_seq_id 
_pdbx_refine_tls_group.beg_label_asym_id 
_pdbx_refine_tls_group.beg_label_seq_id 
_pdbx_refine_tls_group.end_auth_asym_id 
_pdbx_refine_tls_group.end_auth_seq_id 
_pdbx_refine_tls_group.end_label_asym_id 
_pdbx_refine_tls_group.end_label_seq_id 
_pdbx_refine_tls_group.selection 
_pdbx_refine_tls_group.selection_details 
'X-RAY DIFFRACTION' 1 1 A 47  ? ? A 62  ? ? ? ? 
'X-RAY DIFFRACTION' 2 2 A 63  ? ? A 77  ? ? ? ? 
'X-RAY DIFFRACTION' 3 3 A 78  ? ? A 88  ? ? ? ? 
'X-RAY DIFFRACTION' 4 4 A 89  ? ? A 98  ? ? ? ? 
'X-RAY DIFFRACTION' 5 5 A 99  ? ? A 109 ? ? ? ? 
'X-RAY DIFFRACTION' 6 6 A 110 ? ? A 121 ? ? ? ? 
# 
loop_
_software.citation_id 
_software.classification 
_software.compiler_name 
_software.compiler_version 
_software.contact_author 
_software.contact_author_email 
_software.date 
_software.description 
_software.dependencies 
_software.hardware 
_software.language 
_software.location 
_software.mods 
_software.name 
_software.os 
_software.os_version 
_software.type 
_software.version 
_software.pdbx_ordinal 
? refinement       ? ? ? ? ? ? ? ? ? ? ? REFMAC   ? ? ? 5.8.0135 1 
? 'data reduction' ? ? ? ? ? ? ? ? ? ? ? HKL-2000 ? ? ? .        2 
? 'data scaling'   ? ? ? ? ? ? ? ? ? ? ? HKL-2000 ? ? ? .        3 
? phasing          ? ? ? ? ? ? ? ? ? ? ? MOLREP   ? ? ? .        4 
# 
_pdbx_validate_rmsd_bond.id                        1 
_pdbx_validate_rmsd_bond.PDB_model_num             1 
_pdbx_validate_rmsd_bond.auth_atom_id_1            CB 
_pdbx_validate_rmsd_bond.auth_asym_id_1            A 
_pdbx_validate_rmsd_bond.auth_comp_id_1            TRP 
_pdbx_validate_rmsd_bond.auth_seq_id_1             119 
_pdbx_validate_rmsd_bond.PDB_ins_code_1            ? 
_pdbx_validate_rmsd_bond.label_alt_id_1            ? 
_pdbx_validate_rmsd_bond.auth_atom_id_2            CG 
_pdbx_validate_rmsd_bond.auth_asym_id_2            A 
_pdbx_validate_rmsd_bond.auth_comp_id_2            TRP 
_pdbx_validate_rmsd_bond.auth_seq_id_2             119 
_pdbx_validate_rmsd_bond.PDB_ins_code_2            ? 
_pdbx_validate_rmsd_bond.label_alt_id_2            ? 
_pdbx_validate_rmsd_bond.bond_value                1.387 
_pdbx_validate_rmsd_bond.bond_target_value         1.498 
_pdbx_validate_rmsd_bond.bond_deviation            -0.111 
_pdbx_validate_rmsd_bond.bond_standard_deviation   0.018 
_pdbx_validate_rmsd_bond.linker_flag               N 
# 
_pdbx_validate_rmsd_angle.id                         1 
_pdbx_validate_rmsd_angle.PDB_model_num              1 
_pdbx_validate_rmsd_angle.auth_atom_id_1             NE 
_pdbx_validate_rmsd_angle.auth_asym_id_1             A 
_pdbx_validate_rmsd_angle.auth_comp_id_1             ARG 
_pdbx_validate_rmsd_angle.auth_seq_id_1              86 
_pdbx_validate_rmsd_angle.PDB_ins_code_1             ? 
_pdbx_validate_rmsd_angle.label_alt_id_1             ? 
_pdbx_validate_rmsd_angle.auth_atom_id_2             CZ 
_pdbx_validate_rmsd_angle.auth_asym_id_2             A 
_pdbx_validate_rmsd_angle.auth_comp_id_2             ARG 
_pdbx_validate_rmsd_angle.auth_seq_id_2              86 
_pdbx_validate_rmsd_angle.PDB_ins_code_2             ? 
_pdbx_validate_rmsd_angle.label_alt_id_2             ? 
_pdbx_validate_rmsd_angle.auth_atom_id_3             NH1 
_pdbx_validate_rmsd_angle.auth_asym_id_3             A 
_pdbx_validate_rmsd_angle.auth_comp_id_3             ARG 
_pdbx_validate_rmsd_angle.auth_seq_id_3              86 
_pdbx_validate_rmsd_angle.PDB_ins_code_3             ? 
_pdbx_validate_rmsd_angle.label_alt_id_3             ? 
_pdbx_validate_rmsd_angle.angle_value                123.35 
_pdbx_validate_rmsd_angle.angle_target_value         120.30 
_pdbx_validate_rmsd_angle.angle_deviation            3.05 
_pdbx_validate_rmsd_angle.angle_standard_deviation   0.50 
_pdbx_validate_rmsd_angle.linker_flag                N 
# 
loop_
_pdbx_unobs_or_zero_occ_residues.id 
_pdbx_unobs_or_zero_occ_residues.PDB_model_num 
_pdbx_unobs_or_zero_occ_residues.polymer_flag 
_pdbx_unobs_or_zero_occ_residues.occupancy_flag 
_pdbx_unobs_or_zero_occ_residues.auth_asym_id 
_pdbx_unobs_or_zero_occ_residues.auth_comp_id 
_pdbx_unobs_or_zero_occ_residues.auth_seq_id 
_pdbx_unobs_or_zero_occ_residues.PDB_ins_code 
_pdbx_unobs_or_zero_occ_residues.label_asym_id 
_pdbx_unobs_or_zero_occ_residues.label_comp_id 
_pdbx_unobs_or_zero_occ_residues.label_seq_id 
1 1 Y 1 A MET 42 ? A MET 1 
2 1 Y 1 A HIS 43 ? A HIS 2 
3 1 Y 1 A HIS 44 ? A HIS 3 
4 1 Y 1 A HIS 45 ? A HIS 4 
5 1 Y 1 A HIS 46 ? A HIS 5 
# 
loop_
_chem_comp_atom.comp_id 
_chem_comp_atom.atom_id 
_chem_comp_atom.type_symbol 
_chem_comp_atom.pdbx_aromatic_flag 
_chem_comp_atom.pdbx_stereo_config 
_chem_comp_atom.pdbx_ordinal 
ALA N    N N N 1   
ALA CA   C N S 2   
ALA C    C N N 3   
ALA O    O N N 4   
ALA CB   C N N 5   
ALA OXT  O N N 6   
ALA H    H N N 7   
ALA H2   H N N 8   
ALA HA   H N N 9   
ALA HB1  H N N 10  
ALA HB2  H N N 11  
ALA HB3  H N N 12  
ALA HXT  H N N 13  
ARG N    N N N 14  
ARG CA   C N S 15  
ARG C    C N N 16  
ARG O    O N N 17  
ARG CB   C N N 18  
ARG CG   C N N 19  
ARG CD   C N N 20  
ARG NE   N N N 21  
ARG CZ   C N N 22  
ARG NH1  N N N 23  
ARG NH2  N N N 24  
ARG OXT  O N N 25  
ARG H    H N N 26  
ARG H2   H N N 27  
ARG HA   H N N 28  
ARG HB2  H N N 29  
ARG HB3  H N N 30  
ARG HG2  H N N 31  
ARG HG3  H N N 32  
ARG HD2  H N N 33  
ARG HD3  H N N 34  
ARG HE   H N N 35  
ARG HH11 H N N 36  
ARG HH12 H N N 37  
ARG HH21 H N N 38  
ARG HH22 H N N 39  
ARG HXT  H N N 40  
ASN N    N N N 41  
ASN CA   C N S 42  
ASN C    C N N 43  
ASN O    O N N 44  
ASN CB   C N N 45  
ASN CG   C N N 46  
ASN OD1  O N N 47  
ASN ND2  N N N 48  
ASN OXT  O N N 49  
ASN H    H N N 50  
ASN H2   H N N 51  
ASN HA   H N N 52  
ASN HB2  H N N 53  
ASN HB3  H N N 54  
ASN HD21 H N N 55  
ASN HD22 H N N 56  
ASN HXT  H N N 57  
ASP N    N N N 58  
ASP CA   C N S 59  
ASP C    C N N 60  
ASP O    O N N 61  
ASP CB   C N N 62  
ASP CG   C N N 63  
ASP OD1  O N N 64  
ASP OD2  O N N 65  
ASP OXT  O N N 66  
ASP H    H N N 67  
ASP H2   H N N 68  
ASP HA   H N N 69  
ASP HB2  H N N 70  
ASP HB3  H N N 71  
ASP HD2  H N N 72  
ASP HXT  H N N 73  
GLN N    N N N 74  
GLN CA   C N S 75  
GLN C    C N N 76  
GLN O    O N N 77  
GLN CB   C N N 78  
GLN CG   C N N 79  
GLN CD   C N N 80  
GLN OE1  O N N 81  
GLN NE2  N N N 82  
GLN OXT  O N N 83  
GLN H    H N N 84  
GLN H2   H N N 85  
GLN HA   H N N 86  
GLN HB2  H N N 87  
GLN HB3  H N N 88  
GLN HG2  H N N 89  
GLN HG3  H N N 90  
GLN HE21 H N N 91  
GLN HE22 H N N 92  
GLN HXT  H N N 93  
GLU N    N N N 94  
GLU CA   C N S 95  
GLU C    C N N 96  
GLU O    O N N 97  
GLU CB   C N N 98  
GLU CG   C N N 99  
GLU CD   C N N 100 
GLU OE1  O N N 101 
GLU OE2  O N N 102 
GLU OXT  O N N 103 
GLU H    H N N 104 
GLU H2   H N N 105 
GLU HA   H N N 106 
GLU HB2  H N N 107 
GLU HB3  H N N 108 
GLU HG2  H N N 109 
GLU HG3  H N N 110 
GLU HE2  H N N 111 
GLU HXT  H N N 112 
HIS N    N N N 113 
HIS CA   C N S 114 
HIS C    C N N 115 
HIS O    O N N 116 
HIS CB   C N N 117 
HIS CG   C Y N 118 
HIS ND1  N Y N 119 
HIS CD2  C Y N 120 
HIS CE1  C Y N 121 
HIS NE2  N Y N 122 
HIS OXT  O N N 123 
HIS H    H N N 124 
HIS H2   H N N 125 
HIS HA   H N N 126 
HIS HB2  H N N 127 
HIS HB3  H N N 128 
HIS HD1  H N N 129 
HIS HD2  H N N 130 
HIS HE1  H N N 131 
HIS HE2  H N N 132 
HIS HXT  H N N 133 
HOH O    O N N 134 
HOH H1   H N N 135 
HOH H2   H N N 136 
ILE N    N N N 137 
ILE CA   C N S 138 
ILE C    C N N 139 
ILE O    O N N 140 
ILE CB   C N S 141 
ILE CG1  C N N 142 
ILE CG2  C N N 143 
ILE CD1  C N N 144 
ILE OXT  O N N 145 
ILE H    H N N 146 
ILE H2   H N N 147 
ILE HA   H N N 148 
ILE HB   H N N 149 
ILE HG12 H N N 150 
ILE HG13 H N N 151 
ILE HG21 H N N 152 
ILE HG22 H N N 153 
ILE HG23 H N N 154 
ILE HD11 H N N 155 
ILE HD12 H N N 156 
ILE HD13 H N N 157 
ILE HXT  H N N 158 
LEU N    N N N 159 
LEU CA   C N S 160 
LEU C    C N N 161 
LEU O    O N N 162 
LEU CB   C N N 163 
LEU CG   C N N 164 
LEU CD1  C N N 165 
LEU CD2  C N N 166 
LEU OXT  O N N 167 
LEU H    H N N 168 
LEU H2   H N N 169 
LEU HA   H N N 170 
LEU HB2  H N N 171 
LEU HB3  H N N 172 
LEU HG   H N N 173 
LEU HD11 H N N 174 
LEU HD12 H N N 175 
LEU HD13 H N N 176 
LEU HD21 H N N 177 
LEU HD22 H N N 178 
LEU HD23 H N N 179 
LEU HXT  H N N 180 
LYS N    N N N 181 
LYS CA   C N S 182 
LYS C    C N N 183 
LYS O    O N N 184 
LYS CB   C N N 185 
LYS CG   C N N 186 
LYS CD   C N N 187 
LYS CE   C N N 188 
LYS NZ   N N N 189 
LYS OXT  O N N 190 
LYS H    H N N 191 
LYS H2   H N N 192 
LYS HA   H N N 193 
LYS HB2  H N N 194 
LYS HB3  H N N 195 
LYS HG2  H N N 196 
LYS HG3  H N N 197 
LYS HD2  H N N 198 
LYS HD3  H N N 199 
LYS HE2  H N N 200 
LYS HE3  H N N 201 
LYS HZ1  H N N 202 
LYS HZ2  H N N 203 
LYS HZ3  H N N 204 
LYS HXT  H N N 205 
MET N    N N N 206 
MET CA   C N S 207 
MET C    C N N 208 
MET O    O N N 209 
MET CB   C N N 210 
MET CG   C N N 211 
MET SD   S N N 212 
MET CE   C N N 213 
MET OXT  O N N 214 
MET H    H N N 215 
MET H2   H N N 216 
MET HA   H N N 217 
MET HB2  H N N 218 
MET HB3  H N N 219 
MET HG2  H N N 220 
MET HG3  H N N 221 
MET HE1  H N N 222 
MET HE2  H N N 223 
MET HE3  H N N 224 
MET HXT  H N N 225 
PRO N    N N N 226 
PRO CA   C N S 227 
PRO C    C N N 228 
PRO O    O N N 229 
PRO CB   C N N 230 
PRO CG   C N N 231 
PRO CD   C N N 232 
PRO OXT  O N N 233 
PRO H    H N N 234 
PRO HA   H N N 235 
PRO HB2  H N N 236 
PRO HB3  H N N 237 
PRO HG2  H N N 238 
PRO HG3  H N N 239 
PRO HD2  H N N 240 
PRO HD3  H N N 241 
PRO HXT  H N N 242 
SER N    N N N 243 
SER CA   C N S 244 
SER C    C N N 245 
SER O    O N N 246 
SER CB   C N N 247 
SER OG   O N N 248 
SER OXT  O N N 249 
SER H    H N N 250 
SER H2   H N N 251 
SER HA   H N N 252 
SER HB2  H N N 253 
SER HB3  H N N 254 
SER HG   H N N 255 
SER HXT  H N N 256 
TRP N    N N N 257 
TRP CA   C N S 258 
TRP C    C N N 259 
TRP O    O N N 260 
TRP CB   C N N 261 
TRP CG   C Y N 262 
TRP CD1  C Y N 263 
TRP CD2  C Y N 264 
TRP NE1  N Y N 265 
TRP CE2  C Y N 266 
TRP CE3  C Y N 267 
TRP CZ2  C Y N 268 
TRP CZ3  C Y N 269 
TRP CH2  C Y N 270 
TRP OXT  O N N 271 
TRP H    H N N 272 
TRP H2   H N N 273 
TRP HA   H N N 274 
TRP HB2  H N N 275 
TRP HB3  H N N 276 
TRP HD1  H N N 277 
TRP HE1  H N N 278 
TRP HE3  H N N 279 
TRP HZ2  H N N 280 
TRP HZ3  H N N 281 
TRP HH2  H N N 282 
TRP HXT  H N N 283 
VAL N    N N N 284 
VAL CA   C N S 285 
VAL C    C N N 286 
VAL O    O N N 287 
VAL CB   C N N 288 
VAL CG1  C N N 289 
VAL CG2  C N N 290 
VAL OXT  O N N 291 
VAL H    H N N 292 
VAL H2   H N N 293 
VAL HA   H N N 294 
VAL HB   H N N 295 
VAL HG11 H N N 296 
VAL HG12 H N N 297 
VAL HG13 H N N 298 
VAL HG21 H N N 299 
VAL HG22 H N N 300 
VAL HG23 H N N 301 
VAL HXT  H N N 302 
# 
loop_
_chem_comp_bond.comp_id 
_chem_comp_bond.atom_id_1 
_chem_comp_bond.atom_id_2 
_chem_comp_bond.value_order 
_chem_comp_bond.pdbx_aromatic_flag 
_chem_comp_bond.pdbx_stereo_config 
_chem_comp_bond.pdbx_ordinal 
ALA N   CA   sing N N 1   
ALA N   H    sing N N 2   
ALA N   H2   sing N N 3   
ALA CA  C    sing N N 4   
ALA CA  CB   sing N N 5   
ALA CA  HA   sing N N 6   
ALA C   O    doub N N 7   
ALA C   OXT  sing N N 8   
ALA CB  HB1  sing N N 9   
ALA CB  HB2  sing N N 10  
ALA CB  HB3  sing N N 11  
ALA OXT HXT  sing N N 12  
ARG N   CA   sing N N 13  
ARG N   H    sing N N 14  
ARG N   H2   sing N N 15  
ARG CA  C    sing N N 16  
ARG CA  CB   sing N N 17  
ARG CA  HA   sing N N 18  
ARG C   O    doub N N 19  
ARG C   OXT  sing N N 20  
ARG CB  CG   sing N N 21  
ARG CB  HB2  sing N N 22  
ARG CB  HB3  sing N N 23  
ARG CG  CD   sing N N 24  
ARG CG  HG2  sing N N 25  
ARG CG  HG3  sing N N 26  
ARG CD  NE   sing N N 27  
ARG CD  HD2  sing N N 28  
ARG CD  HD3  sing N N 29  
ARG NE  CZ   sing N N 30  
ARG NE  HE   sing N N 31  
ARG CZ  NH1  sing N N 32  
ARG CZ  NH2  doub N N 33  
ARG NH1 HH11 sing N N 34  
ARG NH1 HH12 sing N N 35  
ARG NH2 HH21 sing N N 36  
ARG NH2 HH22 sing N N 37  
ARG OXT HXT  sing N N 38  
ASN N   CA   sing N N 39  
ASN N   H    sing N N 40  
ASN N   H2   sing N N 41  
ASN CA  C    sing N N 42  
ASN CA  CB   sing N N 43  
ASN CA  HA   sing N N 44  
ASN C   O    doub N N 45  
ASN C   OXT  sing N N 46  
ASN CB  CG   sing N N 47  
ASN CB  HB2  sing N N 48  
ASN CB  HB3  sing N N 49  
ASN CG  OD1  doub N N 50  
ASN CG  ND2  sing N N 51  
ASN ND2 HD21 sing N N 52  
ASN ND2 HD22 sing N N 53  
ASN OXT HXT  sing N N 54  
ASP N   CA   sing N N 55  
ASP N   H    sing N N 56  
ASP N   H2   sing N N 57  
ASP CA  C    sing N N 58  
ASP CA  CB   sing N N 59  
ASP CA  HA   sing N N 60  
ASP C   O    doub N N 61  
ASP C   OXT  sing N N 62  
ASP CB  CG   sing N N 63  
ASP CB  HB2  sing N N 64  
ASP CB  HB3  sing N N 65  
ASP CG  OD1  doub N N 66  
ASP CG  OD2  sing N N 67  
ASP OD2 HD2  sing N N 68  
ASP OXT HXT  sing N N 69  
GLN N   CA   sing N N 70  
GLN N   H    sing N N 71  
GLN N   H2   sing N N 72  
GLN CA  C    sing N N 73  
GLN CA  CB   sing N N 74  
GLN CA  HA   sing N N 75  
GLN C   O    doub N N 76  
GLN C   OXT  sing N N 77  
GLN CB  CG   sing N N 78  
GLN CB  HB2  sing N N 79  
GLN CB  HB3  sing N N 80  
GLN CG  CD   sing N N 81  
GLN CG  HG2  sing N N 82  
GLN CG  HG3  sing N N 83  
GLN CD  OE1  doub N N 84  
GLN CD  NE2  sing N N 85  
GLN NE2 HE21 sing N N 86  
GLN NE2 HE22 sing N N 87  
GLN OXT HXT  sing N N 88  
GLU N   CA   sing N N 89  
GLU N   H    sing N N 90  
GLU N   H2   sing N N 91  
GLU CA  C    sing N N 92  
GLU CA  CB   sing N N 93  
GLU CA  HA   sing N N 94  
GLU C   O    doub N N 95  
GLU C   OXT  sing N N 96  
GLU CB  CG   sing N N 97  
GLU CB  HB2  sing N N 98  
GLU CB  HB3  sing N N 99  
GLU CG  CD   sing N N 100 
GLU CG  HG2  sing N N 101 
GLU CG  HG3  sing N N 102 
GLU CD  OE1  doub N N 103 
GLU CD  OE2  sing N N 104 
GLU OE2 HE2  sing N N 105 
GLU OXT HXT  sing N N 106 
HIS N   CA   sing N N 107 
HIS N   H    sing N N 108 
HIS N   H2   sing N N 109 
HIS CA  C    sing N N 110 
HIS CA  CB   sing N N 111 
HIS CA  HA   sing N N 112 
HIS C   O    doub N N 113 
HIS C   OXT  sing N N 114 
HIS CB  CG   sing N N 115 
HIS CB  HB2  sing N N 116 
HIS CB  HB3  sing N N 117 
HIS CG  ND1  sing Y N 118 
HIS CG  CD2  doub Y N 119 
HIS ND1 CE1  doub Y N 120 
HIS ND1 HD1  sing N N 121 
HIS CD2 NE2  sing Y N 122 
HIS CD2 HD2  sing N N 123 
HIS CE1 NE2  sing Y N 124 
HIS CE1 HE1  sing N N 125 
HIS NE2 HE2  sing N N 126 
HIS OXT HXT  sing N N 127 
HOH O   H1   sing N N 128 
HOH O   H2   sing N N 129 
ILE N   CA   sing N N 130 
ILE N   H    sing N N 131 
ILE N   H2   sing N N 132 
ILE CA  C    sing N N 133 
ILE CA  CB   sing N N 134 
ILE CA  HA   sing N N 135 
ILE C   O    doub N N 136 
ILE C   OXT  sing N N 137 
ILE CB  CG1  sing N N 138 
ILE CB  CG2  sing N N 139 
ILE CB  HB   sing N N 140 
ILE CG1 CD1  sing N N 141 
ILE CG1 HG12 sing N N 142 
ILE CG1 HG13 sing N N 143 
ILE CG2 HG21 sing N N 144 
ILE CG2 HG22 sing N N 145 
ILE CG2 HG23 sing N N 146 
ILE CD1 HD11 sing N N 147 
ILE CD1 HD12 sing N N 148 
ILE CD1 HD13 sing N N 149 
ILE OXT HXT  sing N N 150 
LEU N   CA   sing N N 151 
LEU N   H    sing N N 152 
LEU N   H2   sing N N 153 
LEU CA  C    sing N N 154 
LEU CA  CB   sing N N 155 
LEU CA  HA   sing N N 156 
LEU C   O    doub N N 157 
LEU C   OXT  sing N N 158 
LEU CB  CG   sing N N 159 
LEU CB  HB2  sing N N 160 
LEU CB  HB3  sing N N 161 
LEU CG  CD1  sing N N 162 
LEU CG  CD2  sing N N 163 
LEU CG  HG   sing N N 164 
LEU CD1 HD11 sing N N 165 
LEU CD1 HD12 sing N N 166 
LEU CD1 HD13 sing N N 167 
LEU CD2 HD21 sing N N 168 
LEU CD2 HD22 sing N N 169 
LEU CD2 HD23 sing N N 170 
LEU OXT HXT  sing N N 171 
LYS N   CA   sing N N 172 
LYS N   H    sing N N 173 
LYS N   H2   sing N N 174 
LYS CA  C    sing N N 175 
LYS CA  CB   sing N N 176 
LYS CA  HA   sing N N 177 
LYS C   O    doub N N 178 
LYS C   OXT  sing N N 179 
LYS CB  CG   sing N N 180 
LYS CB  HB2  sing N N 181 
LYS CB  HB3  sing N N 182 
LYS CG  CD   sing N N 183 
LYS CG  HG2  sing N N 184 
LYS CG  HG3  sing N N 185 
LYS CD  CE   sing N N 186 
LYS CD  HD2  sing N N 187 
LYS CD  HD3  sing N N 188 
LYS CE  NZ   sing N N 189 
LYS CE  HE2  sing N N 190 
LYS CE  HE3  sing N N 191 
LYS NZ  HZ1  sing N N 192 
LYS NZ  HZ2  sing N N 193 
LYS NZ  HZ3  sing N N 194 
LYS OXT HXT  sing N N 195 
MET N   CA   sing N N 196 
MET N   H    sing N N 197 
MET N   H2   sing N N 198 
MET CA  C    sing N N 199 
MET CA  CB   sing N N 200 
MET CA  HA   sing N N 201 
MET C   O    doub N N 202 
MET C   OXT  sing N N 203 
MET CB  CG   sing N N 204 
MET CB  HB2  sing N N 205 
MET CB  HB3  sing N N 206 
MET CG  SD   sing N N 207 
MET CG  HG2  sing N N 208 
MET CG  HG3  sing N N 209 
MET SD  CE   sing N N 210 
MET CE  HE1  sing N N 211 
MET CE  HE2  sing N N 212 
MET CE  HE3  sing N N 213 
MET OXT HXT  sing N N 214 
PRO N   CA   sing N N 215 
PRO N   CD   sing N N 216 
PRO N   H    sing N N 217 
PRO CA  C    sing N N 218 
PRO CA  CB   sing N N 219 
PRO CA  HA   sing N N 220 
PRO C   O    doub N N 221 
PRO C   OXT  sing N N 222 
PRO CB  CG   sing N N 223 
PRO CB  HB2  sing N N 224 
PRO CB  HB3  sing N N 225 
PRO CG  CD   sing N N 226 
PRO CG  HG2  sing N N 227 
PRO CG  HG3  sing N N 228 
PRO CD  HD2  sing N N 229 
PRO CD  HD3  sing N N 230 
PRO OXT HXT  sing N N 231 
SER N   CA   sing N N 232 
SER N   H    sing N N 233 
SER N   H2   sing N N 234 
SER CA  C    sing N N 235 
SER CA  CB   sing N N 236 
SER CA  HA   sing N N 237 
SER C   O    doub N N 238 
SER C   OXT  sing N N 239 
SER CB  OG   sing N N 240 
SER CB  HB2  sing N N 241 
SER CB  HB3  sing N N 242 
SER OG  HG   sing N N 243 
SER OXT HXT  sing N N 244 
TRP N   CA   sing N N 245 
TRP N   H    sing N N 246 
TRP N   H2   sing N N 247 
TRP CA  C    sing N N 248 
TRP CA  CB   sing N N 249 
TRP CA  HA   sing N N 250 
TRP C   O    doub N N 251 
TRP C   OXT  sing N N 252 
TRP CB  CG   sing N N 253 
TRP CB  HB2  sing N N 254 
TRP CB  HB3  sing N N 255 
TRP CG  CD1  doub Y N 256 
TRP CG  CD2  sing Y N 257 
TRP CD1 NE1  sing Y N 258 
TRP CD1 HD1  sing N N 259 
TRP CD2 CE2  doub Y N 260 
TRP CD2 CE3  sing Y N 261 
TRP NE1 CE2  sing Y N 262 
TRP NE1 HE1  sing N N 263 
TRP CE2 CZ2  sing Y N 264 
TRP CE3 CZ3  doub Y N 265 
TRP CE3 HE3  sing N N 266 
TRP CZ2 CH2  doub Y N 267 
TRP CZ2 HZ2  sing N N 268 
TRP CZ3 CH2  sing Y N 269 
TRP CZ3 HZ3  sing N N 270 
TRP CH2 HH2  sing N N 271 
TRP OXT HXT  sing N N 272 
VAL N   CA   sing N N 273 
VAL N   H    sing N N 274 
VAL N   H2   sing N N 275 
VAL CA  C    sing N N 276 
VAL CA  CB   sing N N 277 
VAL CA  HA   sing N N 278 
VAL C   O    doub N N 279 
VAL C   OXT  sing N N 280 
VAL CB  CG1  sing N N 281 
VAL CB  CG2  sing N N 282 
VAL CB  HB   sing N N 283 
VAL CG1 HG11 sing N N 284 
VAL CG1 HG12 sing N N 285 
VAL CG1 HG13 sing N N 286 
VAL CG2 HG21 sing N N 287 
VAL CG2 HG22 sing N N 288 
VAL CG2 HG23 sing N N 289 
VAL OXT HXT  sing N N 290 
# 
_pdbx_entity_nonpoly.entity_id   2 
_pdbx_entity_nonpoly.name        water 
_pdbx_entity_nonpoly.comp_id     HOH 
# 
_pdbx_initial_refinement_model.id               1 
_pdbx_initial_refinement_model.entity_id_list   ? 
_pdbx_initial_refinement_model.type             'experimental model' 
_pdbx_initial_refinement_model.source_name      PDB 
_pdbx_initial_refinement_model.accession_code   2Q2F 
_pdbx_initial_refinement_model.details          ? 
# 
